data_8TVD
#
_entry.id   8TVD
#
_cell.length_a   107.812
_cell.length_b   107.812
_cell.length_c   316.850
_cell.angle_alpha   90.00
_cell.angle_beta   90.00
_cell.angle_gamma   90.00
#
_symmetry.space_group_name_H-M   'P 41 2 2'
#
loop_
_entity.id
_entity.type
_entity.pdbx_description
1 polymer 'Light chain of Fab 221-11'
2 polymer 'Heavy chain of Fab 221-11'
3 polymer 'Outer surface protein A'
4 non-polymer 'SULFATE ION'
5 non-polymer 'CHLORIDE ION'
6 water water
#
loop_
_entity_poly.entity_id
_entity_poly.type
_entity_poly.pdbx_seq_one_letter_code
_entity_poly.pdbx_strand_id
1 'polypeptide(L)'
;AIQLTQSPSSLSASVGDRVTITCRASQGFSSALAWYQQKPGKAPKLLIYDASSLESGVPSRFSGSGSGTDFTLTISSLQP
EDFATYYCQQFNSYPLTFGGGTKVEIKRTVAAPSVFIFPPSDEQLKSGTASVVCLLNNFYPREAKVQWKVDNALQSGNSQ
ESVTEQDSKDSTYSLSSTLTLSKADYEKHKVYACEVTHQGLSSPVTKSFNRG
;
L,A
2 'polypeptide(L)'
;EVQLVQSGAEVKKPGESLKISCQSSGYRFTIYWIGWVRQMPGKGLEWMGIIWPGDSDTRYSPSFQGQVTISADKSISTAY
LQWSSLKASDTAMYYCVRGIGRYSNWFLDYWGQGTLVTVSSASTKGPSVFPLAPSSKSTSGGTAALGCLVKDYFPEPVTV
SWNSGALTSGVHTFPAVLQSSGLYSLSSVVTVPSSSLGTQTYICNVNHKPSNTKVDKRVE
;
H,B
3 'polypeptide(L)'
;LDEKNSVSVDLPGEMKVLVSKEKNKDGKYDLIATVDKLELKGTSDKNNGSGVLEGVKADKSKVKLTISDDLGQTTLEVFK
EDGKTLVSKKVTSKDKSSTEEKFNEKGEVSEKIITRADGTRLEYTGIKSDGSGKAKEVLKGYVLEGTLTAEKTTLVVKEG
TVTLSKNISKSGEVSVELNDTDSSAATKKTAAWNSGTSTLTITVNSKKTKDLVFTKENTITVQQYDSNGTKLEGSAVEIT
KLDEIKNAL
;
E,C
#
loop_
_chem_comp.id
_chem_comp.type
_chem_comp.name
_chem_comp.formula
CL non-polymer 'CHLORIDE ION' 'Cl -1'
SO4 non-polymer 'SULFATE ION' 'O4 S -2'
#
# COMPACT_ATOMS: atom_id res chain seq x y z
N ILE A 2 0.80 -11.04 -3.90
CA ILE A 2 0.54 -12.02 -4.95
C ILE A 2 -0.92 -12.42 -4.97
N GLN A 3 -1.63 -12.00 -6.02
CA GLN A 3 -3.01 -12.45 -6.21
C GLN A 3 -3.04 -13.94 -6.50
N LEU A 4 -4.05 -14.62 -5.97
CA LEU A 4 -4.21 -16.06 -6.17
C LEU A 4 -5.61 -16.32 -6.74
N THR A 5 -5.68 -16.50 -8.05
CA THR A 5 -6.92 -16.87 -8.71
C THR A 5 -7.08 -18.39 -8.62
N GLN A 6 -8.19 -18.83 -8.03
CA GLN A 6 -8.47 -20.25 -7.82
C GLN A 6 -9.73 -20.60 -8.58
N SER A 7 -9.61 -21.50 -9.55
CA SER A 7 -10.71 -21.87 -10.43
C SER A 7 -10.72 -23.38 -10.60
N PRO A 8 -11.91 -23.98 -10.82
CA PRO A 8 -13.23 -23.34 -10.89
C PRO A 8 -13.79 -22.95 -9.53
N SER A 9 -15.03 -22.44 -9.51
CA SER A 9 -15.69 -22.05 -8.26
C SER A 9 -16.66 -23.12 -7.79
N SER A 10 -17.65 -23.46 -8.61
CA SER A 10 -18.53 -24.59 -8.36
C SER A 10 -18.07 -25.78 -9.18
N LEU A 11 -18.35 -26.98 -8.68
N LEU A 11 -18.40 -26.98 -8.69
CA LEU A 11 -17.91 -28.20 -9.35
CA LEU A 11 -17.86 -28.21 -9.26
C LEU A 11 -18.72 -29.37 -8.86
C LEU A 11 -18.75 -29.38 -8.83
N SER A 12 -19.28 -30.13 -9.79
CA SER A 12 -20.07 -31.32 -9.50
C SER A 12 -19.46 -32.52 -10.21
N ALA A 13 -19.43 -33.65 -9.52
CA ALA A 13 -18.87 -34.88 -10.08
C ALA A 13 -19.41 -36.05 -9.28
N SER A 14 -19.35 -37.24 -9.89
CA SER A 14 -19.85 -38.46 -9.28
C SER A 14 -18.73 -39.20 -8.56
N VAL A 15 -19.13 -40.15 -7.71
CA VAL A 15 -18.16 -40.92 -6.94
C VAL A 15 -17.35 -41.81 -7.88
N GLY A 16 -16.03 -41.74 -7.76
CA GLY A 16 -15.12 -42.47 -8.62
C GLY A 16 -14.45 -41.63 -9.69
N ASP A 17 -14.94 -40.42 -9.93
CA ASP A 17 -14.38 -39.56 -10.96
C ASP A 17 -13.00 -39.05 -10.54
N ARG A 18 -12.38 -38.26 -11.42
CA ARG A 18 -11.07 -37.69 -11.18
C ARG A 18 -11.15 -36.19 -11.48
N VAL A 19 -11.22 -35.38 -10.43
CA VAL A 19 -11.40 -33.94 -10.55
C VAL A 19 -10.06 -33.25 -10.36
N THR A 20 -9.94 -32.05 -10.94
CA THR A 20 -8.69 -31.28 -10.90
C THR A 20 -9.03 -29.82 -10.66
N ILE A 21 -8.57 -29.27 -9.54
CA ILE A 21 -8.70 -27.86 -9.22
C ILE A 21 -7.44 -27.14 -9.69
N THR A 22 -7.58 -25.87 -10.06
CA THR A 22 -6.47 -25.09 -10.57
C THR A 22 -6.27 -23.84 -9.70
N CYS A 23 -5.01 -23.56 -9.37
CA CYS A 23 -4.64 -22.36 -8.64
C CYS A 23 -3.66 -21.57 -9.49
N ARG A 24 -4.03 -20.36 -9.85
CA ARG A 24 -3.25 -19.51 -10.74
C ARG A 24 -2.71 -18.34 -9.94
N ALA A 25 -1.38 -18.24 -9.86
CA ALA A 25 -0.72 -17.21 -9.06
C ALA A 25 -0.33 -16.03 -9.94
N SER A 26 -0.42 -14.83 -9.38
CA SER A 26 -0.05 -13.63 -10.12
C SER A 26 1.44 -13.60 -10.45
N GLN A 27 2.26 -14.25 -9.63
CA GLN A 27 3.70 -14.35 -9.88
C GLN A 27 4.10 -15.81 -9.88
N GLY A 28 5.28 -16.09 -10.43
CA GLY A 28 5.76 -17.44 -10.61
C GLY A 28 6.75 -17.87 -9.55
N PHE A 29 6.75 -19.17 -9.25
CA PHE A 29 7.68 -19.78 -8.30
C PHE A 29 7.64 -21.28 -8.52
N SER A 30 8.31 -22.03 -7.64
CA SER A 30 8.39 -23.48 -7.75
C SER A 30 8.23 -24.10 -6.37
N SER A 31 7.18 -24.92 -6.22
CA SER A 31 6.97 -25.74 -5.02
C SER A 31 6.89 -24.88 -3.75
N ALA A 32 6.01 -23.88 -3.78
CA ALA A 32 5.79 -23.03 -2.61
C ALA A 32 4.30 -22.76 -2.43
N LEU A 33 3.48 -23.80 -2.55
CA LEU A 33 2.04 -23.67 -2.41
C LEU A 33 1.49 -24.85 -1.60
N ALA A 34 0.39 -24.60 -0.90
CA ALA A 34 -0.24 -25.61 -0.05
C ALA A 34 -1.74 -25.67 -0.33
N TRP A 35 -2.33 -26.81 0.00
CA TRP A 35 -3.75 -27.07 -0.24
C TRP A 35 -4.45 -27.40 1.08
N TYR A 36 -5.66 -26.90 1.24
CA TYR A 36 -6.47 -27.12 2.44
C TYR A 36 -7.86 -27.60 2.05
N GLN A 37 -8.51 -28.31 2.98
CA GLN A 37 -9.83 -28.88 2.75
C GLN A 37 -10.74 -28.45 3.90
N GLN A 38 -11.59 -27.45 3.64
CA GLN A 38 -12.51 -26.94 4.66
C GLN A 38 -13.85 -27.63 4.50
N LYS A 39 -14.08 -28.69 5.27
CA LYS A 39 -15.39 -29.32 5.30
C LYS A 39 -16.36 -28.44 6.08
N PRO A 40 -17.65 -28.51 5.77
CA PRO A 40 -18.61 -27.55 6.36
C PRO A 40 -18.71 -27.71 7.87
N GLY A 41 -18.70 -26.57 8.56
CA GLY A 41 -18.76 -26.51 10.00
C GLY A 41 -17.42 -26.64 10.70
N LYS A 42 -16.47 -27.36 10.10
CA LYS A 42 -15.17 -27.60 10.71
C LYS A 42 -14.19 -26.52 10.26
N ALA A 43 -12.91 -26.73 10.58
CA ALA A 43 -11.81 -25.84 10.23
C ALA A 43 -11.03 -26.42 9.06
N PRO A 44 -10.23 -25.60 8.37
CA PRO A 44 -9.42 -26.12 7.27
C PRO A 44 -8.47 -27.22 7.74
N LYS A 45 -8.33 -28.25 6.91
CA LYS A 45 -7.38 -29.34 7.16
C LYS A 45 -6.33 -29.32 6.08
N LEU A 46 -5.06 -29.45 6.47
CA LEU A 46 -3.97 -29.43 5.50
C LEU A 46 -3.96 -30.71 4.69
N LEU A 47 -3.99 -30.58 3.37
CA LEU A 47 -3.90 -31.72 2.46
C LEU A 47 -2.50 -31.87 1.88
N ILE A 48 -2.01 -30.84 1.20
CA ILE A 48 -0.76 -30.90 0.45
C ILE A 48 0.13 -29.75 0.89
N TYR A 49 1.38 -30.06 1.20
CA TYR A 49 2.38 -29.04 1.51
C TYR A 49 3.54 -29.16 0.53
N ASP A 50 4.19 -28.04 0.27
CA ASP A 50 5.22 -27.92 -0.77
C ASP A 50 4.70 -28.31 -2.15
N ALA A 51 3.38 -28.33 -2.31
CA ALA A 51 2.68 -28.49 -3.58
C ALA A 51 2.79 -29.90 -4.15
N SER A 52 3.61 -30.76 -3.53
CA SER A 52 3.73 -32.14 -4.00
C SER A 52 3.84 -33.18 -2.90
N SER A 53 3.79 -32.79 -1.63
CA SER A 53 4.05 -33.72 -0.52
C SER A 53 2.77 -33.95 0.26
N LEU A 54 2.31 -35.21 0.28
CA LEU A 54 1.13 -35.58 1.05
C LEU A 54 1.48 -35.70 2.52
N GLU A 55 0.65 -35.12 3.37
CA GLU A 55 0.84 -35.20 4.82
C GLU A 55 0.21 -36.49 5.33
N SER A 56 0.98 -37.24 6.14
CA SER A 56 0.47 -38.48 6.71
C SER A 56 -0.73 -38.18 7.59
N GLY A 57 -1.84 -38.86 7.31
CA GLY A 57 -3.12 -38.58 7.94
C GLY A 57 -4.22 -38.25 6.96
N VAL A 58 -3.90 -38.00 5.69
CA VAL A 58 -4.90 -37.81 4.65
C VAL A 58 -4.82 -39.00 3.70
N PRO A 59 -5.91 -39.38 3.04
CA PRO A 59 -5.88 -40.59 2.21
C PRO A 59 -4.92 -40.46 1.03
N SER A 60 -4.57 -41.62 0.47
CA SER A 60 -3.60 -41.67 -0.62
C SER A 60 -4.15 -41.12 -1.93
N ARG A 61 -5.48 -41.00 -2.05
CA ARG A 61 -6.07 -40.57 -3.31
C ARG A 61 -5.82 -39.11 -3.62
N PHE A 62 -5.50 -38.30 -2.61
CA PHE A 62 -5.23 -36.89 -2.83
C PHE A 62 -3.81 -36.70 -3.37
N SER A 63 -3.68 -35.88 -4.40
CA SER A 63 -2.37 -35.56 -4.97
C SER A 63 -2.41 -34.15 -5.53
N GLY A 64 -1.23 -33.53 -5.63
CA GLY A 64 -1.12 -32.19 -6.15
C GLY A 64 0.21 -31.96 -6.85
N SER A 65 0.19 -31.19 -7.93
CA SER A 65 1.40 -30.86 -8.66
C SER A 65 1.21 -29.53 -9.38
N GLY A 66 2.31 -28.93 -9.77
CA GLY A 66 2.30 -27.66 -10.45
C GLY A 66 3.61 -26.93 -10.28
N SER A 67 3.89 -26.06 -11.25
CA SER A 67 5.11 -25.26 -11.24
C SER A 67 4.92 -24.06 -12.15
N GLY A 68 5.67 -23.01 -11.88
CA GLY A 68 5.53 -21.77 -12.63
C GLY A 68 4.42 -20.90 -12.11
N THR A 69 3.39 -20.69 -12.95
CA THR A 69 2.26 -19.83 -12.60
C THR A 69 0.94 -20.59 -12.44
N ASP A 70 0.89 -21.88 -12.77
CA ASP A 70 -0.34 -22.66 -12.65
C ASP A 70 -0.08 -23.90 -11.81
N PHE A 71 -1.01 -24.18 -10.89
CA PHE A 71 -0.89 -25.32 -9.98
C PHE A 71 -2.18 -26.14 -10.02
N THR A 72 -2.10 -27.37 -9.52
CA THR A 72 -3.20 -28.32 -9.67
C THR A 72 -3.25 -29.28 -8.50
N LEU A 73 -4.43 -29.45 -7.93
CA LEU A 73 -4.71 -30.49 -6.95
C LEU A 73 -5.60 -31.54 -7.61
N THR A 74 -5.38 -32.81 -7.29
CA THR A 74 -6.04 -33.90 -7.98
C THR A 74 -6.53 -34.95 -6.98
N ILE A 75 -7.68 -35.53 -7.28
CA ILE A 75 -8.27 -36.62 -6.50
C ILE A 75 -8.42 -37.81 -7.43
N SER A 76 -7.79 -38.95 -7.08
CA SER A 76 -7.76 -40.09 -7.99
C SER A 76 -9.11 -40.80 -8.06
N SER A 77 -9.85 -40.84 -6.96
CA SER A 77 -11.16 -41.51 -6.94
C SER A 77 -12.05 -40.74 -5.96
N LEU A 78 -12.92 -39.89 -6.51
CA LEU A 78 -13.76 -39.03 -5.67
C LEU A 78 -14.65 -39.86 -4.77
N GLN A 79 -14.80 -39.41 -3.53
CA GLN A 79 -15.60 -40.08 -2.51
C GLN A 79 -16.59 -39.09 -1.91
N PRO A 80 -17.74 -39.56 -1.42
CA PRO A 80 -18.76 -38.64 -0.91
C PRO A 80 -18.30 -37.84 0.30
N GLU A 81 -17.27 -38.30 1.03
CA GLU A 81 -16.73 -37.54 2.14
C GLU A 81 -15.79 -36.43 1.70
N ASP A 82 -15.36 -36.43 0.44
CA ASP A 82 -14.49 -35.38 -0.08
C ASP A 82 -15.24 -34.08 -0.36
N PHE A 83 -16.55 -34.03 -0.08
CA PHE A 83 -17.31 -32.80 -0.22
C PHE A 83 -16.79 -31.74 0.75
N ALA A 84 -16.25 -30.66 0.21
CA ALA A 84 -15.72 -29.56 1.01
C ALA A 84 -15.40 -28.40 0.06
N THR A 85 -14.78 -27.36 0.60
CA THR A 85 -14.15 -26.32 -0.18
C THR A 85 -12.65 -26.45 -0.05
N TYR A 86 -11.92 -26.25 -1.15
CA TYR A 86 -10.49 -26.47 -1.20
C TYR A 86 -9.79 -25.18 -1.56
N TYR A 87 -8.83 -24.78 -0.72
CA TYR A 87 -8.10 -23.53 -0.88
C TYR A 87 -6.65 -23.81 -1.23
N CYS A 88 -6.02 -22.87 -1.95
CA CYS A 88 -4.59 -22.90 -2.22
C CYS A 88 -3.94 -21.69 -1.58
N GLN A 89 -2.84 -21.93 -0.87
CA GLN A 89 -2.13 -20.88 -0.14
C GLN A 89 -0.70 -20.76 -0.65
N GLN A 90 -0.24 -19.52 -0.79
CA GLN A 90 1.12 -19.23 -1.22
C GLN A 90 1.97 -18.85 -0.01
N PHE A 91 3.17 -19.42 0.07
CA PHE A 91 4.17 -18.99 1.04
C PHE A 91 5.48 -18.60 0.36
N ASN A 92 5.37 -18.06 -0.86
CA ASN A 92 6.56 -17.62 -1.59
C ASN A 92 7.00 -16.22 -1.16
N SER A 93 6.09 -15.26 -1.19
CA SER A 93 6.40 -13.87 -0.89
C SER A 93 5.55 -13.39 0.28
N TYR A 94 6.17 -12.63 1.17
CA TYR A 94 5.45 -12.00 2.27
C TYR A 94 4.48 -10.96 1.71
N PRO A 95 3.19 -10.98 2.13
CA PRO A 95 2.58 -11.86 3.11
C PRO A 95 1.89 -13.09 2.50
N LEU A 96 1.39 -13.97 3.36
CA LEU A 96 0.69 -15.16 2.89
C LEU A 96 -0.64 -14.77 2.23
N THR A 97 -1.07 -15.59 1.27
CA THR A 97 -2.32 -15.36 0.57
C THR A 97 -3.04 -16.68 0.37
N PHE A 98 -4.34 -16.58 0.09
CA PHE A 98 -5.18 -17.75 -0.16
C PHE A 98 -5.97 -17.53 -1.44
N GLY A 99 -6.41 -18.64 -2.04
CA GLY A 99 -7.28 -18.57 -3.18
C GLY A 99 -8.73 -18.31 -2.78
N GLY A 100 -9.54 -17.93 -3.78
CA GLY A 100 -10.93 -17.61 -3.51
C GLY A 100 -11.75 -18.78 -3.02
N GLY A 101 -11.26 -20.01 -3.18
CA GLY A 101 -11.98 -21.19 -2.78
C GLY A 101 -12.59 -21.93 -3.95
N THR A 102 -12.83 -23.23 -3.75
CA THR A 102 -13.39 -24.08 -4.79
C THR A 102 -14.31 -25.09 -4.12
N LYS A 103 -15.62 -24.91 -4.28
CA LYS A 103 -16.57 -25.87 -3.76
C LYS A 103 -16.60 -27.11 -4.65
N VAL A 104 -16.70 -28.28 -4.02
CA VAL A 104 -16.69 -29.56 -4.73
C VAL A 104 -17.96 -30.31 -4.35
N GLU A 105 -18.87 -30.46 -5.30
CA GLU A 105 -20.17 -31.09 -5.09
C GLU A 105 -20.16 -32.52 -5.62
N ILE A 106 -20.89 -33.39 -4.93
CA ILE A 106 -20.94 -34.82 -5.26
C ILE A 106 -22.25 -35.09 -5.99
N LYS A 107 -22.16 -35.62 -7.21
CA LYS A 107 -23.35 -36.00 -7.95
C LYS A 107 -23.84 -37.37 -7.49
N ARG A 108 -25.15 -37.51 -7.40
CA ARG A 108 -25.77 -38.68 -6.77
C ARG A 108 -27.00 -39.08 -7.56
N THR A 109 -27.42 -40.34 -7.37
CA THR A 109 -28.70 -40.77 -7.90
C THR A 109 -29.83 -40.02 -7.19
N VAL A 110 -30.99 -39.98 -7.84
CA VAL A 110 -32.12 -39.23 -7.31
C VAL A 110 -32.65 -39.91 -6.06
N ALA A 111 -32.72 -39.15 -4.97
CA ALA A 111 -33.25 -39.64 -3.70
C ALA A 111 -34.57 -38.93 -3.41
N ALA A 112 -35.61 -39.69 -3.14
CA ALA A 112 -36.90 -39.10 -2.80
C ALA A 112 -36.88 -38.66 -1.33
N PRO A 113 -37.35 -37.46 -1.02
CA PRO A 113 -37.32 -36.99 0.37
C PRO A 113 -38.41 -37.62 1.22
N SER A 114 -38.15 -37.65 2.52
CA SER A 114 -39.16 -37.99 3.51
C SER A 114 -39.70 -36.69 4.10
N VAL A 115 -41.02 -36.55 4.13
CA VAL A 115 -41.68 -35.32 4.54
C VAL A 115 -42.31 -35.54 5.91
N PHE A 116 -41.89 -34.72 6.87
CA PHE A 116 -42.46 -34.73 8.22
C PHE A 116 -43.02 -33.34 8.53
N ILE A 117 -44.10 -33.32 9.30
CA ILE A 117 -44.79 -32.08 9.67
C ILE A 117 -44.86 -32.01 11.19
N PHE A 118 -44.56 -30.84 11.74
CA PHE A 118 -44.52 -30.65 13.18
C PHE A 118 -45.48 -29.54 13.58
N PRO A 119 -46.43 -29.79 14.49
CA PRO A 119 -47.31 -28.72 14.96
C PRO A 119 -46.60 -27.82 15.96
N PRO A 120 -47.07 -26.60 16.15
CA PRO A 120 -46.44 -25.72 17.14
C PRO A 120 -46.62 -26.24 18.56
N SER A 121 -45.62 -26.00 19.38
CA SER A 121 -45.66 -26.42 20.78
C SER A 121 -46.62 -25.54 21.58
N ASP A 122 -47.27 -26.16 22.57
CA ASP A 122 -48.17 -25.40 23.43
C ASP A 122 -47.44 -24.39 24.28
N GLU A 123 -46.16 -24.65 24.59
CA GLU A 123 -45.36 -23.68 25.32
C GLU A 123 -45.14 -22.41 24.52
N GLN A 124 -45.04 -22.52 23.19
CA GLN A 124 -44.88 -21.33 22.36
C GLN A 124 -46.19 -20.57 22.25
N LEU A 125 -47.32 -21.29 22.23
CA LEU A 125 -48.61 -20.61 22.19
C LEU A 125 -48.83 -19.72 23.41
N LYS A 126 -48.20 -20.06 24.53
CA LYS A 126 -48.19 -19.16 25.68
C LYS A 126 -47.28 -17.95 25.49
N SER A 127 -46.66 -17.81 24.30
CA SER A 127 -45.92 -16.62 23.94
C SER A 127 -46.60 -15.81 22.86
N GLY A 128 -47.74 -16.27 22.34
CA GLY A 128 -48.52 -15.49 21.40
C GLY A 128 -48.10 -15.59 19.95
N THR A 129 -47.57 -16.73 19.52
CA THR A 129 -47.16 -16.90 18.13
C THR A 129 -47.00 -18.39 17.86
N ALA A 130 -47.14 -18.76 16.59
CA ALA A 130 -47.06 -20.15 16.17
C ALA A 130 -45.93 -20.32 15.15
N SER A 131 -45.35 -21.52 15.12
CA SER A 131 -44.27 -21.85 14.19
C SER A 131 -44.48 -23.28 13.73
N VAL A 132 -44.90 -23.45 12.48
CA VAL A 132 -45.10 -24.76 11.88
C VAL A 132 -43.89 -25.09 11.00
N VAL A 133 -43.35 -26.29 11.15
CA VAL A 133 -42.15 -26.71 10.44
C VAL A 133 -42.48 -27.92 9.58
N CYS A 134 -42.04 -27.89 8.33
CA CYS A 134 -42.12 -29.03 7.43
C CYS A 134 -40.71 -29.49 7.12
N LEU A 135 -40.46 -30.79 7.29
CA LEU A 135 -39.11 -31.36 7.17
C LEU A 135 -39.02 -32.20 5.91
N LEU A 136 -38.06 -31.85 5.06
CA LEU A 136 -37.65 -32.69 3.93
C LEU A 136 -36.29 -33.29 4.26
N ASN A 137 -36.18 -34.61 4.16
CA ASN A 137 -35.00 -35.30 4.68
C ASN A 137 -34.43 -36.24 3.61
N ASN A 138 -33.13 -36.10 3.36
CA ASN A 138 -32.33 -37.05 2.58
C ASN A 138 -32.88 -37.21 1.15
N PHE A 139 -32.77 -36.11 0.40
CA PHE A 139 -33.17 -36.12 -1.01
C PHE A 139 -32.03 -35.59 -1.87
N TYR A 140 -32.20 -35.75 -3.19
CA TYR A 140 -31.26 -35.23 -4.17
C TYR A 140 -32.02 -35.08 -5.48
N PRO A 141 -31.83 -33.97 -6.22
CA PRO A 141 -30.91 -32.89 -5.92
C PRO A 141 -31.47 -31.82 -4.99
N ARG A 142 -30.77 -30.69 -4.90
CA ARG A 142 -31.11 -29.65 -3.94
C ARG A 142 -32.45 -28.98 -4.25
N GLU A 143 -32.85 -28.98 -5.53
CA GLU A 143 -34.07 -28.28 -5.93
C GLU A 143 -35.30 -29.00 -5.42
N ALA A 144 -36.15 -28.27 -4.70
CA ALA A 144 -37.40 -28.81 -4.19
C ALA A 144 -38.33 -27.65 -3.83
N LYS A 145 -39.62 -27.84 -4.10
CA LYS A 145 -40.64 -26.82 -3.85
C LYS A 145 -41.53 -27.26 -2.69
N VAL A 146 -41.84 -26.33 -1.79
CA VAL A 146 -42.70 -26.58 -0.65
C VAL A 146 -43.79 -25.52 -0.62
N GLN A 147 -45.05 -25.96 -0.62
CA GLN A 147 -46.19 -25.07 -0.54
C GLN A 147 -46.91 -25.26 0.79
N TRP A 148 -47.30 -24.15 1.41
CA TRP A 148 -47.94 -24.14 2.72
C TRP A 148 -49.42 -23.84 2.54
N LYS A 149 -50.25 -24.86 2.64
CA LYS A 149 -51.71 -24.72 2.58
C LYS A 149 -52.28 -24.85 3.99
N VAL A 150 -52.97 -23.81 4.44
CA VAL A 150 -53.64 -23.80 5.73
C VAL A 150 -55.13 -23.77 5.45
N ASP A 151 -55.82 -24.88 5.79
CA ASP A 151 -57.25 -25.02 5.55
C ASP A 151 -57.56 -24.87 4.05
N ASN A 152 -56.76 -25.56 3.23
CA ASN A 152 -56.82 -25.52 1.77
C ASN A 152 -56.52 -24.14 1.19
N ALA A 153 -56.08 -23.19 2.02
CA ALA A 153 -55.75 -21.85 1.57
C ALA A 153 -54.25 -21.70 1.44
N LEU A 154 -53.80 -21.26 0.27
CA LEU A 154 -52.37 -21.09 0.02
C LEU A 154 -51.82 -19.88 0.80
N GLN A 155 -50.55 -19.97 1.15
CA GLN A 155 -49.88 -18.93 1.91
C GLN A 155 -48.57 -18.55 1.23
N SER A 156 -48.31 -17.24 1.14
CA SER A 156 -47.08 -16.73 0.57
C SER A 156 -46.49 -15.67 1.49
N GLY A 157 -45.16 -15.56 1.46
CA GLY A 157 -44.46 -14.51 2.18
C GLY A 157 -44.23 -14.77 3.66
N ASN A 158 -44.97 -15.70 4.27
CA ASN A 158 -44.85 -15.98 5.69
C ASN A 158 -44.07 -17.27 5.98
N SER A 159 -43.08 -17.58 5.16
CA SER A 159 -42.30 -18.81 5.34
C SER A 159 -40.82 -18.51 5.14
N GLN A 160 -39.99 -19.41 5.67
CA GLN A 160 -38.54 -19.35 5.52
C GLN A 160 -38.01 -20.77 5.38
N GLU A 161 -37.12 -20.97 4.42
CA GLU A 161 -36.56 -22.29 4.14
C GLU A 161 -35.06 -22.28 4.37
N SER A 162 -34.56 -23.36 4.97
CA SER A 162 -33.14 -23.55 5.21
C SER A 162 -32.76 -24.97 4.84
N VAL A 163 -31.64 -25.11 4.13
CA VAL A 163 -31.18 -26.41 3.67
C VAL A 163 -29.79 -26.67 4.22
N THR A 164 -29.46 -27.95 4.37
CA THR A 164 -28.15 -28.37 4.85
C THR A 164 -27.15 -28.39 3.69
N GLU A 165 -25.91 -28.72 4.00
CA GLU A 165 -24.92 -29.03 2.99
C GLU A 165 -25.04 -30.51 2.62
N GLN A 166 -24.17 -30.95 1.70
CA GLN A 166 -24.09 -32.37 1.38
C GLN A 166 -23.74 -33.17 2.61
N ASP A 167 -24.47 -34.27 2.81
CA ASP A 167 -24.07 -35.22 3.83
C ASP A 167 -22.79 -35.92 3.41
N SER A 168 -21.87 -36.06 4.36
CA SER A 168 -20.55 -36.64 4.06
C SER A 168 -20.61 -38.13 3.76
N LYS A 169 -21.76 -38.77 3.88
CA LYS A 169 -21.89 -40.20 3.65
C LYS A 169 -22.74 -40.52 2.43
N ASP A 170 -23.99 -40.06 2.38
CA ASP A 170 -24.90 -40.39 1.30
C ASP A 170 -25.14 -39.24 0.34
N SER A 171 -24.54 -38.08 0.58
CA SER A 171 -24.57 -36.93 -0.34
C SER A 171 -25.99 -36.42 -0.60
N THR A 172 -26.84 -36.50 0.42
CA THR A 172 -28.20 -35.98 0.31
C THR A 172 -28.31 -34.61 0.98
N TYR A 173 -29.39 -33.91 0.66
CA TYR A 173 -29.73 -32.64 1.30
C TYR A 173 -30.90 -32.83 2.24
N SER A 174 -31.23 -31.76 2.97
CA SER A 174 -32.39 -31.75 3.84
C SER A 174 -32.84 -30.29 4.00
N LEU A 175 -34.16 -30.09 4.03
CA LEU A 175 -34.73 -28.75 3.99
C LEU A 175 -35.77 -28.59 5.10
N SER A 176 -35.84 -27.38 5.64
CA SER A 176 -36.80 -27.05 6.69
C SER A 176 -37.50 -25.74 6.32
N SER A 177 -38.79 -25.84 6.00
CA SER A 177 -39.60 -24.67 5.72
C SER A 177 -40.41 -24.35 6.96
N THR A 178 -40.07 -23.25 7.63
CA THR A 178 -40.75 -22.84 8.85
C THR A 178 -41.85 -21.84 8.53
N LEU A 179 -43.09 -22.18 8.87
CA LEU A 179 -44.21 -21.26 8.74
C LEU A 179 -44.40 -20.54 10.06
N THR A 180 -44.39 -19.21 10.03
CA THR A 180 -44.55 -18.40 11.22
C THR A 180 -45.80 -17.53 11.08
N LEU A 181 -46.79 -17.78 11.95
CA LEU A 181 -47.98 -16.95 12.03
C LEU A 181 -48.40 -16.83 13.49
N SER A 182 -49.13 -15.77 13.79
CA SER A 182 -49.46 -15.44 15.16
C SER A 182 -50.52 -16.40 15.72
N LYS A 183 -50.62 -16.41 17.05
CA LYS A 183 -51.54 -17.32 17.73
C LYS A 183 -52.99 -17.10 17.32
N ALA A 184 -53.37 -15.85 17.05
CA ALA A 184 -54.76 -15.55 16.69
C ALA A 184 -55.18 -16.31 15.44
N ASP A 185 -54.35 -16.27 14.39
CA ASP A 185 -54.68 -16.95 13.15
C ASP A 185 -54.58 -18.46 13.25
N TYR A 186 -53.81 -18.97 14.22
CA TYR A 186 -53.70 -20.41 14.39
C TYR A 186 -54.97 -20.99 14.99
N GLU A 187 -55.51 -20.33 16.03
CA GLU A 187 -56.68 -20.85 16.73
C GLU A 187 -57.91 -20.93 15.85
N LYS A 188 -57.95 -20.17 14.75
CA LYS A 188 -59.15 -20.11 13.91
C LYS A 188 -59.24 -21.31 12.97
N HIS A 189 -58.24 -21.47 12.09
CA HIS A 189 -58.32 -22.48 11.06
C HIS A 189 -57.99 -23.87 11.61
N LYS A 190 -58.49 -24.89 10.92
CA LYS A 190 -58.41 -26.27 11.39
C LYS A 190 -57.19 -27.00 10.82
N VAL A 191 -57.12 -27.11 9.49
CA VAL A 191 -56.21 -28.03 8.82
C VAL A 191 -54.97 -27.27 8.36
N TYR A 192 -53.80 -27.81 8.68
CA TYR A 192 -52.51 -27.25 8.27
C TYR A 192 -51.77 -28.32 7.46
N ALA A 193 -51.44 -27.99 6.23
CA ALA A 193 -50.85 -28.94 5.29
C ALA A 193 -49.53 -28.41 4.74
N CYS A 194 -48.77 -29.32 4.13
CA CYS A 194 -47.48 -28.99 3.53
C CYS A 194 -47.31 -29.82 2.27
N GLU A 195 -47.37 -29.16 1.11
CA GLU A 195 -47.27 -29.82 -0.18
C GLU A 195 -45.82 -29.76 -0.65
N VAL A 196 -45.29 -30.91 -1.08
CA VAL A 196 -43.88 -31.06 -1.43
C VAL A 196 -43.78 -31.58 -2.85
N THR A 197 -43.01 -30.88 -3.69
CA THR A 197 -42.76 -31.28 -5.07
C THR A 197 -41.27 -31.46 -5.28
N HIS A 198 -40.87 -32.62 -5.81
CA HIS A 198 -39.46 -32.92 -6.01
C HIS A 198 -39.33 -33.93 -7.15
N GLN A 199 -38.14 -33.96 -7.74
CA GLN A 199 -37.88 -34.83 -8.88
C GLN A 199 -38.19 -36.28 -8.56
N GLY A 200 -37.86 -36.74 -7.36
CA GLY A 200 -38.10 -38.10 -6.95
C GLY A 200 -39.53 -38.45 -6.60
N LEU A 201 -40.47 -37.53 -6.79
CA LEU A 201 -41.87 -37.74 -6.47
C LEU A 201 -42.67 -37.86 -7.75
N SER A 202 -43.37 -38.99 -7.92
CA SER A 202 -44.28 -39.14 -9.05
C SER A 202 -45.40 -38.10 -9.00
N SER A 203 -45.91 -37.82 -7.81
CA SER A 203 -46.97 -36.86 -7.58
C SER A 203 -46.67 -36.09 -6.30
N PRO A 204 -47.16 -34.87 -6.17
CA PRO A 204 -46.88 -34.07 -4.96
C PRO A 204 -47.36 -34.78 -3.70
N VAL A 205 -46.44 -34.98 -2.77
CA VAL A 205 -46.73 -35.63 -1.49
C VAL A 205 -47.18 -34.57 -0.50
N THR A 206 -48.32 -34.81 0.15
CA THR A 206 -48.91 -33.87 1.09
C THR A 206 -48.88 -34.45 2.50
N LYS A 207 -48.64 -33.58 3.47
CA LYS A 207 -48.60 -33.97 4.88
C LYS A 207 -49.38 -32.96 5.70
N SER A 208 -50.21 -33.43 6.62
CA SER A 208 -51.16 -32.55 7.29
C SER A 208 -51.30 -32.93 8.76
N PHE A 209 -51.94 -32.03 9.51
CA PHE A 209 -52.47 -32.32 10.83
C PHE A 209 -53.64 -31.37 11.07
N ASN A 210 -54.27 -31.50 12.23
CA ASN A 210 -55.44 -30.69 12.55
C ASN A 210 -55.21 -29.97 13.87
N ARG A 211 -55.66 -28.71 13.93
CA ARG A 211 -55.48 -27.87 15.11
C ARG A 211 -56.02 -28.55 16.36
N GLY A 212 -55.13 -28.79 17.32
CA GLY A 212 -55.52 -29.45 18.56
C GLY A 212 -54.95 -30.84 18.71
N GLU B 1 -1.64 -36.45 18.34
CA GLU B 1 -2.31 -36.01 19.56
C GLU B 1 -2.21 -34.49 19.70
N VAL B 2 -1.89 -33.83 18.59
CA VAL B 2 -1.70 -32.38 18.57
C VAL B 2 -3.07 -31.70 18.51
N GLN B 3 -3.42 -30.97 19.56
CA GLN B 3 -4.70 -30.29 19.64
C GLN B 3 -4.50 -28.79 19.84
N LEU B 4 -5.47 -28.00 19.36
CA LEU B 4 -5.51 -26.56 19.56
C LEU B 4 -6.91 -26.20 20.04
N VAL B 5 -7.02 -25.76 21.30
CA VAL B 5 -8.29 -25.39 21.90
C VAL B 5 -8.34 -23.87 21.98
N GLN B 6 -9.37 -23.28 21.38
CA GLN B 6 -9.49 -21.84 21.25
C GLN B 6 -10.56 -21.30 22.19
N SER B 7 -10.53 -19.99 22.39
CA SER B 7 -11.50 -19.31 23.24
C SER B 7 -12.91 -19.44 22.65
N GLY B 8 -13.90 -19.36 23.51
CA GLY B 8 -15.28 -19.37 23.07
C GLY B 8 -15.63 -18.12 22.27
N ALA B 9 -16.80 -18.18 21.64
CA ALA B 9 -17.26 -17.08 20.82
C ALA B 9 -17.53 -15.84 21.68
N GLU B 10 -17.40 -14.67 21.06
CA GLU B 10 -17.46 -13.41 21.78
C GLU B 10 -18.37 -12.42 21.07
N VAL B 11 -19.11 -11.63 21.85
CA VAL B 11 -19.86 -10.48 21.36
C VAL B 11 -19.23 -9.23 21.96
N LYS B 12 -19.11 -8.19 21.15
CA LYS B 12 -18.56 -6.93 21.61
C LYS B 12 -19.34 -5.79 20.96
N LYS B 13 -18.91 -4.57 21.22
CA LYS B 13 -19.44 -3.36 20.61
C LYS B 13 -18.28 -2.52 20.13
N PRO B 14 -18.47 -1.75 19.05
CA PRO B 14 -17.37 -0.89 18.57
C PRO B 14 -16.84 0.03 19.66
N GLY B 15 -15.60 -0.19 20.06
CA GLY B 15 -14.99 0.60 21.12
C GLY B 15 -14.35 -0.21 22.22
N GLU B 16 -14.65 -1.51 22.27
CA GLU B 16 -14.13 -2.38 23.32
C GLU B 16 -12.86 -3.08 22.85
N SER B 17 -11.93 -3.28 23.77
CA SER B 17 -10.80 -4.16 23.53
C SER B 17 -11.24 -5.61 23.65
N LEU B 18 -10.43 -6.51 23.11
CA LEU B 18 -10.76 -7.92 23.16
C LEU B 18 -9.51 -8.77 23.06
N LYS B 19 -9.43 -9.79 23.92
CA LYS B 19 -8.37 -10.79 23.90
C LYS B 19 -9.00 -12.16 23.70
N ILE B 20 -8.46 -12.94 22.77
CA ILE B 20 -8.85 -14.32 22.60
C ILE B 20 -7.60 -15.18 22.64
N SER B 21 -7.74 -16.37 23.22
CA SER B 21 -6.61 -17.25 23.46
C SER B 21 -6.79 -18.55 22.69
N CYS B 22 -5.70 -19.30 22.58
CA CYS B 22 -5.72 -20.63 21.99
C CYS B 22 -4.68 -21.47 22.73
N GLN B 23 -5.09 -22.66 23.18
CA GLN B 23 -4.29 -23.47 24.10
C GLN B 23 -3.73 -24.66 23.32
N SER B 24 -2.46 -24.57 22.94
CA SER B 24 -1.85 -25.67 22.20
C SER B 24 -1.54 -26.83 23.14
N SER B 25 -1.46 -28.01 22.56
CA SER B 25 -1.07 -29.22 23.29
C SER B 25 -0.65 -30.28 22.29
N GLY B 26 -0.02 -31.33 22.82
CA GLY B 26 0.38 -32.47 22.05
C GLY B 26 1.77 -32.41 21.47
N TYR B 27 2.36 -31.21 21.34
CA TYR B 27 3.71 -31.06 20.81
C TYR B 27 4.52 -30.14 21.72
N ARG B 28 5.80 -29.97 21.38
CA ARG B 28 6.68 -29.05 22.09
C ARG B 28 6.29 -27.62 21.71
N PHE B 29 5.57 -26.94 22.62
CA PHE B 29 5.00 -25.63 22.32
C PHE B 29 6.05 -24.60 21.93
N THR B 30 7.28 -24.74 22.40
CA THR B 30 8.29 -23.71 22.23
C THR B 30 9.22 -24.00 21.05
N ILE B 31 8.75 -24.75 20.05
CA ILE B 31 9.56 -25.00 18.86
C ILE B 31 8.81 -24.72 17.57
N TYR B 32 7.48 -24.60 17.59
CA TYR B 32 6.68 -24.41 16.39
C TYR B 32 5.97 -23.07 16.41
N TRP B 33 5.94 -22.40 15.25
CA TRP B 33 5.24 -21.14 15.13
C TRP B 33 3.76 -21.29 15.46
N ILE B 34 3.18 -20.22 16.01
CA ILE B 34 1.74 -20.12 16.19
C ILE B 34 1.29 -18.75 15.66
N GLY B 35 0.21 -18.74 14.89
CA GLY B 35 -0.29 -17.52 14.29
C GLY B 35 -1.81 -17.49 14.26
N TRP B 36 -2.34 -16.44 13.67
CA TRP B 36 -3.79 -16.24 13.59
C TRP B 36 -4.19 -15.99 12.14
N VAL B 37 -5.27 -16.65 11.72
CA VAL B 37 -5.79 -16.54 10.36
C VAL B 37 -7.26 -16.15 10.44
N ARG B 38 -7.65 -15.14 9.67
CA ARG B 38 -9.00 -14.63 9.67
C ARG B 38 -9.76 -15.15 8.45
N GLN B 39 -11.07 -15.33 8.63
CA GLN B 39 -11.97 -15.75 7.54
C GLN B 39 -13.22 -14.87 7.62
N MET B 40 -13.21 -13.77 6.88
CA MET B 40 -14.36 -12.89 6.82
C MET B 40 -15.54 -13.63 6.20
N PRO B 41 -16.76 -13.42 6.72
CA PRO B 41 -17.92 -14.13 6.17
C PRO B 41 -18.13 -13.77 4.70
N GLY B 42 -18.29 -14.81 3.87
CA GLY B 42 -18.39 -14.63 2.44
C GLY B 42 -17.04 -14.47 1.78
N LYS B 43 -16.17 -13.69 2.41
CA LYS B 43 -14.81 -13.50 1.94
C LYS B 43 -13.96 -14.73 2.23
N GLY B 44 -12.73 -14.70 1.73
CA GLY B 44 -11.80 -15.80 1.87
C GLY B 44 -10.98 -15.73 3.13
N LEU B 45 -9.89 -16.50 3.15
CA LEU B 45 -9.01 -16.57 4.30
C LEU B 45 -7.99 -15.44 4.24
N GLU B 46 -7.93 -14.65 5.30
CA GLU B 46 -6.95 -13.58 5.44
C GLU B 46 -6.01 -13.89 6.59
N TRP B 47 -4.72 -13.59 6.39
CA TRP B 47 -3.69 -13.88 7.38
C TRP B 47 -3.37 -12.61 8.16
N MET B 48 -3.30 -12.73 9.49
CA MET B 48 -3.09 -11.60 10.38
C MET B 48 -1.63 -11.48 10.84
N GLY B 49 -1.08 -12.54 11.42
CA GLY B 49 0.28 -12.49 11.92
C GLY B 49 0.67 -13.84 12.48
N ILE B 50 1.88 -13.88 13.04
CA ILE B 50 2.44 -15.13 13.57
C ILE B 50 3.50 -14.77 14.60
N ILE B 51 3.79 -15.72 15.49
CA ILE B 51 4.76 -15.51 16.57
C ILE B 51 5.49 -16.84 16.80
N TRP B 52 6.73 -16.74 17.26
CA TRP B 52 7.55 -17.92 17.55
C TRP B 52 7.86 -17.98 19.05
N PRO B 53 7.18 -18.84 19.81
CA PRO B 53 7.59 -19.09 21.18
C PRO B 53 8.64 -20.19 21.28
N GLY B 54 9.59 -20.00 22.18
CA GLY B 54 9.65 -18.74 22.91
C GLY B 54 10.95 -17.96 22.80
N ASP B 55 10.86 -16.90 21.99
CA ASP B 55 11.64 -15.69 22.14
C ASP B 55 10.77 -14.50 21.76
N SER B 56 9.49 -14.73 21.51
CA SER B 56 8.51 -13.69 21.15
C SER B 56 8.88 -13.00 19.83
N ASP B 57 9.37 -13.79 18.88
CA ASP B 57 9.64 -13.28 17.54
C ASP B 57 8.30 -13.13 16.82
N THR B 58 7.82 -11.89 16.72
CA THR B 58 6.48 -11.60 16.21
C THR B 58 6.59 -10.96 14.84
N ARG B 59 5.79 -11.47 13.89
CA ARG B 59 5.77 -10.95 12.52
C ARG B 59 4.32 -10.77 12.09
N TYR B 60 4.00 -9.60 11.54
CA TYR B 60 2.64 -9.24 11.16
C TYR B 60 2.54 -9.05 9.66
N SER B 61 1.31 -9.10 9.17
CA SER B 61 0.97 -8.80 7.78
C SER B 61 0.69 -7.31 7.64
N PRO B 62 1.14 -6.69 6.54
CA PRO B 62 0.90 -5.25 6.36
C PRO B 62 -0.55 -4.84 6.46
N SER B 63 -1.48 -5.71 6.02
CA SER B 63 -2.90 -5.42 6.11
C SER B 63 -3.40 -5.42 7.55
N PHE B 64 -2.56 -5.77 8.52
CA PHE B 64 -2.97 -5.80 9.92
C PHE B 64 -1.97 -5.16 10.88
N GLN B 65 -0.81 -4.72 10.39
CA GLN B 65 0.19 -4.10 11.25
C GLN B 65 -0.38 -2.86 11.94
N GLY B 66 -0.23 -2.80 13.26
CA GLY B 66 -0.75 -1.70 14.03
C GLY B 66 -2.22 -1.80 14.37
N GLN B 67 -2.96 -2.74 13.79
CA GLN B 67 -4.36 -2.95 14.07
C GLN B 67 -4.62 -4.05 15.09
N VAL B 68 -3.63 -4.89 15.38
CA VAL B 68 -3.81 -6.07 16.22
C VAL B 68 -2.51 -6.34 16.95
N THR B 69 -2.59 -7.17 17.99
CA THR B 69 -1.44 -7.53 18.80
C THR B 69 -1.48 -9.04 19.06
N ILE B 70 -0.42 -9.74 18.65
CA ILE B 70 -0.30 -11.18 18.83
C ILE B 70 0.79 -11.47 19.85
N SER B 71 0.47 -12.28 20.85
CA SER B 71 1.41 -12.66 21.88
C SER B 71 1.30 -14.15 22.15
N ALA B 72 2.20 -14.65 23.00
CA ALA B 72 2.21 -16.07 23.35
C ALA B 72 2.94 -16.24 24.67
N ASP B 73 2.29 -16.91 25.62
CA ASP B 73 2.87 -17.16 26.94
C ASP B 73 3.31 -18.63 26.97
N LYS B 74 4.62 -18.86 26.84
CA LYS B 74 5.13 -20.21 26.76
C LYS B 74 5.05 -20.96 28.07
N SER B 75 4.83 -20.26 29.19
CA SER B 75 4.67 -20.95 30.47
C SER B 75 3.34 -21.68 30.57
N ILE B 76 2.36 -21.31 29.74
CA ILE B 76 1.05 -21.94 29.76
C ILE B 76 0.66 -22.54 28.41
N SER B 77 1.56 -22.48 27.42
CA SER B 77 1.30 -23.01 26.08
C SER B 77 0.04 -22.39 25.48
N THR B 78 0.05 -21.06 25.36
CA THR B 78 -1.14 -20.31 24.97
C THR B 78 -0.73 -19.07 24.17
N ALA B 79 -1.32 -18.92 22.99
CA ALA B 79 -1.16 -17.72 22.18
C ALA B 79 -2.40 -16.85 22.30
N TYR B 80 -2.21 -15.56 22.03
CA TYR B 80 -3.26 -14.57 22.22
C TYR B 80 -3.41 -13.71 20.97
N LEU B 81 -4.66 -13.40 20.62
CA LEU B 81 -4.98 -12.40 19.61
C LEU B 81 -5.68 -11.25 20.32
N GLN B 82 -5.12 -10.05 20.19
CA GLN B 82 -5.50 -8.92 21.04
C GLN B 82 -5.82 -7.70 20.19
N TRP B 83 -6.92 -7.03 20.53
CA TRP B 83 -7.36 -5.82 19.87
C TRP B 83 -7.41 -4.65 20.85
N SER B 84 -7.83 -3.51 20.33
CA SER B 84 -8.29 -2.37 21.11
C SER B 84 -9.14 -1.51 20.17
N SER B 85 -10.32 -1.11 20.66
CA SER B 85 -11.30 -0.37 19.86
C SER B 85 -11.70 -1.18 18.61
N LEU B 86 -12.35 -2.32 18.88
CA LEU B 86 -12.87 -3.16 17.82
C LEU B 86 -13.79 -2.38 16.89
N LYS B 87 -13.74 -2.69 15.61
CA LYS B 87 -14.68 -2.18 14.63
C LYS B 87 -15.65 -3.28 14.24
N ALA B 88 -16.83 -2.86 13.74
CA ALA B 88 -17.75 -3.83 13.18
C ALA B 88 -17.14 -4.54 11.97
N SER B 89 -16.17 -3.91 11.32
CA SER B 89 -15.43 -4.50 10.20
C SER B 89 -14.49 -5.61 10.64
N ASP B 90 -14.36 -5.87 11.93
CA ASP B 90 -13.53 -6.95 12.44
C ASP B 90 -14.30 -8.23 12.68
N THR B 91 -15.60 -8.25 12.38
CA THR B 91 -16.44 -9.42 12.62
C THR B 91 -16.09 -10.53 11.64
N ALA B 92 -15.46 -11.58 12.16
CA ALA B 92 -15.03 -12.72 11.33
C ALA B 92 -14.75 -13.90 12.24
N MET B 93 -14.18 -14.96 11.65
CA MET B 93 -13.76 -16.15 12.36
C MET B 93 -12.25 -16.20 12.41
N TYR B 94 -11.69 -16.46 13.60
CA TYR B 94 -10.25 -16.42 13.82
C TYR B 94 -9.75 -17.80 14.23
N TYR B 95 -8.79 -18.33 13.48
CA TYR B 95 -8.20 -19.63 13.73
C TYR B 95 -6.78 -19.45 14.23
N CYS B 96 -6.46 -20.02 15.40
CA CYS B 96 -5.05 -20.16 15.75
C CYS B 96 -4.49 -21.31 14.94
N VAL B 97 -3.33 -21.09 14.32
CA VAL B 97 -2.74 -22.07 13.45
C VAL B 97 -1.31 -22.33 13.86
N ARG B 98 -0.88 -23.59 13.73
CA ARG B 98 0.51 -23.95 13.92
C ARG B 98 1.22 -23.87 12.58
N GLY B 99 2.36 -23.18 12.54
CA GLY B 99 3.09 -22.93 11.31
C GLY B 99 4.36 -23.76 11.24
N ILE B 100 4.65 -24.27 10.04
CA ILE B 100 5.91 -24.93 9.74
C ILE B 100 6.73 -23.99 8.87
N GLY B 101 7.99 -23.81 9.22
CA GLY B 101 8.82 -22.79 8.61
C GLY B 101 9.39 -23.14 7.25
N ARG B 102 9.11 -22.27 6.27
CA ARG B 102 9.79 -22.23 4.99
C ARG B 102 10.70 -21.00 4.97
N TYR B 103 11.26 -20.70 3.80
CA TYR B 103 12.12 -19.52 3.69
C TYR B 103 11.33 -18.26 4.04
N SER B 104 11.59 -17.72 5.24
CA SER B 104 10.98 -16.48 5.71
C SER B 104 9.45 -16.51 5.58
N ASN B 105 8.86 -17.70 5.62
CA ASN B 105 7.41 -17.82 5.49
C ASN B 105 7.00 -19.21 6.00
N TRP B 106 5.70 -19.49 5.96
CA TRP B 106 5.16 -20.69 6.58
C TRP B 106 3.94 -21.16 5.80
N PHE B 107 3.67 -22.46 5.93
CA PHE B 107 2.35 -23.03 5.69
C PHE B 107 1.80 -23.58 6.99
N LEU B 108 0.49 -23.83 7.01
CA LEU B 108 -0.24 -24.06 8.25
C LEU B 108 -0.73 -25.51 8.28
N ASP B 109 -0.08 -26.35 9.09
CA ASP B 109 -0.40 -27.77 9.14
C ASP B 109 -1.49 -28.11 10.16
N TYR B 110 -1.72 -27.26 11.17
CA TYR B 110 -2.74 -27.51 12.17
C TYR B 110 -3.54 -26.24 12.41
N TRP B 111 -4.85 -26.40 12.61
CA TRP B 111 -5.77 -25.28 12.74
C TRP B 111 -6.65 -25.49 13.97
N GLY B 112 -6.96 -24.41 14.66
CA GLY B 112 -7.90 -24.46 15.76
C GLY B 112 -9.33 -24.56 15.25
N GLN B 113 -10.25 -24.82 16.19
CA GLN B 113 -11.66 -24.99 15.81
C GLN B 113 -12.34 -23.67 15.49
N GLY B 114 -11.70 -22.53 15.74
CA GLY B 114 -12.25 -21.24 15.36
C GLY B 114 -12.90 -20.47 16.48
N THR B 115 -12.74 -19.15 16.48
CA THR B 115 -13.37 -18.26 17.45
C THR B 115 -14.09 -17.17 16.68
N LEU B 116 -15.41 -17.10 16.86
CA LEU B 116 -16.26 -16.19 16.10
C LEU B 116 -16.48 -14.91 16.91
N VAL B 117 -15.96 -13.80 16.40
CA VAL B 117 -16.06 -12.50 17.06
C VAL B 117 -17.08 -11.66 16.32
N THR B 118 -18.23 -11.42 16.94
CA THR B 118 -19.27 -10.56 16.38
C THR B 118 -19.22 -9.20 17.06
N VAL B 119 -19.19 -8.14 16.26
CA VAL B 119 -19.03 -6.78 16.76
C VAL B 119 -20.19 -5.95 16.22
N SER B 120 -21.20 -5.72 17.04
CA SER B 120 -22.33 -4.88 16.66
C SER B 120 -22.88 -4.18 17.90
N SER B 121 -23.51 -3.04 17.66
CA SER B 121 -24.22 -2.32 18.73
C SER B 121 -25.68 -2.72 18.78
N ALA B 122 -25.93 -4.02 18.84
CA ALA B 122 -27.27 -4.58 18.83
C ALA B 122 -27.51 -5.40 20.10
N SER B 123 -28.78 -5.54 20.45
CA SER B 123 -29.15 -6.28 21.66
C SER B 123 -28.77 -7.75 21.53
N THR B 124 -28.21 -8.31 22.61
CA THR B 124 -27.84 -9.71 22.66
C THR B 124 -29.00 -10.48 23.27
N LYS B 125 -29.74 -11.21 22.43
CA LYS B 125 -30.93 -11.92 22.85
C LYS B 125 -30.65 -13.41 22.97
N GLY B 126 -31.20 -14.04 23.99
CA GLY B 126 -31.02 -15.46 24.21
C GLY B 126 -32.08 -16.27 23.50
N PRO B 127 -31.72 -17.47 23.04
CA PRO B 127 -32.65 -18.28 22.26
C PRO B 127 -33.81 -18.79 23.11
N SER B 128 -34.79 -19.36 22.42
CA SER B 128 -35.97 -19.94 23.07
C SER B 128 -36.21 -21.31 22.43
N VAL B 129 -35.98 -22.37 23.19
CA VAL B 129 -35.99 -23.73 22.67
C VAL B 129 -37.39 -24.32 22.84
N PHE B 130 -38.02 -24.66 21.71
CA PHE B 130 -39.29 -25.36 21.69
C PHE B 130 -39.13 -26.72 21.02
N PRO B 131 -39.86 -27.74 21.48
CA PRO B 131 -39.70 -29.07 20.90
C PRO B 131 -40.49 -29.25 19.62
N LEU B 132 -39.95 -30.08 18.74
CA LEU B 132 -40.65 -30.54 17.53
C LEU B 132 -41.14 -31.95 17.83
N ALA B 133 -42.40 -32.07 18.25
CA ALA B 133 -42.81 -33.38 18.71
C ALA B 133 -43.59 -34.11 17.61
N PRO B 134 -43.31 -35.41 17.41
CA PRO B 134 -44.03 -36.25 16.46
C PRO B 134 -45.44 -36.60 16.94
N GLY B 142 -40.19 -47.86 8.78
CA GLY B 142 -40.78 -47.38 10.02
C GLY B 142 -39.86 -46.50 10.83
N THR B 143 -39.75 -45.23 10.44
CA THR B 143 -38.87 -44.28 11.09
C THR B 143 -39.67 -43.07 11.56
N ALA B 144 -39.08 -42.30 12.47
CA ALA B 144 -39.72 -41.14 13.05
C ALA B 144 -38.71 -40.01 13.19
N ALA B 145 -39.21 -38.78 13.18
CA ALA B 145 -38.37 -37.60 13.26
C ALA B 145 -38.85 -36.69 14.38
N LEU B 146 -37.89 -36.10 15.09
CA LEU B 146 -38.16 -35.13 16.14
C LEU B 146 -37.00 -34.15 16.20
N GLY B 147 -37.23 -33.01 16.83
CA GLY B 147 -36.20 -32.00 16.83
C GLY B 147 -36.49 -30.90 17.83
N CYS B 148 -35.64 -29.87 17.78
CA CYS B 148 -35.73 -28.72 18.66
C CYS B 148 -35.70 -27.46 17.80
N LEU B 149 -36.71 -26.61 17.95
CA LEU B 149 -36.76 -25.31 17.29
C LEU B 149 -36.10 -24.28 18.20
N VAL B 150 -35.03 -23.67 17.72
CA VAL B 150 -34.26 -22.68 18.47
C VAL B 150 -34.54 -21.33 17.83
N LYS B 151 -35.28 -20.47 18.53
CA LYS B 151 -35.89 -19.29 17.94
C LYS B 151 -35.47 -18.02 18.67
N ASP B 152 -35.37 -16.93 17.90
CA ASP B 152 -35.23 -15.57 18.43
C ASP B 152 -33.98 -15.43 19.29
N TYR B 153 -32.82 -15.57 18.64
CA TYR B 153 -31.55 -15.33 19.32
C TYR B 153 -30.65 -14.44 18.47
N PHE B 154 -29.67 -13.84 19.14
CA PHE B 154 -28.65 -12.99 18.54
C PHE B 154 -27.52 -12.81 19.54
N PRO B 155 -26.26 -12.86 19.10
CA PRO B 155 -25.88 -13.16 17.71
C PRO B 155 -25.48 -14.61 17.52
N GLU B 156 -24.95 -14.92 16.35
CA GLU B 156 -24.31 -16.20 16.13
C GLU B 156 -23.07 -16.32 17.00
N PRO B 157 -22.61 -17.55 17.30
CA PRO B 157 -23.17 -18.85 16.92
C PRO B 157 -24.06 -19.48 17.98
N VAL B 158 -24.48 -20.71 17.72
CA VAL B 158 -25.22 -21.52 18.68
C VAL B 158 -24.93 -22.98 18.38
N THR B 159 -24.90 -23.81 19.42
CA THR B 159 -24.59 -25.22 19.30
C THR B 159 -25.74 -26.04 19.84
N VAL B 160 -26.17 -27.06 19.08
CA VAL B 160 -27.22 -27.97 19.50
C VAL B 160 -26.67 -29.39 19.40
N SER B 161 -26.72 -30.12 20.51
CA SER B 161 -26.37 -31.54 20.56
C SER B 161 -27.57 -32.32 21.08
N TRP B 162 -27.49 -33.65 20.98
CA TRP B 162 -28.60 -34.52 21.32
C TRP B 162 -28.15 -35.53 22.36
N ASN B 163 -28.83 -35.54 23.51
CA ASN B 163 -28.51 -36.42 24.63
C ASN B 163 -27.03 -36.34 25.01
N SER B 164 -26.56 -35.10 25.16
CA SER B 164 -25.19 -34.81 25.62
C SER B 164 -24.14 -35.45 24.72
N GLY B 165 -24.39 -35.42 23.40
CA GLY B 165 -23.44 -35.93 22.45
C GLY B 165 -23.46 -37.42 22.24
N ALA B 166 -24.49 -38.12 22.72
CA ALA B 166 -24.60 -39.56 22.52
C ALA B 166 -25.29 -39.92 21.21
N LEU B 167 -26.12 -39.03 20.68
CA LEU B 167 -26.85 -39.27 19.45
C LEU B 167 -26.13 -38.55 18.30
N THR B 168 -25.60 -39.32 17.36
CA THR B 168 -24.83 -38.78 16.24
C THR B 168 -25.47 -39.06 14.90
N SER B 169 -25.82 -40.31 14.61
CA SER B 169 -26.37 -40.66 13.30
C SER B 169 -27.80 -40.14 13.16
N GLY B 170 -28.09 -39.54 12.01
CA GLY B 170 -29.41 -39.02 11.73
C GLY B 170 -29.69 -37.64 12.29
N VAL B 171 -28.67 -36.94 12.80
CA VAL B 171 -28.85 -35.61 13.35
C VAL B 171 -28.58 -34.59 12.24
N HIS B 172 -29.49 -33.65 12.06
CA HIS B 172 -29.35 -32.58 11.09
C HIS B 172 -29.68 -31.26 11.77
N THR B 173 -28.67 -30.40 11.92
CA THR B 173 -28.87 -29.05 12.45
C THR B 173 -28.78 -28.08 11.28
N PHE B 174 -29.89 -27.40 11.00
CA PHE B 174 -29.94 -26.53 9.83
C PHE B 174 -29.18 -25.23 10.08
N PRO B 175 -28.59 -24.66 9.03
CA PRO B 175 -28.00 -23.32 9.17
C PRO B 175 -29.05 -22.30 9.58
N ALA B 176 -28.70 -21.46 10.55
CA ALA B 176 -29.64 -20.47 11.04
C ALA B 176 -30.01 -19.47 9.96
N VAL B 177 -31.26 -19.04 9.96
CA VAL B 177 -31.77 -18.06 9.01
C VAL B 177 -32.21 -16.83 9.79
N LEU B 178 -31.87 -15.65 9.25
CA LEU B 178 -32.21 -14.40 9.91
C LEU B 178 -33.63 -13.98 9.51
N GLN B 179 -34.45 -13.67 10.51
CA GLN B 179 -35.86 -13.39 10.30
C GLN B 179 -36.08 -11.90 10.03
N SER B 180 -37.33 -11.47 10.07
CA SER B 180 -37.66 -10.06 9.94
C SER B 180 -37.45 -9.30 11.24
N SER B 181 -37.52 -9.99 12.38
CA SER B 181 -37.31 -9.35 13.68
C SER B 181 -35.85 -9.02 13.95
N GLY B 182 -34.94 -9.45 13.09
CA GLY B 182 -33.52 -9.24 13.32
C GLY B 182 -32.86 -10.28 14.20
N LEU B 183 -33.54 -11.38 14.49
CA LEU B 183 -33.02 -12.43 15.35
C LEU B 183 -32.86 -13.72 14.56
N TYR B 184 -31.80 -14.46 14.86
CA TYR B 184 -31.56 -15.72 14.17
C TYR B 184 -32.49 -16.81 14.70
N SER B 185 -32.66 -17.85 13.87
CA SER B 185 -33.48 -19.00 14.22
C SER B 185 -33.02 -20.19 13.41
N LEU B 186 -32.89 -21.35 14.06
CA LEU B 186 -32.57 -22.59 13.37
C LEU B 186 -33.39 -23.72 13.97
N SER B 187 -33.21 -24.91 13.41
CA SER B 187 -33.87 -26.11 13.88
C SER B 187 -32.87 -27.26 13.80
N SER B 188 -32.75 -28.01 14.88
CA SER B 188 -31.99 -29.25 14.90
C SER B 188 -32.97 -30.42 14.87
N VAL B 189 -32.63 -31.46 14.13
CA VAL B 189 -33.56 -32.55 13.84
C VAL B 189 -32.82 -33.87 13.89
N VAL B 190 -33.42 -34.86 14.55
CA VAL B 190 -32.89 -36.22 14.60
C VAL B 190 -33.98 -37.17 14.13
N THR B 191 -33.56 -38.25 13.48
CA THR B 191 -34.47 -39.28 12.95
C THR B 191 -34.16 -40.59 13.66
N VAL B 192 -35.15 -41.13 14.35
CA VAL B 192 -34.96 -42.34 15.16
C VAL B 192 -36.09 -43.31 14.85
N PRO B 193 -35.89 -44.60 15.09
CA PRO B 193 -36.95 -45.59 14.83
C PRO B 193 -38.15 -45.39 15.74
N SER B 194 -39.34 -45.65 15.20
CA SER B 194 -40.58 -45.50 15.97
C SER B 194 -40.70 -46.55 17.07
N SER B 195 -40.03 -47.69 16.94
CA SER B 195 -40.03 -48.70 17.99
C SER B 195 -39.32 -48.24 19.25
N SER B 196 -38.75 -47.03 19.25
CA SER B 196 -38.04 -46.50 20.39
C SER B 196 -38.75 -45.35 21.08
N LEU B 197 -39.55 -44.58 20.35
CA LEU B 197 -40.19 -43.35 20.83
C LEU B 197 -40.79 -43.49 22.23
N GLY B 198 -41.49 -44.58 22.48
CA GLY B 198 -42.07 -44.80 23.79
C GLY B 198 -41.12 -45.36 24.83
N THR B 199 -39.93 -45.80 24.42
CA THR B 199 -38.97 -46.44 25.32
C THR B 199 -37.63 -45.69 25.37
N GLN B 200 -37.59 -44.46 24.89
CA GLN B 200 -36.33 -43.73 24.81
C GLN B 200 -36.60 -42.24 24.76
N THR B 201 -36.13 -41.51 25.77
CA THR B 201 -36.28 -40.07 25.81
C THR B 201 -35.14 -39.40 25.03
N TYR B 202 -35.43 -38.24 24.45
CA TYR B 202 -34.46 -37.50 23.65
C TYR B 202 -34.36 -36.08 24.18
N ILE B 203 -33.16 -35.70 24.64
CA ILE B 203 -32.88 -34.37 25.15
C ILE B 203 -31.97 -33.66 24.16
N CYS B 204 -32.34 -32.42 23.81
CA CYS B 204 -31.49 -31.57 22.99
C CYS B 204 -30.84 -30.52 23.88
N ASN B 205 -29.57 -30.22 23.58
CA ASN B 205 -28.74 -29.35 24.43
C ASN B 205 -28.30 -28.16 23.62
N VAL B 206 -28.68 -26.96 24.06
CA VAL B 206 -28.41 -25.71 23.35
C VAL B 206 -27.48 -24.87 24.20
N ASN B 207 -26.42 -24.35 23.57
CA ASN B 207 -25.42 -23.50 24.24
C ASN B 207 -25.26 -22.22 23.42
N HIS B 208 -25.87 -21.13 23.89
CA HIS B 208 -25.64 -19.81 23.29
C HIS B 208 -24.64 -19.07 24.18
N LYS B 209 -23.37 -19.42 24.00
CA LYS B 209 -22.29 -18.76 24.72
C LYS B 209 -22.31 -17.24 24.61
N PRO B 210 -22.67 -16.63 23.47
CA PRO B 210 -22.84 -15.17 23.44
C PRO B 210 -23.69 -14.59 24.57
N SER B 211 -24.89 -15.15 24.80
CA SER B 211 -25.80 -14.66 25.82
C SER B 211 -25.78 -15.52 27.08
N ASN B 212 -24.84 -16.46 27.18
CA ASN B 212 -24.72 -17.35 28.33
C ASN B 212 -26.04 -18.06 28.63
N THR B 213 -26.55 -18.73 27.60
CA THR B 213 -27.79 -19.48 27.69
C THR B 213 -27.52 -20.96 27.49
N LYS B 214 -28.02 -21.78 28.41
CA LYS B 214 -27.93 -23.23 28.30
C LYS B 214 -29.30 -23.82 28.63
N VAL B 215 -29.87 -24.57 27.68
CA VAL B 215 -31.20 -25.13 27.82
C VAL B 215 -31.16 -26.61 27.46
N ASP B 216 -32.13 -27.36 27.98
CA ASP B 216 -32.30 -28.76 27.65
C ASP B 216 -33.78 -29.08 27.62
N LYS B 217 -34.25 -29.66 26.51
CA LYS B 217 -35.66 -29.88 26.28
C LYS B 217 -35.98 -31.36 26.21
N ARG B 218 -37.26 -31.66 26.03
CA ARG B 218 -37.74 -33.03 25.90
C ARG B 218 -38.75 -33.08 24.75
N VAL B 219 -39.32 -34.26 24.52
CA VAL B 219 -40.23 -34.50 23.41
C VAL B 219 -41.37 -35.39 23.88
N GLU B 220 -42.28 -35.70 22.96
CA GLU B 220 -43.39 -36.61 23.21
C GLU B 220 -42.97 -38.06 22.98
N LEU C 11 23.43 -40.16 -13.05
CA LEU C 11 22.56 -39.11 -12.54
C LEU C 11 23.36 -38.09 -11.73
N PRO C 12 22.90 -36.84 -11.70
CA PRO C 12 23.67 -35.78 -11.05
C PRO C 12 23.84 -36.02 -9.55
N GLY C 13 24.81 -35.30 -8.98
CA GLY C 13 25.06 -35.40 -7.55
C GLY C 13 25.66 -36.71 -7.10
N GLU C 14 26.55 -37.30 -7.90
CA GLU C 14 27.20 -38.59 -7.63
C GLU C 14 26.33 -39.58 -6.87
N LYS C 23 6.17 -51.55 -16.47
CA LYS C 23 5.40 -51.13 -15.31
C LYS C 23 5.41 -52.25 -14.27
N ASN C 24 5.28 -51.89 -12.98
CA ASN C 24 4.74 -52.76 -11.92
C ASN C 24 4.83 -52.01 -10.59
N LYS C 25 4.20 -52.53 -9.53
CA LYS C 25 3.30 -53.68 -9.57
C LYS C 25 1.96 -53.16 -10.06
N ASP C 26 1.44 -52.17 -9.33
CA ASP C 26 0.18 -51.52 -9.64
C ASP C 26 0.30 -50.53 -10.78
N GLY C 27 1.46 -50.47 -11.43
CA GLY C 27 1.69 -49.56 -12.53
C GLY C 27 0.77 -49.80 -13.71
N TYR C 29 6.77 -46.81 -12.53
CA TYR C 29 7.69 -47.91 -12.32
C TYR C 29 8.27 -47.85 -10.90
N ASP C 30 9.02 -48.88 -10.53
CA ASP C 30 9.62 -48.97 -9.21
C ASP C 30 11.11 -48.68 -9.29
N LEU C 31 11.59 -47.85 -8.37
CA LEU C 31 12.98 -47.42 -8.33
C LEU C 31 13.46 -47.33 -6.90
N ILE C 32 14.77 -47.54 -6.70
CA ILE C 32 15.40 -47.57 -5.39
C ILE C 32 16.75 -46.87 -5.50
N ALA C 33 17.12 -46.15 -4.44
CA ALA C 33 18.40 -45.44 -4.39
C ALA C 33 19.02 -45.58 -3.01
N THR C 34 20.33 -45.83 -2.97
CA THR C 34 21.07 -45.98 -1.73
C THR C 34 22.01 -44.78 -1.59
N VAL C 35 21.75 -43.94 -0.59
CA VAL C 35 22.53 -42.73 -0.36
C VAL C 35 22.99 -42.71 1.10
N ASP C 36 24.29 -42.46 1.30
CA ASP C 36 24.87 -42.30 2.63
C ASP C 36 24.64 -43.54 3.49
N LYS C 37 24.78 -44.71 2.88
CA LYS C 37 24.56 -45.99 3.56
C LYS C 37 23.17 -46.06 4.20
N LEU C 38 22.16 -45.72 3.41
CA LEU C 38 20.77 -45.76 3.85
C LEU C 38 19.89 -45.93 2.62
N GLU C 39 19.23 -47.07 2.52
CA GLU C 39 18.46 -47.38 1.33
C GLU C 39 17.15 -46.60 1.31
N LEU C 40 16.90 -45.93 0.17
CA LEU C 40 15.69 -45.13 -0.01
C LEU C 40 14.97 -45.62 -1.27
N LYS C 41 13.68 -45.90 -1.14
CA LYS C 41 12.90 -46.47 -2.24
C LYS C 41 11.63 -45.67 -2.47
N GLY C 42 11.16 -45.69 -3.71
CA GLY C 42 9.95 -45.00 -4.10
C GLY C 42 9.37 -45.60 -5.36
N THR C 43 8.28 -44.98 -5.83
CA THR C 43 7.60 -45.41 -7.04
C THR C 43 7.42 -44.22 -7.97
N SER C 44 7.50 -44.47 -9.28
CA SER C 44 7.44 -43.42 -10.28
C SER C 44 6.49 -43.84 -11.41
N ASP C 45 6.36 -42.96 -12.40
CA ASP C 45 5.47 -43.19 -13.54
C ASP C 45 6.24 -43.43 -14.83
N LYS C 46 7.11 -42.50 -15.23
CA LYS C 46 7.84 -42.65 -16.47
C LYS C 46 8.99 -43.63 -16.30
N ASN C 47 9.58 -44.01 -17.43
CA ASN C 47 10.61 -45.05 -17.49
C ASN C 47 12.00 -44.47 -17.69
N ASN C 48 12.28 -43.33 -17.06
CA ASN C 48 13.60 -42.72 -17.08
C ASN C 48 14.22 -42.55 -15.70
N GLY C 49 13.42 -42.41 -14.65
CA GLY C 49 13.93 -42.30 -13.30
C GLY C 49 13.41 -41.10 -12.53
N SER C 50 12.45 -40.39 -13.11
CA SER C 50 11.88 -39.19 -12.50
C SER C 50 10.87 -39.60 -11.44
N GLY C 51 11.22 -39.40 -10.17
CA GLY C 51 10.33 -39.77 -9.08
C GLY C 51 10.99 -39.48 -7.75
N VAL C 52 10.16 -39.48 -6.71
CA VAL C 52 10.62 -39.21 -5.35
C VAL C 52 11.14 -40.49 -4.72
N LEU C 53 12.05 -40.34 -3.76
CA LEU C 53 12.70 -41.44 -3.05
C LEU C 53 12.58 -41.19 -1.54
N GLU C 54 11.49 -41.64 -0.95
CA GLU C 54 11.36 -41.53 0.50
C GLU C 54 12.29 -42.52 1.19
N GLY C 55 12.61 -42.23 2.45
CA GLY C 55 13.49 -43.09 3.21
C GLY C 55 13.67 -42.66 4.66
N VAL C 56 13.65 -43.64 5.57
CA VAL C 56 13.76 -43.39 7.00
C VAL C 56 15.20 -43.58 7.43
N LYS C 57 15.61 -42.79 8.43
CA LYS C 57 16.94 -42.87 9.00
C LYS C 57 16.92 -43.73 10.26
N ALA C 58 18.13 -44.03 10.77
CA ALA C 58 18.23 -44.72 12.05
C ALA C 58 18.03 -43.77 13.22
N ASP C 59 18.40 -42.50 13.05
CA ASP C 59 18.19 -41.47 14.05
C ASP C 59 16.76 -40.93 14.03
N LYS C 60 15.85 -41.61 13.32
CA LYS C 60 14.45 -41.27 13.14
C LYS C 60 14.21 -40.01 12.30
N SER C 61 15.23 -39.52 11.61
CA SER C 61 15.00 -38.41 10.70
C SER C 61 14.38 -38.92 9.39
N LYS C 62 13.98 -37.99 8.53
CA LYS C 62 13.33 -38.30 7.27
C LYS C 62 14.14 -37.72 6.12
N VAL C 63 14.47 -38.57 5.15
CA VAL C 63 15.26 -38.18 3.98
C VAL C 63 14.42 -38.41 2.74
N LYS C 64 14.27 -37.37 1.92
CA LYS C 64 13.47 -37.42 0.71
C LYS C 64 14.30 -36.97 -0.48
N LEU C 65 14.46 -37.84 -1.47
CA LEU C 65 15.27 -37.57 -2.64
C LEU C 65 14.37 -37.47 -3.87
N THR C 66 14.60 -36.45 -4.69
CA THR C 66 13.78 -36.18 -5.87
C THR C 66 14.66 -36.11 -7.11
N ILE C 67 14.17 -36.71 -8.20
CA ILE C 67 14.85 -36.69 -9.50
C ILE C 67 13.93 -36.01 -10.50
N SER C 68 14.47 -35.03 -11.23
CA SER C 68 13.66 -34.20 -12.10
C SER C 68 13.18 -34.98 -13.33
N ASP C 69 12.28 -34.35 -14.08
CA ASP C 69 11.74 -34.99 -15.28
C ASP C 69 12.80 -35.17 -16.35
N ASP C 70 13.52 -34.10 -16.70
CA ASP C 70 14.58 -34.16 -17.69
C ASP C 70 15.89 -34.69 -17.13
N LEU C 71 15.88 -35.21 -15.90
CA LEU C 71 17.05 -35.85 -15.28
C LEU C 71 18.26 -34.93 -15.30
N GLY C 72 18.05 -33.69 -14.88
CA GLY C 72 19.12 -32.71 -14.86
C GLY C 72 19.26 -31.97 -13.54
N GLN C 73 18.49 -32.39 -12.54
CA GLN C 73 18.49 -31.70 -11.25
C GLN C 73 17.98 -32.65 -10.18
N THR C 74 18.87 -33.03 -9.26
CA THR C 74 18.43 -33.74 -8.07
C THR C 74 18.00 -32.75 -7.00
N THR C 75 17.19 -33.23 -6.06
CA THR C 75 16.76 -32.41 -4.91
C THR C 75 16.71 -33.33 -3.69
N LEU C 76 17.83 -33.38 -2.97
CA LEU C 76 17.90 -34.15 -1.73
C LEU C 76 17.52 -33.25 -0.57
N GLU C 77 16.59 -33.71 0.26
CA GLU C 77 16.13 -32.95 1.42
C GLU C 77 16.17 -33.85 2.65
N VAL C 78 16.42 -33.24 3.80
CA VAL C 78 16.40 -33.92 5.09
C VAL C 78 15.30 -33.29 5.93
N PHE C 79 14.52 -34.13 6.62
CA PHE C 79 13.35 -33.67 7.33
C PHE C 79 13.41 -34.12 8.79
N LYS C 80 12.54 -33.53 9.60
CA LYS C 80 12.67 -33.49 11.05
C LYS C 80 11.70 -34.43 11.77
N GLU C 81 11.50 -35.67 11.28
CA GLU C 81 10.77 -36.65 12.07
C GLU C 81 9.34 -36.21 12.37
N ASP C 82 8.41 -36.45 11.43
CA ASP C 82 7.24 -35.67 11.03
C ASP C 82 7.50 -34.89 9.75
N GLY C 83 8.71 -34.99 9.21
CA GLY C 83 8.93 -34.71 7.80
C GLY C 83 8.47 -33.36 7.28
N LYS C 84 8.01 -32.49 8.17
CA LYS C 84 7.53 -31.16 7.79
C LYS C 84 8.62 -30.11 7.97
N THR C 85 9.29 -30.07 9.11
CA THR C 85 10.41 -29.17 9.32
C THR C 85 11.65 -29.74 8.64
N LEU C 86 12.49 -28.84 8.13
CA LEU C 86 13.65 -29.22 7.34
C LEU C 86 14.91 -29.26 8.19
N VAL C 87 15.93 -29.93 7.64
CA VAL C 87 17.24 -29.99 8.26
C VAL C 87 18.28 -29.46 7.28
N SER C 88 18.38 -30.10 6.11
CA SER C 88 19.36 -29.69 5.10
C SER C 88 18.84 -30.09 3.73
N LYS C 89 18.43 -29.10 2.94
CA LYS C 89 18.05 -29.31 1.55
C LYS C 89 19.25 -29.04 0.67
N LYS C 90 19.64 -30.02 -0.13
CA LYS C 90 20.73 -29.87 -1.09
C LYS C 90 20.17 -30.09 -2.49
N VAL C 91 20.24 -29.04 -3.32
CA VAL C 91 19.71 -29.07 -4.67
C VAL C 91 20.90 -29.12 -5.62
N THR C 92 21.20 -30.31 -6.15
CA THR C 92 22.28 -30.49 -7.11
C THR C 92 21.72 -30.49 -8.52
N SER C 93 22.54 -30.08 -9.48
CA SER C 93 22.10 -29.95 -10.86
C SER C 93 22.99 -30.76 -11.81
N LYS C 94 22.77 -30.60 -13.11
CA LYS C 94 23.48 -31.40 -14.10
C LYS C 94 24.89 -30.88 -14.37
N ASP C 95 25.12 -29.58 -14.22
CA ASP C 95 26.42 -28.97 -14.47
C ASP C 95 27.27 -28.86 -13.22
N LYS C 96 27.13 -29.80 -12.28
CA LYS C 96 27.86 -29.88 -11.01
C LYS C 96 27.46 -28.78 -10.03
N SER C 97 26.49 -27.95 -10.37
CA SER C 97 26.10 -26.83 -9.51
C SER C 97 25.21 -27.34 -8.39
N SER C 98 25.73 -27.33 -7.18
CA SER C 98 24.97 -27.71 -5.99
C SER C 98 24.70 -26.46 -5.14
N THR C 99 23.51 -26.40 -4.55
CA THR C 99 23.12 -25.31 -3.67
C THR C 99 22.57 -25.93 -2.39
N GLU C 100 23.44 -26.23 -1.44
CA GLU C 100 23.04 -26.83 -0.18
C GLU C 100 22.68 -25.74 0.82
N GLU C 101 21.61 -25.97 1.57
CA GLU C 101 21.16 -25.06 2.60
C GLU C 101 20.87 -25.83 3.88
N LYS C 102 21.13 -25.20 5.02
CA LYS C 102 20.81 -25.77 6.31
C LYS C 102 19.88 -24.82 7.05
N PHE C 103 18.99 -25.40 7.87
CA PHE C 103 17.85 -24.67 8.41
C PHE C 103 17.87 -24.68 9.93
N ASN C 104 17.35 -23.60 10.51
CA ASN C 104 17.34 -23.40 11.96
C ASN C 104 16.16 -24.14 12.58
N GLU C 105 15.89 -23.84 13.85
CA GLU C 105 14.77 -24.43 14.57
C GLU C 105 13.43 -23.78 14.26
N LYS C 106 13.41 -22.76 13.40
CA LYS C 106 12.19 -22.03 13.12
C LYS C 106 11.89 -21.87 11.63
N GLY C 107 12.69 -22.45 10.74
CA GLY C 107 12.35 -22.53 9.33
C GLY C 107 13.18 -21.67 8.41
N GLU C 108 14.00 -20.76 8.94
CA GLU C 108 14.80 -19.89 8.09
C GLU C 108 16.15 -20.52 7.79
N VAL C 109 16.78 -20.03 6.73
CA VAL C 109 18.04 -20.61 6.24
C VAL C 109 19.18 -20.19 7.15
N SER C 110 19.89 -21.17 7.69
CA SER C 110 21.05 -20.91 8.55
C SER C 110 22.33 -20.77 7.75
N GLU C 111 22.59 -21.71 6.83
CA GLU C 111 23.76 -21.67 5.97
C GLU C 111 23.32 -21.88 4.52
N LYS C 112 24.12 -21.34 3.59
CA LYS C 112 23.79 -21.44 2.17
C LYS C 112 25.11 -21.48 1.40
N ILE C 113 25.45 -22.65 0.85
CA ILE C 113 26.67 -22.84 0.10
C ILE C 113 26.29 -23.07 -1.36
N ILE C 114 26.80 -22.21 -2.24
CA ILE C 114 26.49 -22.30 -3.66
C ILE C 114 27.74 -22.73 -4.42
N THR C 115 27.89 -24.04 -4.62
CA THR C 115 28.98 -24.57 -5.43
C THR C 115 28.60 -24.43 -6.89
N ARG C 116 29.32 -23.57 -7.61
CA ARG C 116 29.01 -23.31 -9.01
C ARG C 116 29.46 -24.50 -9.88
N ALA C 117 29.36 -24.31 -11.20
CA ALA C 117 29.78 -25.36 -12.12
C ALA C 117 31.29 -25.54 -12.11
N ASP C 118 32.03 -24.44 -11.96
CA ASP C 118 33.49 -24.45 -12.02
C ASP C 118 34.14 -24.82 -10.69
N GLY C 119 33.36 -25.05 -9.63
CA GLY C 119 33.89 -25.38 -8.33
C GLY C 119 34.04 -24.21 -7.39
N THR C 120 33.79 -22.98 -7.86
CA THR C 120 33.92 -21.79 -7.03
C THR C 120 32.76 -21.74 -6.04
N ARG C 121 33.02 -22.14 -4.81
CA ARG C 121 31.98 -22.10 -3.78
C ARG C 121 31.74 -20.67 -3.32
N LEU C 122 30.59 -20.46 -2.68
CA LEU C 122 30.17 -19.15 -2.20
C LEU C 122 29.46 -19.38 -0.87
N GLU C 123 30.21 -19.26 0.23
CA GLU C 123 29.74 -19.69 1.54
C GLU C 123 29.02 -18.55 2.26
N TYR C 124 27.88 -18.89 2.87
CA TYR C 124 27.16 -18.00 3.78
C TYR C 124 27.04 -18.70 5.12
N THR C 125 27.53 -18.05 6.18
CA THR C 125 27.58 -18.66 7.49
C THR C 125 26.87 -17.79 8.52
N GLY C 126 26.35 -18.44 9.56
CA GLY C 126 25.77 -17.78 10.73
C GLY C 126 24.80 -16.67 10.42
N ILE C 127 23.81 -16.94 9.57
CA ILE C 127 22.87 -15.92 9.14
C ILE C 127 21.97 -15.51 10.30
N LYS C 128 21.85 -14.20 10.52
CA LYS C 128 20.96 -13.67 11.54
C LYS C 128 19.53 -13.62 11.01
N SER C 129 18.60 -13.26 11.90
CA SER C 129 17.18 -13.28 11.57
C SER C 129 16.75 -12.12 10.67
N ASP C 130 17.59 -11.09 10.52
CA ASP C 130 17.24 -9.91 9.74
C ASP C 130 17.90 -9.89 8.37
N GLY C 131 18.44 -11.02 7.92
CA GLY C 131 19.08 -11.09 6.63
C GLY C 131 20.50 -10.57 6.64
N SER C 132 21.29 -11.01 7.62
CA SER C 132 22.70 -10.64 7.73
C SER C 132 23.52 -11.87 8.07
N GLY C 133 24.68 -11.99 7.45
CA GLY C 133 25.52 -13.16 7.68
C GLY C 133 26.96 -12.89 7.30
N LYS C 134 27.76 -13.93 7.44
CA LYS C 134 29.20 -13.87 7.16
C LYS C 134 29.44 -14.63 5.85
N ALA C 135 29.65 -13.89 4.78
CA ALA C 135 29.79 -14.47 3.45
C ALA C 135 31.24 -14.53 3.01
N LYS C 136 31.50 -15.37 2.01
CA LYS C 136 32.82 -15.49 1.41
C LYS C 136 32.68 -16.14 0.04
N GLU C 137 33.44 -15.63 -0.93
CA GLU C 137 33.49 -16.20 -2.27
C GLU C 137 34.80 -16.97 -2.42
N VAL C 138 34.70 -18.27 -2.70
CA VAL C 138 35.87 -19.12 -2.82
C VAL C 138 36.25 -19.21 -4.30
N LEU C 139 37.38 -18.60 -4.64
CA LEU C 139 37.90 -18.66 -6.00
C LEU C 139 39.03 -19.68 -6.07
N LYS C 140 39.68 -19.75 -7.22
CA LYS C 140 40.81 -20.66 -7.43
C LYS C 140 42.06 -20.02 -6.84
N GLY C 141 42.48 -20.52 -5.66
CA GLY C 141 43.73 -20.13 -5.05
C GLY C 141 43.58 -19.23 -3.83
N TYR C 142 42.53 -18.41 -3.79
CA TYR C 142 42.34 -17.48 -2.68
C TYR C 142 40.89 -17.54 -2.22
N VAL C 143 40.66 -17.05 -1.00
CA VAL C 143 39.35 -17.07 -0.35
C VAL C 143 39.04 -15.65 0.10
N LEU C 144 38.07 -15.01 -0.54
CA LEU C 144 37.65 -13.67 -0.14
C LEU C 144 36.73 -13.75 1.08
N GLU C 145 36.37 -12.57 1.59
CA GLU C 145 35.46 -12.47 2.73
C GLU C 145 34.59 -11.24 2.58
N GLY C 146 33.59 -11.14 3.46
CA GLY C 146 32.67 -10.01 3.43
C GLY C 146 31.48 -10.26 4.32
N THR C 147 30.37 -9.63 3.97
CA THR C 147 29.11 -9.80 4.70
C THR C 147 27.97 -9.85 3.68
N LEU C 148 26.75 -9.84 4.17
CA LEU C 148 25.56 -9.90 3.34
C LEU C 148 24.44 -9.11 3.98
N THR C 149 23.98 -8.06 3.31
CA THR C 149 22.76 -7.37 3.68
C THR C 149 21.65 -7.75 2.71
N ALA C 150 20.43 -7.30 3.02
CA ALA C 150 19.28 -7.68 2.21
C ALA C 150 19.43 -7.23 0.76
N GLU C 151 20.03 -6.05 0.55
CA GLU C 151 20.18 -5.52 -0.80
C GLU C 151 21.15 -6.35 -1.63
N LYS C 152 22.38 -6.53 -1.13
CA LYS C 152 23.44 -7.11 -1.94
C LYS C 152 24.46 -7.78 -1.04
N THR C 153 25.32 -8.60 -1.66
CA THR C 153 26.49 -9.15 -1.01
C THR C 153 27.67 -8.22 -1.25
N THR C 154 28.45 -7.96 -0.21
CA THR C 154 29.57 -7.03 -0.28
C THR C 154 30.85 -7.76 0.10
N LEU C 155 31.77 -7.86 -0.84
CA LEU C 155 33.06 -8.52 -0.63
C LEU C 155 34.14 -7.46 -0.51
N VAL C 156 34.80 -7.40 0.64
CA VAL C 156 35.69 -6.31 0.99
C VAL C 156 37.11 -6.83 1.09
N VAL C 157 38.01 -6.26 0.30
CA VAL C 157 39.44 -6.55 0.34
C VAL C 157 40.16 -5.24 0.63
N LYS C 158 40.73 -5.12 1.83
CA LYS C 158 41.39 -3.90 2.27
C LYS C 158 42.91 -4.04 2.24
N GLU C 159 43.58 -2.91 2.05
CA GLU C 159 45.04 -2.84 2.18
C GLU C 159 45.40 -1.40 2.56
N GLY C 160 45.64 -1.18 3.85
CA GLY C 160 46.04 0.13 4.32
C GLY C 160 44.86 1.07 4.47
N THR C 161 44.72 2.00 3.52
CA THR C 161 43.60 2.91 3.48
C THR C 161 42.62 2.64 2.34
N VAL C 162 43.04 1.89 1.33
CA VAL C 162 42.17 1.52 0.21
C VAL C 162 41.39 0.27 0.59
N THR C 163 40.07 0.34 0.45
CA THR C 163 39.18 -0.79 0.74
C THR C 163 38.38 -1.11 -0.52
N LEU C 164 38.75 -2.19 -1.20
CA LEU C 164 38.03 -2.62 -2.38
C LEU C 164 36.74 -3.31 -1.97
N SER C 165 35.64 -2.95 -2.62
CA SER C 165 34.32 -3.48 -2.30
C SER C 165 33.71 -4.08 -3.55
N LYS C 166 33.34 -5.36 -3.46
CA LYS C 166 32.70 -6.09 -4.56
C LYS C 166 31.23 -6.28 -4.21
N ASN C 167 30.37 -5.48 -4.82
CA ASN C 167 28.93 -5.56 -4.59
C ASN C 167 28.32 -6.59 -5.54
N ILE C 168 27.81 -7.68 -4.98
CA ILE C 168 27.03 -8.66 -5.74
C ILE C 168 25.60 -8.55 -5.25
N SER C 169 24.70 -8.12 -6.13
CA SER C 169 23.31 -7.97 -5.76
C SER C 169 22.66 -9.34 -5.56
N LYS C 170 21.44 -9.32 -5.03
CA LYS C 170 20.66 -10.54 -4.93
C LYS C 170 20.02 -10.93 -6.25
N SER C 171 20.11 -10.08 -7.28
CA SER C 171 19.65 -10.40 -8.62
C SER C 171 20.77 -10.95 -9.50
N GLY C 172 22.02 -10.85 -9.06
CA GLY C 172 23.15 -11.37 -9.80
C GLY C 172 24.08 -10.33 -10.39
N GLU C 173 23.70 -9.05 -10.34
CA GLU C 173 24.55 -8.01 -10.92
C GLU C 173 25.82 -7.83 -10.09
N VAL C 174 26.95 -7.69 -10.79
CA VAL C 174 28.25 -7.54 -10.16
C VAL C 174 28.71 -6.10 -10.38
N SER C 175 28.83 -5.35 -9.29
CA SER C 175 29.37 -4.00 -9.31
C SER C 175 30.49 -3.92 -8.27
N VAL C 176 31.54 -3.17 -8.59
CA VAL C 176 32.71 -3.06 -7.73
C VAL C 176 33.01 -1.59 -7.49
N GLU C 177 32.94 -1.17 -6.24
CA GLU C 177 33.31 0.18 -5.83
C GLU C 177 34.63 0.14 -5.07
N LEU C 178 35.35 1.26 -5.13
CA LEU C 178 36.61 1.42 -4.41
C LEU C 178 36.55 2.68 -3.57
N ASN C 179 37.16 2.61 -2.39
CA ASN C 179 37.22 3.77 -1.49
C ASN C 179 38.62 3.83 -0.88
N ASP C 180 39.27 4.98 -1.02
CA ASP C 180 40.53 5.26 -0.36
C ASP C 180 40.33 6.42 0.59
N THR C 181 40.88 6.28 1.81
CA THR C 181 40.78 7.33 2.82
C THR C 181 42.04 8.21 2.86
N ASP C 182 42.71 8.34 1.72
CA ASP C 182 43.92 9.15 1.64
C ASP C 182 43.57 10.64 1.54
N SER C 183 44.56 11.48 1.83
CA SER C 183 44.39 12.93 1.75
C SER C 183 45.30 13.60 0.73
N SER C 184 46.45 13.01 0.40
CA SER C 184 47.35 13.58 -0.59
C SER C 184 46.79 13.33 -1.97
N ALA C 185 46.37 14.41 -2.65
CA ALA C 185 45.83 14.29 -4.01
C ALA C 185 46.84 13.72 -4.98
N ALA C 186 48.13 13.65 -4.62
CA ALA C 186 49.12 13.00 -5.47
C ALA C 186 49.15 11.50 -5.24
N THR C 187 48.76 11.04 -4.05
CA THR C 187 48.75 9.61 -3.74
C THR C 187 47.37 9.06 -3.46
N LYS C 188 46.32 9.88 -3.46
CA LYS C 188 44.97 9.36 -3.29
C LYS C 188 44.53 8.65 -4.56
N LYS C 189 43.76 7.58 -4.38
CA LYS C 189 43.47 6.62 -5.45
C LYS C 189 41.96 6.52 -5.63
N THR C 190 41.50 6.79 -6.84
CA THR C 190 40.10 6.69 -7.22
C THR C 190 39.91 5.51 -8.18
N ALA C 191 38.65 5.18 -8.45
CA ALA C 191 38.34 4.09 -9.36
C ALA C 191 36.95 4.30 -9.95
N ALA C 192 36.83 4.02 -11.25
CA ALA C 192 35.56 4.07 -11.95
C ALA C 192 35.20 2.67 -12.44
N TRP C 193 33.96 2.53 -12.90
CA TRP C 193 33.42 1.22 -13.25
C TRP C 193 32.66 1.29 -14.57
N ASN C 194 32.89 0.29 -15.42
CA ASN C 194 32.13 0.10 -16.65
C ASN C 194 31.48 -1.28 -16.58
N SER C 195 30.16 -1.31 -16.34
CA SER C 195 29.45 -2.57 -16.24
C SER C 195 29.47 -3.35 -17.55
N GLY C 196 29.74 -2.69 -18.67
CA GLY C 196 29.83 -3.38 -19.95
C GLY C 196 31.15 -4.09 -20.13
N THR C 197 32.25 -3.40 -19.84
CA THR C 197 33.57 -4.00 -19.93
C THR C 197 33.90 -4.89 -18.74
N SER C 198 33.16 -4.75 -17.64
CA SER C 198 33.42 -5.48 -16.39
C SER C 198 34.83 -5.19 -15.87
N THR C 199 35.36 -4.02 -16.20
CA THR C 199 36.70 -3.61 -15.78
C THR C 199 36.60 -2.49 -14.75
N LEU C 200 37.47 -2.54 -13.75
CA LEU C 200 37.57 -1.48 -12.75
C LEU C 200 38.82 -0.67 -13.05
N THR C 201 38.63 0.54 -13.55
CA THR C 201 39.74 1.42 -13.90
C THR C 201 40.13 2.26 -12.69
N ILE C 202 41.37 2.07 -12.22
CA ILE C 202 41.89 2.79 -11.06
C ILE C 202 42.68 3.99 -11.56
N THR C 203 42.58 5.11 -10.84
CA THR C 203 43.24 6.35 -11.21
C THR C 203 43.90 6.95 -9.97
N VAL C 204 45.13 7.46 -10.15
CA VAL C 204 45.89 8.11 -9.09
C VAL C 204 46.49 9.38 -9.65
N ASN C 205 46.26 10.51 -8.98
CA ASN C 205 46.84 11.80 -9.37
C ASN C 205 46.45 12.19 -10.79
N SER C 206 45.18 11.95 -11.14
CA SER C 206 44.67 12.17 -12.49
C SER C 206 45.50 11.41 -13.52
N LYS C 207 45.81 10.16 -13.20
CA LYS C 207 46.63 9.32 -14.07
C LYS C 207 46.24 7.87 -13.82
N LYS C 208 45.82 7.18 -14.88
CA LYS C 208 45.39 5.79 -14.75
C LYS C 208 46.58 4.89 -14.43
N THR C 209 46.36 3.95 -13.52
CA THR C 209 47.43 3.08 -13.03
C THR C 209 47.27 1.62 -13.44
N LYS C 210 46.05 1.08 -13.40
CA LYS C 210 45.84 -0.33 -13.73
C LYS C 210 44.36 -0.60 -13.94
N ASP C 211 44.08 -1.73 -14.57
CA ASP C 211 42.74 -2.28 -14.67
C ASP C 211 42.64 -3.54 -13.81
N LEU C 212 41.44 -3.77 -13.25
CA LEU C 212 41.17 -4.92 -12.41
C LEU C 212 39.89 -5.56 -12.93
N VAL C 213 40.03 -6.45 -13.92
CA VAL C 213 38.88 -7.03 -14.60
C VAL C 213 38.41 -8.25 -13.82
N PHE C 214 37.10 -8.35 -13.61
CA PHE C 214 36.49 -9.49 -12.93
C PHE C 214 35.88 -10.37 -14.02
N THR C 215 36.66 -11.35 -14.48
CA THR C 215 36.21 -12.21 -15.57
C THR C 215 34.94 -12.95 -15.20
N LYS C 216 34.17 -13.33 -16.22
CA LYS C 216 32.93 -14.07 -16.00
C LYS C 216 33.19 -15.39 -15.31
N GLU C 217 34.36 -15.99 -15.53
CA GLU C 217 34.69 -17.30 -14.96
C GLU C 217 35.38 -17.17 -13.60
N ASN C 218 34.79 -16.36 -12.72
CA ASN C 218 35.15 -16.29 -11.30
C ASN C 218 36.64 -16.09 -11.08
N THR C 219 37.24 -15.19 -11.86
CA THR C 219 38.65 -14.85 -11.71
C THR C 219 38.83 -13.35 -11.89
N ILE C 220 39.96 -12.85 -11.39
CA ILE C 220 40.29 -11.43 -11.42
C ILE C 220 41.61 -11.25 -12.15
N THR C 221 41.68 -10.24 -13.03
CA THR C 221 42.87 -9.98 -13.83
C THR C 221 43.35 -8.55 -13.61
N VAL C 222 44.63 -8.41 -13.32
CA VAL C 222 45.26 -7.10 -13.21
C VAL C 222 46.03 -6.80 -14.48
N GLN C 223 45.97 -5.55 -14.94
CA GLN C 223 46.75 -5.13 -16.10
C GLN C 223 47.07 -3.66 -15.94
N GLN C 224 48.36 -3.33 -15.93
CA GLN C 224 48.82 -1.98 -15.62
C GLN C 224 48.86 -1.12 -16.87
N TYR C 225 48.56 0.16 -16.70
CA TYR C 225 48.80 1.13 -17.75
C TYR C 225 50.28 1.52 -17.76
N ASP C 226 50.69 2.28 -18.78
CA ASP C 226 52.05 2.79 -18.80
C ASP C 226 52.18 3.95 -17.82
N SER C 227 53.42 4.42 -17.65
CA SER C 227 53.70 5.46 -16.65
C SER C 227 53.06 6.81 -16.99
N ASN C 228 52.43 6.94 -18.15
CA ASN C 228 51.75 8.17 -18.53
C ASN C 228 50.26 7.98 -18.74
N GLY C 229 49.71 6.81 -18.38
CA GLY C 229 48.28 6.60 -18.36
C GLY C 229 47.57 6.63 -19.70
N THR C 230 48.30 6.44 -20.80
CA THR C 230 47.66 6.47 -22.11
C THR C 230 46.96 5.14 -22.42
N LYS C 231 47.74 4.07 -22.51
CA LYS C 231 47.23 2.74 -22.83
C LYS C 231 47.82 1.73 -21.86
N LEU C 232 47.49 0.46 -22.08
CA LEU C 232 47.88 -0.61 -21.17
C LEU C 232 49.28 -1.14 -21.52
N GLU C 233 49.79 -2.00 -20.66
CA GLU C 233 51.09 -2.64 -20.87
C GLU C 233 50.99 -4.10 -20.46
N GLY C 234 51.87 -4.91 -21.04
CA GLY C 234 51.90 -6.33 -20.74
C GLY C 234 50.59 -7.02 -21.06
N SER C 235 50.30 -8.08 -20.32
CA SER C 235 49.07 -8.84 -20.48
C SER C 235 48.35 -8.94 -19.14
N ALA C 236 47.15 -9.52 -19.17
CA ALA C 236 46.36 -9.69 -17.97
C ALA C 236 46.91 -10.80 -17.10
N VAL C 237 46.84 -10.61 -15.79
CA VAL C 237 47.41 -11.52 -14.81
C VAL C 237 46.26 -12.15 -14.02
N GLU C 238 46.07 -13.46 -14.20
CA GLU C 238 45.10 -14.19 -13.40
C GLU C 238 45.61 -14.28 -11.96
N ILE C 239 44.88 -13.68 -11.03
CA ILE C 239 45.28 -13.68 -9.63
C ILE C 239 45.15 -15.09 -9.05
N THR C 240 46.13 -15.49 -8.28
CA THR C 240 46.15 -16.82 -7.65
C THR C 240 46.22 -16.77 -6.14
N LYS C 241 46.96 -15.83 -5.58
CA LYS C 241 47.03 -15.63 -4.14
C LYS C 241 46.29 -14.36 -3.75
N LEU C 242 45.84 -14.32 -2.49
CA LEU C 242 45.12 -13.14 -2.02
C LEU C 242 46.01 -11.90 -1.97
N ASP C 243 47.31 -12.08 -1.67
CA ASP C 243 48.22 -10.96 -1.59
C ASP C 243 48.47 -10.28 -2.93
N GLU C 244 48.09 -10.91 -4.04
CA GLU C 244 48.22 -10.25 -5.33
C GLU C 244 47.20 -9.13 -5.49
N ILE C 245 46.01 -9.29 -4.90
CA ILE C 245 45.03 -8.21 -4.89
C ILE C 245 45.54 -7.04 -4.05
N LYS C 246 45.99 -7.33 -2.83
CA LYS C 246 46.52 -6.29 -1.97
C LYS C 246 47.77 -5.64 -2.58
N ASN C 247 48.59 -6.44 -3.26
CA ASN C 247 49.74 -5.89 -3.99
C ASN C 247 49.30 -4.79 -4.95
N ALA C 248 48.17 -4.98 -5.61
CA ALA C 248 47.65 -3.99 -6.55
C ALA C 248 47.07 -2.76 -5.84
N LEU C 249 46.93 -2.80 -4.52
CA LEU C 249 46.37 -1.68 -3.77
C LEU C 249 47.43 -1.02 -2.89
N ALA D 1 -4.48 5.53 -4.39
CA ALA D 1 -3.92 6.87 -4.53
C ALA D 1 -4.36 7.51 -5.84
N ILE D 2 -4.07 8.79 -5.99
CA ILE D 2 -4.46 9.55 -7.17
C ILE D 2 -3.22 9.78 -8.03
N GLN D 3 -3.19 9.19 -9.22
CA GLN D 3 -2.18 9.53 -10.21
C GLN D 3 -2.54 10.85 -10.89
N LEU D 4 -1.51 11.59 -11.28
CA LEU D 4 -1.66 12.87 -11.96
C LEU D 4 -0.75 12.88 -13.19
N THR D 5 -1.34 12.97 -14.37
CA THR D 5 -0.61 12.95 -15.63
C THR D 5 -0.65 14.33 -16.27
N GLN D 6 0.52 14.91 -16.47
CA GLN D 6 0.64 16.18 -17.17
C GLN D 6 0.82 15.95 -18.67
N SER D 7 0.47 16.98 -19.44
CA SER D 7 0.61 16.95 -20.90
C SER D 7 0.55 18.37 -21.42
N PRO D 8 1.43 18.77 -22.36
CA PRO D 8 2.47 17.91 -22.95
C PRO D 8 3.66 17.72 -22.02
N SER D 9 4.68 16.99 -22.48
CA SER D 9 5.89 16.80 -21.69
C SER D 9 6.91 17.90 -21.98
N SER D 10 7.30 18.04 -23.24
CA SER D 10 8.10 19.16 -23.70
C SER D 10 7.24 20.09 -24.54
N LEU D 11 7.70 21.32 -24.69
CA LEU D 11 6.87 22.36 -25.29
C LEU D 11 7.77 23.52 -25.74
N SER D 12 7.69 23.87 -27.03
CA SER D 12 8.37 25.02 -27.58
C SER D 12 7.37 26.11 -27.92
N ALA D 13 7.81 27.36 -27.78
CA ALA D 13 7.01 28.53 -28.12
C ALA D 13 7.95 29.72 -28.18
N SER D 14 7.46 30.81 -28.76
CA SER D 14 8.23 32.04 -28.90
C SER D 14 7.72 33.10 -27.92
N VAL D 15 8.52 34.14 -27.72
CA VAL D 15 8.14 35.21 -26.81
C VAL D 15 6.88 35.89 -27.31
N GLY D 16 5.95 36.14 -26.39
CA GLY D 16 4.67 36.75 -26.72
C GLY D 16 3.55 35.77 -26.97
N ASP D 17 3.84 34.47 -26.98
CA ASP D 17 2.84 33.45 -27.29
C ASP D 17 1.92 33.23 -26.08
N ARG D 18 1.09 32.19 -26.15
CA ARG D 18 0.11 31.89 -25.12
C ARG D 18 0.06 30.37 -24.97
N VAL D 19 0.77 29.85 -23.97
CA VAL D 19 0.91 28.41 -23.77
C VAL D 19 -0.04 27.97 -22.67
N THR D 20 -0.51 26.73 -22.78
CA THR D 20 -1.40 26.12 -21.79
C THR D 20 -0.88 24.73 -21.45
N ILE D 21 -0.73 24.45 -20.16
CA ILE D 21 -0.38 23.12 -19.66
C ILE D 21 -1.62 22.53 -19.01
N THR D 22 -1.81 21.22 -19.18
CA THR D 22 -2.96 20.53 -18.63
C THR D 22 -2.52 19.51 -17.60
N CYS D 23 -3.40 19.27 -16.62
CA CYS D 23 -3.16 18.30 -15.56
C CYS D 23 -4.34 17.34 -15.53
N ARG D 24 -4.12 16.11 -15.98
CA ARG D 24 -5.16 15.09 -16.09
C ARG D 24 -5.13 14.21 -14.84
N ALA D 25 -6.23 14.18 -14.11
CA ALA D 25 -6.28 13.55 -12.79
C ALA D 25 -6.93 12.17 -12.87
N SER D 26 -6.38 11.24 -12.09
CA SER D 26 -6.95 9.88 -12.04
C SER D 26 -8.34 9.89 -11.43
N GLN D 27 -8.63 10.84 -10.54
CA GLN D 27 -9.93 10.98 -9.90
C GLN D 27 -10.45 12.39 -10.14
N GLY D 28 -11.63 12.67 -9.60
CA GLY D 28 -12.30 13.95 -9.82
C GLY D 28 -12.48 14.73 -8.54
N PHE D 29 -12.18 16.03 -8.60
CA PHE D 29 -12.37 16.94 -7.48
C PHE D 29 -12.54 18.35 -8.07
N SER D 30 -12.43 19.36 -7.22
CA SER D 30 -12.59 20.74 -7.67
C SER D 30 -11.76 21.67 -6.78
N SER D 31 -10.98 22.54 -7.41
CA SER D 31 -10.27 23.64 -6.74
C SER D 31 -9.29 23.13 -5.68
N ALA D 32 -8.74 21.94 -5.88
CA ALA D 32 -7.79 21.34 -4.96
C ALA D 32 -6.45 21.07 -5.64
N LEU D 33 -5.97 22.04 -6.43
CA LEU D 33 -4.77 21.85 -7.23
C LEU D 33 -3.84 23.04 -7.06
N ALA D 34 -2.54 22.77 -7.20
CA ALA D 34 -1.50 23.79 -7.13
C ALA D 34 -0.59 23.68 -8.33
N TRP D 35 0.10 24.78 -8.64
CA TRP D 35 0.99 24.85 -9.79
C TRP D 35 2.34 25.42 -9.34
N TYR D 36 3.42 24.73 -9.69
CA TYR D 36 4.75 25.10 -9.29
C TYR D 36 5.64 25.32 -10.51
N GLN D 37 6.73 26.06 -10.31
CA GLN D 37 7.68 26.38 -11.36
C GLN D 37 9.09 26.14 -10.83
N GLN D 38 9.82 25.25 -11.48
CA GLN D 38 11.20 24.93 -11.08
C GLN D 38 12.13 25.33 -12.22
N LYS D 39 12.69 26.52 -12.12
CA LYS D 39 13.70 26.97 -13.07
C LYS D 39 15.00 26.20 -12.83
N PRO D 40 15.85 26.06 -13.86
CA PRO D 40 17.07 25.26 -13.70
C PRO D 40 17.96 25.82 -12.59
N GLY D 41 18.39 24.94 -11.69
CA GLY D 41 19.24 25.29 -10.58
C GLY D 41 18.49 25.67 -9.32
N LYS D 42 17.27 26.19 -9.44
CA LYS D 42 16.51 26.69 -8.31
C LYS D 42 15.48 25.66 -7.85
N ALA D 43 14.68 26.05 -6.85
CA ALA D 43 13.64 25.26 -6.22
C ALA D 43 12.27 25.65 -6.80
N PRO D 44 11.26 24.80 -6.64
CA PRO D 44 9.92 25.16 -7.12
C PRO D 44 9.38 26.39 -6.40
N LYS D 45 8.71 27.25 -7.17
CA LYS D 45 8.04 28.43 -6.63
C LYS D 45 6.53 28.24 -6.79
N LEU D 46 5.78 28.63 -5.76
CA LEU D 46 4.32 28.52 -5.80
C LEU D 46 3.76 29.53 -6.78
N LEU D 47 3.15 29.05 -7.86
CA LEU D 47 2.51 29.92 -8.84
C LEU D 47 1.04 30.17 -8.52
N ILE D 48 0.26 29.10 -8.36
CA ILE D 48 -1.19 29.20 -8.25
C ILE D 48 -1.68 28.16 -7.24
N TYR D 49 -2.61 28.57 -6.38
CA TYR D 49 -3.23 27.69 -5.40
C TYR D 49 -4.74 27.69 -5.58
N ASP D 50 -5.37 26.60 -5.13
CA ASP D 50 -6.81 26.37 -5.31
C ASP D 50 -7.22 26.34 -6.78
N ALA D 51 -6.25 26.06 -7.67
CA ALA D 51 -6.48 25.79 -9.09
C ALA D 51 -6.89 27.03 -9.87
N SER D 52 -7.16 28.14 -9.17
CA SER D 52 -7.49 29.39 -9.86
C SER D 52 -6.87 30.64 -9.25
N SER D 53 -6.34 30.60 -8.02
CA SER D 53 -5.96 31.80 -7.29
C SER D 53 -4.47 32.06 -7.48
N LEU D 54 -4.14 33.19 -8.08
CA LEU D 54 -2.75 33.59 -8.27
C LEU D 54 -2.20 34.19 -6.98
N GLU D 55 -0.95 33.85 -6.66
CA GLU D 55 -0.29 34.37 -5.47
C GLU D 55 0.45 35.65 -5.81
N SER D 56 0.30 36.67 -4.96
CA SER D 56 1.01 37.93 -5.15
C SER D 56 2.51 37.68 -5.14
N GLY D 57 3.22 38.42 -5.99
CA GLY D 57 4.63 38.20 -6.21
C GLY D 57 4.97 37.51 -7.51
N VAL D 58 3.98 36.91 -8.17
CA VAL D 58 4.15 36.37 -9.52
C VAL D 58 3.36 37.25 -10.47
N PRO D 59 3.82 37.45 -11.70
CA PRO D 59 3.16 38.42 -12.59
C PRO D 59 1.73 38.01 -12.93
N SER D 60 0.94 39.01 -13.33
CA SER D 60 -0.47 38.79 -13.65
C SER D 60 -0.67 37.97 -14.91
N ARG D 61 0.38 37.69 -15.66
CA ARG D 61 0.28 36.92 -16.90
C ARG D 61 0.17 35.43 -16.67
N PHE D 62 0.03 34.99 -15.42
CA PHE D 62 -0.18 33.59 -15.09
C PHE D 62 -1.61 33.38 -14.64
N SER D 63 -2.24 32.31 -15.12
CA SER D 63 -3.63 32.03 -14.76
C SER D 63 -3.85 30.52 -14.75
N GLY D 64 -4.80 30.10 -13.93
CA GLY D 64 -5.15 28.70 -13.84
C GLY D 64 -6.64 28.53 -13.72
N SER D 65 -7.14 27.43 -14.28
CA SER D 65 -8.57 27.17 -14.30
C SER D 65 -8.80 25.69 -14.55
N GLY D 66 -10.02 25.25 -14.24
CA GLY D 66 -10.38 23.85 -14.43
C GLY D 66 -11.20 23.29 -13.30
N SER D 67 -11.83 22.15 -13.54
CA SER D 67 -12.63 21.46 -12.53
C SER D 67 -12.70 19.99 -12.91
N GLY D 68 -13.27 19.18 -12.02
CA GLY D 68 -13.43 17.77 -12.29
C GLY D 68 -12.11 17.05 -12.52
N THR D 69 -11.85 16.67 -13.77
CA THR D 69 -10.70 15.87 -14.13
C THR D 69 -9.58 16.63 -14.82
N ASP D 70 -9.89 17.71 -15.54
CA ASP D 70 -8.89 18.43 -16.33
C ASP D 70 -8.71 19.83 -15.77
N PHE D 71 -7.46 20.18 -15.44
CA PHE D 71 -7.09 21.52 -15.02
C PHE D 71 -6.07 22.09 -16.00
N THR D 72 -5.89 23.41 -15.97
CA THR D 72 -5.08 24.07 -16.98
C THR D 72 -4.34 25.26 -16.40
N LEU D 73 -3.03 25.30 -16.62
CA LEU D 73 -2.20 26.46 -16.32
C LEU D 73 -1.89 27.19 -17.63
N THR D 74 -2.06 28.51 -17.63
CA THR D 74 -1.97 29.30 -18.85
C THR D 74 -1.09 30.51 -18.63
N ILE D 75 -0.19 30.77 -19.59
CA ILE D 75 0.67 31.94 -19.59
C ILE D 75 0.18 32.89 -20.69
N SER D 76 0.01 34.16 -20.33
CA SER D 76 -0.62 35.12 -21.23
C SER D 76 0.33 35.57 -22.34
N SER D 77 1.48 36.15 -21.96
CA SER D 77 2.47 36.63 -22.93
C SER D 77 3.82 36.06 -22.50
N LEU D 78 4.18 34.91 -23.10
CA LEU D 78 5.36 34.18 -22.68
C LEU D 78 6.62 35.05 -22.75
N GLN D 79 7.51 34.86 -21.78
CA GLN D 79 8.76 35.59 -21.67
C GLN D 79 9.91 34.60 -21.52
N PRO D 80 11.12 34.98 -21.93
CA PRO D 80 12.26 34.05 -21.80
C PRO D 80 12.53 33.61 -20.37
N GLU D 81 12.22 34.45 -19.39
CA GLU D 81 12.41 34.10 -17.99
C GLU D 81 11.52 32.94 -17.56
N ASP D 82 10.48 32.62 -18.33
CA ASP D 82 9.54 31.57 -17.98
C ASP D 82 10.06 30.17 -18.33
N PHE D 83 11.28 30.05 -18.86
CA PHE D 83 11.87 28.75 -19.13
C PHE D 83 12.03 27.97 -17.83
N ALA D 84 11.26 26.89 -17.67
CA ALA D 84 11.30 26.09 -16.46
C ALA D 84 10.50 24.81 -16.69
N THR D 85 10.42 23.99 -15.66
CA THR D 85 9.59 22.79 -15.64
C THR D 85 8.44 23.01 -14.67
N TYR D 86 7.22 22.71 -15.12
CA TYR D 86 6.02 23.03 -14.37
C TYR D 86 5.36 21.76 -13.86
N TYR D 87 4.96 21.75 -12.59
CA TYR D 87 4.32 20.62 -11.95
C TYR D 87 2.96 21.04 -11.41
N CYS D 88 2.02 20.10 -11.43
CA CYS D 88 0.74 20.26 -10.73
C CYS D 88 0.69 19.32 -9.55
N GLN D 89 -0.12 19.67 -8.56
CA GLN D 89 -0.23 18.89 -7.34
C GLN D 89 -1.65 18.96 -6.81
N GLN D 90 -2.17 17.83 -6.35
CA GLN D 90 -3.49 17.76 -5.74
C GLN D 90 -3.36 17.65 -4.23
N PHE D 91 -4.34 18.21 -3.52
CA PHE D 91 -4.45 18.08 -2.08
C PHE D 91 -5.87 17.74 -1.66
N ASN D 92 -6.52 16.87 -2.43
CA ASN D 92 -7.84 16.37 -2.07
C ASN D 92 -7.76 15.05 -1.30
N SER D 93 -7.10 14.05 -1.88
CA SER D 93 -6.91 12.76 -1.25
C SER D 93 -5.48 12.67 -0.72
N TYR D 94 -5.33 12.47 0.60
CA TYR D 94 -3.92 12.30 0.96
C TYR D 94 -3.51 10.84 0.78
N PRO D 95 -2.24 10.57 0.42
CA PRO D 95 -1.09 11.48 0.32
C PRO D 95 -1.11 12.43 -0.86
N LEU D 96 -0.33 13.52 -0.75
CA LEU D 96 -0.13 14.43 -1.86
C LEU D 96 0.53 13.70 -3.03
N THR D 97 0.25 14.17 -4.24
CA THR D 97 0.88 13.63 -5.44
C THR D 97 1.16 14.79 -6.40
N PHE D 98 2.26 14.65 -7.14
CA PHE D 98 2.68 15.62 -8.13
C PHE D 98 2.57 15.02 -9.54
N GLY D 99 2.69 15.88 -10.53
CA GLY D 99 2.81 15.42 -11.90
C GLY D 99 4.25 15.17 -12.29
N GLY D 100 4.43 14.46 -13.41
CA GLY D 100 5.77 14.16 -13.89
C GLY D 100 6.55 15.36 -14.39
N GLY D 101 5.89 16.50 -14.56
CA GLY D 101 6.51 17.72 -15.04
C GLY D 101 6.12 18.04 -16.47
N THR D 102 6.41 19.29 -16.85
CA THR D 102 6.16 19.76 -18.21
C THR D 102 7.22 20.82 -18.50
N LYS D 103 8.23 20.45 -19.27
CA LYS D 103 9.26 21.40 -19.66
C LYS D 103 8.71 22.42 -20.65
N VAL D 104 9.20 23.65 -20.54
CA VAL D 104 8.76 24.75 -21.40
C VAL D 104 9.99 25.38 -22.03
N GLU D 105 10.02 25.42 -23.36
CA GLU D 105 11.19 25.85 -24.11
C GLU D 105 10.85 27.08 -24.94
N ILE D 106 11.82 27.98 -25.08
CA ILE D 106 11.64 29.25 -25.78
C ILE D 106 12.34 29.15 -27.13
N LYS D 107 11.57 29.32 -28.20
CA LYS D 107 12.14 29.37 -29.55
C LYS D 107 12.77 30.74 -29.80
N ARG D 108 14.06 30.75 -30.11
CA ARG D 108 14.78 31.98 -30.38
C ARG D 108 15.18 32.04 -31.85
N THR D 109 15.65 33.22 -32.28
CA THR D 109 16.30 33.31 -33.57
C THR D 109 17.68 32.68 -33.50
N VAL D 110 18.22 32.34 -34.67
CA VAL D 110 19.51 31.65 -34.72
C VAL D 110 20.61 32.63 -34.36
N ALA D 111 21.54 32.18 -33.50
CA ALA D 111 22.66 33.00 -33.06
C ALA D 111 23.95 32.21 -33.20
N ALA D 112 24.93 32.80 -33.89
CA ALA D 112 26.22 32.15 -34.04
C ALA D 112 27.03 32.29 -32.74
N PRO D 113 27.75 31.23 -32.33
CA PRO D 113 28.46 31.29 -31.06
C PRO D 113 29.75 32.09 -31.15
N SER D 114 30.04 32.81 -30.06
CA SER D 114 31.38 33.36 -29.86
C SER D 114 32.26 32.26 -29.27
N VAL D 115 33.45 32.06 -29.84
CA VAL D 115 34.30 30.94 -29.49
C VAL D 115 35.59 31.46 -28.86
N PHE D 116 35.97 30.87 -27.73
CA PHE D 116 37.22 31.18 -27.05
C PHE D 116 38.00 29.90 -26.82
N ILE D 117 39.31 30.07 -26.58
CA ILE D 117 40.19 28.95 -26.26
C ILE D 117 41.03 29.35 -25.05
N PHE D 118 41.50 28.36 -24.30
CA PHE D 118 42.23 28.61 -23.07
C PHE D 118 43.41 27.67 -22.92
N PRO D 119 44.54 28.16 -22.43
CA PRO D 119 45.69 27.30 -22.16
C PRO D 119 45.62 26.72 -20.75
N PRO D 120 46.28 25.59 -20.52
CA PRO D 120 46.31 25.04 -19.15
C PRO D 120 47.11 25.94 -18.22
N SER D 121 46.60 26.08 -17.00
CA SER D 121 47.25 26.94 -16.02
C SER D 121 48.59 26.37 -15.59
N ASP D 122 49.53 27.27 -15.28
CA ASP D 122 50.85 26.83 -14.86
C ASP D 122 50.81 26.12 -13.51
N GLU D 123 49.80 26.42 -12.69
CA GLU D 123 49.63 25.66 -11.46
C GLU D 123 49.13 24.26 -11.73
N GLN D 124 48.38 24.06 -12.81
CA GLN D 124 47.97 22.72 -13.21
C GLN D 124 49.15 21.93 -13.75
N LEU D 125 50.16 22.61 -14.31
CA LEU D 125 51.31 21.91 -14.85
C LEU D 125 52.18 21.30 -13.76
N LYS D 126 52.13 21.84 -12.55
CA LYS D 126 52.83 21.21 -11.43
C LYS D 126 52.10 19.97 -10.91
N SER D 127 51.01 19.57 -11.56
CA SER D 127 50.26 18.36 -11.21
C SER D 127 50.44 17.24 -12.21
N GLY D 128 51.29 17.41 -13.22
CA GLY D 128 51.48 16.38 -14.22
C GLY D 128 50.31 16.21 -15.16
N THR D 129 49.45 17.21 -15.30
CA THR D 129 48.28 17.14 -16.16
C THR D 129 47.97 18.53 -16.70
N ALA D 130 47.30 18.55 -17.86
CA ALA D 130 46.96 19.80 -18.53
C ALA D 130 45.59 19.67 -19.16
N SER D 131 44.78 20.72 -19.01
CA SER D 131 43.42 20.74 -19.53
C SER D 131 43.24 21.94 -20.46
N VAL D 132 42.85 21.66 -21.70
CA VAL D 132 42.56 22.69 -22.69
C VAL D 132 41.04 22.77 -22.85
N VAL D 133 40.50 23.98 -22.73
CA VAL D 133 39.06 24.21 -22.69
C VAL D 133 38.67 25.07 -23.87
N CYS D 134 37.68 24.61 -24.64
CA CYS D 134 37.08 25.38 -25.72
C CYS D 134 35.68 25.80 -25.30
N LEU D 135 35.30 27.03 -25.67
CA LEU D 135 34.05 27.61 -25.19
C LEU D 135 33.20 28.07 -26.36
N LEU D 136 31.93 27.67 -26.36
CA LEU D 136 30.93 28.19 -27.29
C LEU D 136 29.90 28.96 -26.46
N ASN D 137 29.81 30.26 -26.72
CA ASN D 137 29.09 31.19 -25.84
C ASN D 137 27.90 31.79 -26.56
N ASN D 138 26.72 31.68 -25.94
CA ASN D 138 25.52 32.41 -26.35
C ASN D 138 25.14 32.12 -27.81
N PHE D 139 24.79 30.85 -28.06
CA PHE D 139 24.38 30.42 -29.39
C PHE D 139 23.02 29.75 -29.34
N TYR D 140 22.42 29.59 -30.53
CA TYR D 140 21.13 28.93 -30.72
C TYR D 140 21.03 28.50 -32.17
N PRO D 141 20.58 27.27 -32.45
CA PRO D 141 20.08 26.30 -31.47
C PRO D 141 21.16 25.47 -30.79
N ARG D 142 20.73 24.41 -30.10
CA ARG D 142 21.63 23.67 -29.22
C ARG D 142 22.61 22.80 -29.98
N GLU D 143 22.23 22.31 -31.16
CA GLU D 143 23.10 21.40 -31.91
C GLU D 143 24.33 22.13 -32.41
N ALA D 144 25.51 21.58 -32.09
CA ALA D 144 26.78 22.16 -32.49
C ALA D 144 27.85 21.09 -32.46
N LYS D 145 28.82 21.20 -33.36
CA LYS D 145 29.91 20.25 -33.49
C LYS D 145 31.21 20.86 -32.99
N VAL D 146 31.95 20.11 -32.19
CA VAL D 146 33.24 20.54 -31.68
C VAL D 146 34.25 19.44 -31.98
N GLN D 147 35.31 19.80 -32.71
CA GLN D 147 36.38 18.87 -33.07
C GLN D 147 37.71 19.39 -32.57
N TRP D 148 38.51 18.51 -31.98
CA TRP D 148 39.80 18.88 -31.40
C TRP D 148 40.92 18.49 -32.35
N LYS D 149 41.57 19.50 -32.94
CA LYS D 149 42.77 19.30 -33.74
C LYS D 149 43.98 19.65 -32.87
N VAL D 150 44.77 18.64 -32.54
CA VAL D 150 45.94 18.80 -31.68
C VAL D 150 47.18 18.74 -32.56
N ASP D 151 47.82 19.90 -32.76
CA ASP D 151 48.98 20.02 -33.63
C ASP D 151 48.67 19.50 -35.03
N ASN D 152 47.48 19.86 -35.53
CA ASN D 152 46.90 19.45 -36.81
C ASN D 152 46.51 17.98 -36.82
N ALA D 153 46.71 17.24 -35.73
CA ALA D 153 46.31 15.85 -35.63
C ALA D 153 45.04 15.74 -34.81
N LEU D 154 44.04 15.04 -35.36
CA LEU D 154 42.76 14.91 -34.69
C LEU D 154 42.89 14.05 -33.43
N GLN D 155 41.90 14.17 -32.55
CA GLN D 155 41.83 13.38 -31.33
C GLN D 155 40.39 13.01 -31.05
N SER D 156 40.16 11.77 -30.64
CA SER D 156 38.83 11.24 -30.38
C SER D 156 38.72 10.81 -28.93
N GLY D 157 37.55 11.05 -28.34
CA GLY D 157 37.25 10.54 -27.02
C GLY D 157 37.79 11.36 -25.87
N ASN D 158 39.04 11.83 -25.98
CA ASN D 158 39.69 12.49 -24.86
C ASN D 158 39.21 13.94 -24.74
N SER D 159 37.90 14.12 -24.69
CA SER D 159 37.29 15.41 -24.43
C SER D 159 35.90 15.17 -23.86
N GLN D 160 35.41 16.15 -23.11
CA GLN D 160 34.07 16.07 -22.54
C GLN D 160 33.36 17.40 -22.73
N GLU D 161 32.06 17.33 -22.92
CA GLU D 161 31.25 18.48 -23.29
C GLU D 161 30.11 18.66 -22.31
N SER D 162 29.70 19.91 -22.14
CA SER D 162 28.60 20.26 -21.24
C SER D 162 27.91 21.50 -21.79
N VAL D 163 26.58 21.45 -21.88
CA VAL D 163 25.78 22.56 -22.38
C VAL D 163 24.93 23.10 -21.24
N THR D 164 24.73 24.41 -21.24
CA THR D 164 23.83 25.04 -20.30
C THR D 164 22.39 24.87 -20.76
N GLU D 165 21.46 25.25 -19.89
CA GLU D 165 20.08 25.43 -20.31
C GLU D 165 19.91 26.83 -20.88
N GLN D 166 18.69 27.17 -21.27
CA GLN D 166 18.42 28.47 -21.85
C GLN D 166 18.56 29.57 -20.80
N ASP D 167 19.37 30.57 -21.12
CA ASP D 167 19.53 31.71 -20.22
C ASP D 167 18.21 32.44 -20.06
N SER D 168 17.89 32.81 -18.82
CA SER D 168 16.59 33.40 -18.50
C SER D 168 16.35 34.73 -19.19
N LYS D 169 17.39 35.36 -19.77
CA LYS D 169 17.26 36.67 -20.40
C LYS D 169 17.18 36.59 -21.92
N ASP D 170 18.19 35.98 -22.56
CA ASP D 170 18.27 35.96 -24.02
C ASP D 170 17.95 34.61 -24.64
N SER D 171 17.76 33.56 -23.83
CA SER D 171 17.33 32.24 -24.31
C SER D 171 18.37 31.55 -25.18
N THR D 172 19.65 31.86 -24.98
CA THR D 172 20.71 31.22 -25.74
C THR D 172 21.27 30.01 -24.99
N TYR D 173 22.11 29.25 -25.67
CA TYR D 173 22.85 28.15 -25.06
C TYR D 173 24.34 28.48 -25.00
N SER D 174 25.05 27.74 -24.15
CA SER D 174 26.50 27.82 -24.07
C SER D 174 27.06 26.41 -23.87
N LEU D 175 28.24 26.17 -24.45
CA LEU D 175 28.84 24.86 -24.45
C LEU D 175 30.32 24.98 -24.10
N SER D 176 30.85 23.93 -23.47
CA SER D 176 32.26 23.88 -23.10
C SER D 176 32.81 22.49 -23.44
N SER D 177 33.94 22.46 -24.14
CA SER D 177 34.65 21.23 -24.44
C SER D 177 36.02 21.27 -23.76
N THR D 178 36.34 20.22 -23.01
CA THR D 178 37.56 20.17 -22.21
C THR D 178 38.47 19.07 -22.74
N LEU D 179 39.64 19.46 -23.23
CA LEU D 179 40.64 18.52 -23.71
C LEU D 179 41.56 18.14 -22.55
N THR D 180 41.53 16.87 -22.15
CA THR D 180 42.30 16.39 -21.00
C THR D 180 43.32 15.36 -21.48
N LEU D 181 44.60 15.69 -21.34
CA LEU D 181 45.68 14.74 -21.59
C LEU D 181 46.84 15.06 -20.65
N SER D 182 47.66 14.06 -20.37
CA SER D 182 48.72 14.19 -19.38
C SER D 182 49.76 15.22 -19.84
N LYS D 183 50.59 15.63 -18.88
CA LYS D 183 51.58 16.68 -19.14
C LYS D 183 52.64 16.22 -20.13
N ALA D 184 52.94 14.92 -20.17
CA ALA D 184 53.92 14.41 -21.12
C ALA D 184 53.45 14.63 -22.55
N ASP D 185 52.20 14.27 -22.84
CA ASP D 185 51.66 14.47 -24.18
C ASP D 185 51.46 15.95 -24.51
N TYR D 186 51.45 16.82 -23.50
CA TYR D 186 51.25 18.25 -23.73
C TYR D 186 52.56 18.96 -24.08
N GLU D 187 53.66 18.61 -23.41
CA GLU D 187 54.94 19.26 -23.68
C GLU D 187 55.46 18.93 -25.06
N LYS D 188 55.06 17.78 -25.63
CA LYS D 188 55.59 17.34 -26.91
C LYS D 188 55.19 18.27 -28.04
N HIS D 189 53.94 18.72 -28.06
CA HIS D 189 53.34 19.32 -29.24
C HIS D 189 53.32 20.85 -29.12
N LYS D 190 53.04 21.48 -30.27
CA LYS D 190 53.12 22.94 -30.39
C LYS D 190 51.75 23.61 -30.31
N VAL D 191 50.82 23.23 -31.19
CA VAL D 191 49.58 23.96 -31.38
C VAL D 191 48.40 23.11 -30.92
N TYR D 192 47.38 23.79 -30.40
CA TYR D 192 46.13 23.16 -29.98
C TYR D 192 44.96 23.97 -30.54
N ALA D 193 44.13 23.34 -31.37
CA ALA D 193 43.11 24.04 -32.12
C ALA D 193 41.72 23.46 -31.83
N CYS D 194 40.70 24.27 -32.06
CA CYS D 194 39.31 23.92 -31.79
C CYS D 194 38.47 24.32 -33.00
N GLU D 195 37.88 23.33 -33.68
CA GLU D 195 37.09 23.55 -34.88
C GLU D 195 35.61 23.47 -34.54
N VAL D 196 34.85 24.49 -34.93
CA VAL D 196 33.46 24.64 -34.54
C VAL D 196 32.58 24.69 -35.78
N THR D 197 31.45 23.98 -35.74
CA THR D 197 30.44 24.02 -36.78
C THR D 197 29.08 24.22 -36.13
N HIS D 198 28.34 25.22 -36.61
CA HIS D 198 27.03 25.54 -36.05
C HIS D 198 26.14 26.10 -37.14
N GLN D 199 24.83 25.94 -36.94
CA GLN D 199 23.85 26.41 -37.91
C GLN D 199 24.00 27.91 -38.19
N GLY D 200 24.46 28.66 -37.21
CA GLY D 200 24.70 30.08 -37.40
C GLY D 200 26.03 30.43 -38.03
N LEU D 201 26.81 29.43 -38.43
CA LEU D 201 28.14 29.66 -39.01
C LEU D 201 28.08 29.45 -40.52
N SER D 202 28.52 30.47 -41.27
CA SER D 202 28.64 30.32 -42.72
C SER D 202 29.77 29.38 -43.08
N SER D 203 30.81 29.30 -42.24
CA SER D 203 31.95 28.42 -42.46
C SER D 203 32.60 28.16 -41.12
N PRO D 204 33.14 26.96 -40.90
CA PRO D 204 33.74 26.64 -39.60
C PRO D 204 34.94 27.53 -39.30
N VAL D 205 34.86 28.24 -38.17
CA VAL D 205 35.96 29.07 -37.67
C VAL D 205 36.74 28.27 -36.66
N THR D 206 38.04 28.59 -36.54
CA THR D 206 38.95 27.84 -35.69
C THR D 206 39.71 28.78 -34.77
N LYS D 207 39.91 28.34 -33.52
CA LYS D 207 40.68 29.08 -32.53
C LYS D 207 41.83 28.22 -32.05
N SER D 208 43.02 28.83 -31.93
CA SER D 208 44.22 28.08 -31.58
C SER D 208 45.18 28.96 -30.80
N PHE D 209 46.18 28.31 -30.20
CA PHE D 209 47.33 28.99 -29.61
C PHE D 209 48.50 28.02 -29.68
N ASN D 210 49.67 28.49 -29.24
CA ASN D 210 50.90 27.71 -29.34
C ASN D 210 51.49 27.46 -27.96
N ARG D 211 52.16 26.32 -27.82
CA ARG D 211 52.82 25.95 -26.58
C ARG D 211 53.80 27.02 -26.14
N GLY D 212 53.56 27.60 -24.97
CA GLY D 212 54.40 28.65 -24.44
C GLY D 212 54.11 30.01 -25.04
N GLU E 1 11.21 37.90 2.92
CA GLU E 1 10.99 37.87 4.37
C GLU E 1 10.97 36.43 4.88
N VAL E 2 9.93 35.69 4.50
CA VAL E 2 9.85 34.27 4.86
C VAL E 2 10.99 33.53 4.19
N GLN E 3 11.86 32.93 5.00
CA GLN E 3 13.02 32.22 4.50
C GLN E 3 13.12 30.85 5.17
N LEU E 4 13.71 29.90 4.45
CA LEU E 4 13.84 28.52 4.92
C LEU E 4 15.24 28.05 4.53
N VAL E 5 16.16 28.08 5.50
CA VAL E 5 17.56 27.74 5.27
C VAL E 5 17.78 26.30 5.68
N GLN E 6 18.42 25.53 4.82
CA GLN E 6 18.59 24.09 4.99
C GLN E 6 20.03 23.75 5.31
N SER E 7 20.23 22.53 5.81
CA SER E 7 21.57 22.00 6.02
C SER E 7 22.30 21.90 4.69
N GLY E 8 23.63 21.98 4.76
CA GLY E 8 24.44 21.77 3.58
C GLY E 8 24.33 20.35 3.06
N ALA E 9 24.83 20.17 1.83
CA ALA E 9 24.87 18.84 1.23
C ALA E 9 25.73 17.91 2.06
N GLU E 10 25.51 16.61 1.89
CA GLU E 10 26.16 15.62 2.74
C GLU E 10 26.58 14.41 1.92
N VAL E 11 27.43 13.59 2.54
CA VAL E 11 27.88 12.33 1.98
C VAL E 11 27.74 11.27 3.07
N LYS E 12 27.12 10.14 2.74
CA LYS E 12 26.99 9.05 3.69
C LYS E 12 27.40 7.74 3.01
N LYS E 13 27.32 6.66 3.77
CA LYS E 13 27.57 5.31 3.29
C LYS E 13 26.38 4.44 3.66
N PRO E 14 26.09 3.40 2.87
CA PRO E 14 24.96 2.52 3.19
C PRO E 14 25.08 1.93 4.58
N GLY E 15 24.15 2.32 5.45
CA GLY E 15 24.13 1.89 6.83
C GLY E 15 24.29 3.01 7.84
N GLU E 16 24.71 4.19 7.40
CA GLU E 16 24.94 5.32 8.31
C GLU E 16 23.64 6.08 8.55
N SER E 17 23.48 6.57 9.78
CA SER E 17 22.39 7.48 10.10
C SER E 17 22.61 8.82 9.42
N LEU E 18 21.55 9.64 9.38
CA LEU E 18 21.66 10.97 8.83
C LEU E 18 20.51 11.82 9.36
N LYS E 19 20.85 13.05 9.74
CA LYS E 19 19.88 14.03 10.24
C LYS E 19 20.18 15.35 9.56
N ILE E 20 19.23 15.87 8.79
CA ILE E 20 19.36 17.15 8.11
C ILE E 20 18.28 18.09 8.62
N SER E 21 18.60 19.38 8.65
CA SER E 21 17.79 20.36 9.34
C SER E 21 17.33 21.46 8.37
N CYS E 22 16.31 22.21 8.79
CA CYS E 22 15.82 23.36 8.05
C CYS E 22 15.50 24.45 9.05
N GLN E 23 16.11 25.61 8.88
CA GLN E 23 16.03 26.68 9.87
C GLN E 23 15.11 27.77 9.31
N SER E 24 14.10 28.13 10.09
CA SER E 24 13.00 28.95 9.60
C SER E 24 13.12 30.37 10.14
N SER E 25 12.87 31.34 9.27
CA SER E 25 12.87 32.74 9.67
C SER E 25 11.86 33.48 8.82
N GLY E 26 11.20 34.46 9.43
CA GLY E 26 10.32 35.37 8.72
C GLY E 26 8.85 35.19 9.02
N TYR E 27 8.46 34.09 9.67
CA TYR E 27 7.07 33.88 10.03
C TYR E 27 6.99 33.25 11.40
N ARG E 28 5.78 33.27 11.95
CA ARG E 28 5.47 32.64 13.24
C ARG E 28 5.58 31.14 13.06
N PHE E 29 6.69 30.57 13.54
CA PHE E 29 7.08 29.21 13.20
C PHE E 29 6.04 28.18 13.64
N THR E 30 5.30 28.46 14.71
CA THR E 30 4.48 27.43 15.32
C THR E 30 3.02 27.52 14.90
N ILE E 31 2.70 28.18 13.78
CA ILE E 31 1.33 28.18 13.30
C ILE E 31 1.23 27.87 11.80
N TYR E 32 2.32 27.42 11.20
CA TYR E 32 2.29 26.91 9.84
C TYR E 32 2.94 25.54 9.80
N TRP E 33 2.47 24.71 8.87
CA TRP E 33 3.01 23.37 8.71
C TRP E 33 4.40 23.41 8.09
N ILE E 34 5.18 22.36 8.34
CA ILE E 34 6.51 22.19 7.79
C ILE E 34 6.70 20.74 7.39
N GLY E 35 7.18 20.51 6.18
CA GLY E 35 7.38 19.16 5.68
C GLY E 35 8.63 18.95 4.87
N TRP E 36 8.76 17.77 4.25
CA TRP E 36 9.93 17.41 3.47
C TRP E 36 9.49 16.76 2.17
N VAL E 37 10.04 17.25 1.05
CA VAL E 37 9.68 16.79 -0.29
C VAL E 37 10.94 16.25 -0.94
N ARG E 38 10.84 15.05 -1.52
CA ARG E 38 11.94 14.41 -2.22
C ARG E 38 11.81 14.65 -3.73
N GLN E 39 12.97 14.63 -4.41
CA GLN E 39 13.00 14.76 -5.87
C GLN E 39 14.15 13.90 -6.38
N MET E 40 13.84 12.67 -6.77
CA MET E 40 14.87 11.77 -7.27
C MET E 40 15.44 12.28 -8.58
N PRO E 41 16.75 12.22 -8.77
CA PRO E 41 17.35 12.62 -10.05
C PRO E 41 16.73 11.83 -11.20
N GLY E 42 16.29 12.55 -12.22
CA GLY E 42 15.53 11.95 -13.29
C GLY E 42 14.04 11.92 -12.99
N LYS E 43 13.67 11.34 -11.86
CA LYS E 43 12.28 11.31 -11.44
C LYS E 43 11.85 12.70 -10.97
N GLY E 44 10.60 12.78 -10.48
CA GLY E 44 10.05 14.04 -10.06
C GLY E 44 9.88 14.17 -8.56
N LEU E 45 8.84 14.90 -8.15
CA LEU E 45 8.63 15.26 -6.76
C LEU E 45 7.88 14.15 -6.04
N GLU E 46 8.43 13.71 -4.90
CA GLU E 46 7.80 12.72 -4.04
C GLU E 46 7.68 13.30 -2.64
N TRP E 47 6.48 13.19 -2.06
CA TRP E 47 6.21 13.73 -0.72
C TRP E 47 6.56 12.71 0.35
N MET E 48 7.13 13.20 1.45
CA MET E 48 7.55 12.34 2.56
C MET E 48 6.69 12.53 3.79
N GLY E 49 6.54 13.76 4.27
CA GLY E 49 5.74 13.99 5.46
C GLY E 49 5.63 15.47 5.76
N ILE E 50 5.04 15.76 6.91
CA ILE E 50 4.78 17.15 7.31
C ILE E 50 4.48 17.15 8.80
N ILE E 51 4.86 18.23 9.47
CA ILE E 51 4.70 18.35 10.91
C ILE E 51 4.20 19.76 11.25
N TRP E 52 3.39 19.85 12.29
CA TRP E 52 2.87 21.13 12.77
C TRP E 52 3.38 21.41 14.18
N PRO E 53 4.36 22.30 14.36
CA PRO E 53 4.72 22.74 15.71
C PRO E 53 3.69 23.72 16.25
N GLY E 54 3.49 23.68 17.56
CA GLY E 54 4.18 22.77 18.45
C GLY E 54 3.31 21.64 18.96
N ASP E 55 2.17 21.41 18.30
CA ASP E 55 1.42 20.19 18.55
C ASP E 55 2.26 18.95 18.23
N SER E 56 3.27 19.11 17.37
CA SER E 56 4.12 18.02 16.91
C SER E 56 3.30 16.92 16.25
N ASP E 57 2.20 17.30 15.60
CA ASP E 57 1.38 16.34 14.88
C ASP E 57 2.11 15.92 13.61
N THR E 58 2.90 14.85 13.70
CA THR E 58 3.67 14.37 12.56
C THR E 58 2.80 13.48 11.70
N ARG E 59 2.84 13.71 10.39
CA ARG E 59 2.01 12.97 9.44
C ARG E 59 2.87 12.60 8.23
N TYR E 60 2.96 11.31 7.95
CA TYR E 60 3.84 10.80 6.89
C TYR E 60 3.03 10.41 5.67
N SER E 61 3.76 10.02 4.63
CA SER E 61 3.37 9.38 3.38
C SER E 61 3.53 7.87 3.50
N PRO E 62 2.58 7.09 2.98
CA PRO E 62 2.70 5.63 3.07
C PRO E 62 4.00 5.09 2.49
N SER E 63 4.46 5.68 1.38
CA SER E 63 5.73 5.27 0.77
C SER E 63 6.94 5.58 1.65
N PHE E 64 6.76 6.31 2.74
CA PHE E 64 7.87 6.66 3.63
C PHE E 64 7.58 6.39 5.09
N GLN E 65 6.38 5.92 5.44
CA GLN E 65 6.06 5.63 6.83
C GLN E 65 6.99 4.56 7.38
N GLY E 66 7.51 4.80 8.59
CA GLY E 66 8.45 3.89 9.21
C GLY E 66 9.84 3.90 8.63
N GLN E 67 10.04 4.49 7.46
CA GLN E 67 11.35 4.61 6.84
C GLN E 67 12.06 5.92 7.15
N VAL E 68 11.38 6.85 7.82
CA VAL E 68 11.92 8.18 8.06
C VAL E 68 11.24 8.76 9.29
N THR E 69 11.86 9.77 9.90
CA THR E 69 11.31 10.47 11.04
C THR E 69 11.41 11.97 10.81
N ILE E 70 10.34 12.69 11.15
CA ILE E 70 10.26 14.13 10.95
C ILE E 70 9.94 14.78 12.29
N SER E 71 10.76 15.75 12.68
CA SER E 71 10.64 16.38 13.99
C SER E 71 10.78 17.88 13.86
N ALA E 72 10.50 18.58 14.95
CA ALA E 72 10.63 20.03 15.00
C ALA E 72 10.98 20.44 16.43
N ASP E 73 11.89 21.40 16.54
CA ASP E 73 12.34 21.95 17.83
C ASP E 73 11.93 23.41 17.83
N LYS E 74 10.73 23.70 18.35
CA LYS E 74 10.14 25.02 18.19
C LYS E 74 10.86 26.11 18.98
N SER E 75 11.89 25.77 19.76
CA SER E 75 12.66 26.80 20.44
C SER E 75 13.72 27.43 19.54
N ILE E 76 14.02 26.82 18.40
CA ILE E 76 15.05 27.30 17.49
C ILE E 76 14.51 27.52 16.09
N SER E 77 13.20 27.35 15.88
CA SER E 77 12.58 27.47 14.56
C SER E 77 13.26 26.54 13.56
N THR E 78 13.44 25.29 13.95
CA THR E 78 14.21 24.33 13.18
C THR E 78 13.45 23.01 13.06
N ALA E 79 13.34 22.51 11.83
CA ALA E 79 12.75 21.20 11.57
C ALA E 79 13.83 20.24 11.09
N TYR E 80 13.57 18.95 11.23
CA TYR E 80 14.56 17.92 10.95
C TYR E 80 13.96 16.79 10.13
N LEU E 81 14.80 16.21 9.28
CA LEU E 81 14.52 14.95 8.60
C LEU E 81 15.60 13.97 8.99
N GLN E 82 15.20 12.74 9.35
CA GLN E 82 16.11 11.83 10.03
C GLN E 82 15.91 10.40 9.55
N TRP E 83 17.01 9.72 9.28
CA TRP E 83 17.04 8.30 8.95
C TRP E 83 17.69 7.52 10.08
N SER E 84 17.56 6.20 10.01
CA SER E 84 18.28 5.29 10.89
C SER E 84 19.46 4.65 10.18
N SER E 85 19.21 4.01 9.04
CA SER E 85 20.26 3.46 8.20
C SER E 85 19.92 3.77 6.76
N LEU E 86 20.85 4.42 6.06
CA LEU E 86 20.60 4.88 4.69
C LEU E 86 20.92 3.79 3.68
N LYS E 87 20.07 3.69 2.66
CA LYS E 87 20.33 2.87 1.48
C LYS E 87 20.70 3.79 0.33
N ALA E 88 21.46 3.25 -0.62
CA ALA E 88 21.84 4.01 -1.80
C ALA E 88 20.64 4.53 -2.58
N SER E 89 19.48 3.88 -2.42
CA SER E 89 18.28 4.30 -3.13
C SER E 89 17.77 5.68 -2.67
N ASP E 90 18.20 6.14 -1.50
CA ASP E 90 17.76 7.43 -0.97
C ASP E 90 18.58 8.60 -1.49
N THR E 91 19.42 8.38 -2.51
CA THR E 91 20.21 9.46 -3.10
C THR E 91 19.30 10.35 -3.94
N ALA E 92 18.95 11.52 -3.40
CA ALA E 92 18.03 12.43 -4.07
C ALA E 92 18.28 13.85 -3.54
N MET E 93 17.34 14.75 -3.84
CA MET E 93 17.33 16.10 -3.31
C MET E 93 16.12 16.26 -2.39
N TYR E 94 16.31 16.97 -1.27
CA TYR E 94 15.30 17.07 -0.23
C TYR E 94 15.03 18.53 0.09
N TYR E 95 13.79 18.95 -0.10
CA TYR E 95 13.35 20.31 0.18
C TYR E 95 12.53 20.34 1.45
N CYS E 96 12.86 21.25 2.36
CA CYS E 96 11.95 21.56 3.44
C CYS E 96 10.97 22.62 2.95
N VAL E 97 9.71 22.45 3.28
CA VAL E 97 8.65 23.28 2.72
C VAL E 97 7.69 23.72 3.82
N ARG E 98 7.20 24.95 3.71
CA ARG E 98 6.09 25.41 4.51
C ARG E 98 4.81 25.21 3.73
N GLY E 99 3.76 24.75 4.40
CA GLY E 99 2.53 24.37 3.73
C GLY E 99 1.31 25.00 4.35
N ILE E 100 0.41 25.47 3.48
CA ILE E 100 -0.92 25.91 3.90
C ILE E 100 -1.86 24.71 3.84
N GLY E 101 -2.60 24.50 4.92
CA GLY E 101 -3.46 23.33 5.03
C GLY E 101 -4.85 23.58 4.47
N ARG E 102 -5.27 22.70 3.57
CA ARG E 102 -6.68 22.55 3.25
C ARG E 102 -7.19 21.32 4.00
N TYR E 103 -8.43 20.91 3.72
CA TYR E 103 -9.05 19.88 4.54
C TYR E 103 -8.19 18.62 4.58
N SER E 104 -7.57 18.37 5.74
CA SER E 104 -6.68 17.26 6.00
C SER E 104 -5.47 17.19 5.07
N ASN E 105 -5.22 18.21 4.26
CA ASN E 105 -4.12 18.16 3.31
C ASN E 105 -3.56 19.57 3.10
N TRP E 106 -2.55 19.67 2.24
CA TRP E 106 -1.75 20.89 2.16
C TRP E 106 -1.29 21.14 0.73
N PHE E 107 -1.07 22.42 0.41
CA PHE E 107 -0.24 22.83 -0.70
C PHE E 107 0.90 23.68 -0.15
N LEU E 108 2.07 23.56 -0.78
CA LEU E 108 3.32 24.07 -0.22
C LEU E 108 3.66 25.41 -0.87
N ASP E 109 3.62 26.48 -0.07
CA ASP E 109 3.76 27.84 -0.60
C ASP E 109 5.22 28.31 -0.65
N TYR E 110 6.06 27.89 0.29
CA TYR E 110 7.46 28.28 0.30
C TYR E 110 8.34 27.04 0.30
N TRP E 111 9.50 27.14 -0.35
CA TRP E 111 10.40 26.01 -0.53
C TRP E 111 11.80 26.40 -0.10
N GLY E 112 12.46 25.49 0.61
CA GLY E 112 13.87 25.66 0.89
C GLY E 112 14.73 25.39 -0.32
N GLN E 113 15.98 25.83 -0.26
CA GLN E 113 16.88 25.69 -1.40
C GLN E 113 17.33 24.25 -1.62
N GLY E 114 16.85 23.29 -0.84
CA GLY E 114 17.18 21.90 -1.05
C GLY E 114 18.47 21.44 -0.42
N THR E 115 18.57 20.16 -0.11
CA THR E 115 19.77 19.55 0.47
C THR E 115 20.09 18.30 -0.31
N LEU E 116 21.22 18.29 -1.01
CA LEU E 116 21.57 17.17 -1.88
C LEU E 116 22.24 16.08 -1.04
N VAL E 117 21.46 15.08 -0.65
CA VAL E 117 22.00 13.90 0.01
C VAL E 117 22.56 12.95 -1.06
N THR E 118 23.80 12.51 -0.86
CA THR E 118 24.46 11.59 -1.78
C THR E 118 24.97 10.40 -0.96
N VAL E 119 24.38 9.23 -1.19
CA VAL E 119 24.70 8.05 -0.41
C VAL E 119 25.47 7.05 -1.26
N SER E 120 26.80 7.09 -1.17
CA SER E 120 27.66 6.15 -1.89
C SER E 120 28.91 5.88 -1.05
N SER E 121 29.42 4.66 -1.18
CA SER E 121 30.66 4.28 -0.50
C SER E 121 31.85 4.56 -1.43
N ALA E 122 32.05 5.85 -1.68
CA ALA E 122 33.11 6.33 -2.57
C ALA E 122 33.94 7.38 -1.86
N SER E 123 35.06 7.74 -2.49
CA SER E 123 35.99 8.70 -1.89
C SER E 123 35.43 10.12 -1.97
N THR E 124 35.48 10.82 -0.86
CA THR E 124 35.02 12.21 -0.77
C THR E 124 36.23 13.13 -0.93
N LYS E 125 36.33 13.78 -2.09
CA LYS E 125 37.49 14.59 -2.43
C LYS E 125 37.06 16.02 -2.75
N GLY E 126 37.73 16.98 -2.13
CA GLY E 126 37.49 18.38 -2.40
C GLY E 126 37.99 18.78 -3.78
N PRO E 127 37.59 19.96 -4.25
CA PRO E 127 37.94 20.37 -5.61
C PRO E 127 39.36 20.94 -5.69
N SER E 128 39.82 21.09 -6.93
CA SER E 128 41.07 21.75 -7.25
C SER E 128 40.78 22.80 -8.31
N VAL E 129 41.01 24.08 -7.98
CA VAL E 129 40.56 25.19 -8.81
C VAL E 129 41.75 25.77 -9.55
N PHE E 130 41.58 25.96 -10.86
CA PHE E 130 42.59 26.54 -11.73
C PHE E 130 41.97 27.67 -12.55
N PRO E 131 42.73 28.71 -12.85
CA PRO E 131 42.16 29.84 -13.60
C PRO E 131 42.00 29.51 -15.08
N LEU E 132 41.17 30.32 -15.74
CA LEU E 132 41.00 30.30 -17.19
C LEU E 132 41.31 31.71 -17.67
N ALA E 133 42.57 31.95 -18.01
CA ALA E 133 43.08 33.29 -18.29
C ALA E 133 42.95 33.61 -19.78
N PRO E 134 42.48 34.83 -20.11
CA PRO E 134 42.38 35.33 -21.49
C PRO E 134 43.75 35.51 -22.12
N GLY E 142 36.21 43.77 -28.32
CA GLY E 142 35.82 44.60 -27.20
C GLY E 142 35.33 43.80 -26.00
N THR E 143 35.21 42.49 -26.18
CA THR E 143 34.77 41.59 -25.12
C THR E 143 35.76 40.46 -24.96
N ALA E 144 35.90 39.97 -23.72
CA ALA E 144 36.80 38.88 -23.40
C ALA E 144 36.11 37.93 -22.42
N ALA E 145 36.47 36.66 -22.51
CA ALA E 145 35.88 35.62 -21.68
C ALA E 145 36.95 34.96 -20.84
N LEU E 146 36.63 34.72 -19.57
CA LEU E 146 37.54 34.11 -18.61
C LEU E 146 36.72 33.23 -17.68
N GLY E 147 37.40 32.44 -16.87
CA GLY E 147 36.68 31.56 -15.98
C GLY E 147 37.56 30.85 -14.98
N CYS E 148 36.99 29.80 -14.39
CA CYS E 148 37.67 28.97 -13.41
C CYS E 148 37.30 27.52 -13.66
N LEU E 149 38.30 26.66 -13.78
CA LEU E 149 38.09 25.23 -13.96
C LEU E 149 38.06 24.55 -12.59
N VAL E 150 36.94 23.92 -12.28
CA VAL E 150 36.76 23.20 -11.01
C VAL E 150 36.86 21.72 -11.34
N LYS E 151 38.01 21.11 -11.03
CA LYS E 151 38.35 19.77 -11.49
C LYS E 151 38.57 18.84 -10.30
N ASP E 152 38.22 17.55 -10.51
CA ASP E 152 38.57 16.47 -9.59
C ASP E 152 37.98 16.70 -8.20
N TYR E 153 36.65 16.65 -8.15
CA TYR E 153 35.95 16.72 -6.87
C TYR E 153 34.83 15.68 -6.85
N PHE E 154 34.48 15.23 -5.65
CA PHE E 154 33.37 14.32 -5.42
C PHE E 154 32.96 14.45 -3.96
N PRO E 155 31.67 14.51 -3.64
CA PRO E 155 30.60 14.48 -4.64
C PRO E 155 29.99 15.85 -4.90
N GLU E 156 29.04 15.90 -5.82
CA GLU E 156 28.28 17.11 -6.08
C GLU E 156 27.50 17.52 -4.82
N PRO E 157 27.07 18.79 -4.74
CA PRO E 157 27.27 19.88 -5.69
C PRO E 157 28.30 20.91 -5.25
N VAL E 158 28.78 21.72 -6.18
CA VAL E 158 29.70 22.80 -5.90
C VAL E 158 29.05 24.11 -6.36
N THR E 159 29.02 25.10 -5.47
CA THR E 159 28.56 26.43 -5.83
C THR E 159 29.74 27.26 -6.30
N VAL E 160 29.51 28.07 -7.35
CA VAL E 160 30.54 28.95 -7.88
C VAL E 160 29.94 30.35 -8.02
N SER E 161 30.67 31.35 -7.54
CA SER E 161 30.29 32.75 -7.69
C SER E 161 31.51 33.53 -8.15
N TRP E 162 31.29 34.78 -8.54
CA TRP E 162 32.34 35.62 -9.11
C TRP E 162 32.41 36.94 -8.36
N ASN E 163 33.62 37.28 -7.90
CA ASN E 163 33.89 38.52 -7.19
C ASN E 163 32.93 38.71 -6.01
N SER E 164 32.87 37.69 -5.16
CA SER E 164 32.07 37.69 -3.93
C SER E 164 30.58 37.90 -4.21
N GLY E 165 30.13 37.59 -5.42
CA GLY E 165 28.75 37.78 -5.79
C GLY E 165 28.43 39.11 -6.44
N ALA E 166 29.42 40.01 -6.58
CA ALA E 166 29.19 41.29 -7.24
C ALA E 166 29.16 41.18 -8.75
N LEU E 167 29.70 40.10 -9.32
CA LEU E 167 29.72 39.88 -10.75
C LEU E 167 28.58 38.92 -11.11
N THR E 168 27.57 39.43 -11.80
CA THR E 168 26.36 38.67 -12.07
C THR E 168 26.13 38.42 -13.55
N SER E 169 26.16 39.45 -14.38
CA SER E 169 25.86 39.30 -15.80
C SER E 169 27.07 38.77 -16.55
N GLY E 170 26.84 37.79 -17.43
CA GLY E 170 27.89 37.13 -18.16
C GLY E 170 28.35 35.82 -17.56
N VAL E 171 27.86 35.47 -16.37
CA VAL E 171 28.30 34.26 -15.68
C VAL E 171 27.61 33.05 -16.29
N HIS E 172 28.38 31.98 -16.50
CA HIS E 172 27.85 30.71 -16.99
C HIS E 172 28.56 29.58 -16.25
N THR E 173 27.83 28.89 -15.39
CA THR E 173 28.36 27.74 -14.67
C THR E 173 27.80 26.48 -15.31
N PHE E 174 28.69 25.60 -15.77
CA PHE E 174 28.22 24.45 -16.52
C PHE E 174 27.85 23.30 -15.60
N PRO E 175 26.87 22.48 -16.02
CA PRO E 175 26.58 21.25 -15.29
C PRO E 175 27.82 20.36 -15.22
N ALA E 176 28.08 19.84 -14.02
CA ALA E 176 29.27 19.01 -13.82
C ALA E 176 29.19 17.76 -14.67
N VAL E 177 30.25 17.51 -15.43
CA VAL E 177 30.39 16.28 -16.21
C VAL E 177 31.30 15.33 -15.44
N LEU E 178 30.80 14.13 -15.17
CA LEU E 178 31.58 13.15 -14.42
C LEU E 178 32.71 12.62 -15.30
N GLN E 179 33.93 12.59 -14.75
CA GLN E 179 35.11 12.23 -15.51
C GLN E 179 35.25 10.70 -15.60
N SER E 180 36.36 10.25 -16.15
CA SER E 180 36.69 8.83 -16.19
C SER E 180 37.32 8.34 -14.89
N SER E 181 37.78 9.26 -14.04
CA SER E 181 38.38 8.92 -12.77
C SER E 181 37.38 8.91 -11.63
N GLY E 182 36.09 9.03 -11.93
CA GLY E 182 35.06 9.01 -10.91
C GLY E 182 34.82 10.33 -10.19
N LEU E 183 35.60 11.36 -10.48
CA LEU E 183 35.47 12.66 -9.84
C LEU E 183 34.83 13.65 -10.80
N TYR E 184 33.87 14.42 -10.29
CA TYR E 184 33.17 15.39 -11.12
C TYR E 184 34.10 16.55 -11.49
N SER E 185 33.79 17.20 -12.61
CA SER E 185 34.54 18.34 -13.08
C SER E 185 33.62 19.27 -13.86
N LEU E 186 33.73 20.56 -13.59
CA LEU E 186 32.97 21.56 -14.33
C LEU E 186 33.81 22.82 -14.47
N SER E 187 33.34 23.72 -15.32
CA SER E 187 33.96 25.02 -15.52
C SER E 187 32.93 26.12 -15.30
N SER E 188 33.36 27.23 -14.73
CA SER E 188 32.56 28.44 -14.63
C SER E 188 33.19 29.50 -15.52
N VAL E 189 32.35 30.22 -16.26
CA VAL E 189 32.82 31.17 -17.26
C VAL E 189 32.05 32.47 -17.12
N VAL E 190 32.77 33.60 -17.22
CA VAL E 190 32.17 34.91 -17.15
C VAL E 190 32.66 35.74 -18.34
N THR E 191 31.83 36.69 -18.76
CA THR E 191 32.11 37.55 -19.90
C THR E 191 32.24 38.99 -19.42
N VAL E 192 33.38 39.61 -19.69
CA VAL E 192 33.63 41.01 -19.30
C VAL E 192 34.29 41.73 -20.47
N PRO E 193 34.21 43.06 -20.48
CA PRO E 193 34.89 43.82 -21.53
C PRO E 193 36.40 43.67 -21.46
N SER E 194 37.06 44.03 -22.56
CA SER E 194 38.52 43.91 -22.64
C SER E 194 39.24 45.05 -21.94
N SER E 195 38.66 46.26 -21.96
CA SER E 195 39.28 47.41 -21.31
C SER E 195 39.35 47.28 -19.80
N SER E 196 38.76 46.23 -19.22
CA SER E 196 38.85 45.96 -17.80
C SER E 196 39.92 44.94 -17.45
N LEU E 197 40.37 44.16 -18.43
CA LEU E 197 41.30 43.06 -18.17
C LEU E 197 42.52 43.51 -17.38
N GLY E 198 43.17 44.59 -17.84
CA GLY E 198 44.32 45.13 -17.14
C GLY E 198 43.99 46.09 -16.02
N THR E 199 42.71 46.42 -15.83
CA THR E 199 42.30 47.40 -14.81
C THR E 199 41.28 46.83 -13.84
N GLN E 200 41.10 45.50 -13.81
CA GLN E 200 40.10 44.89 -12.94
C GLN E 200 40.45 43.43 -12.72
N THR E 201 40.63 43.04 -11.46
CA THR E 201 40.84 41.65 -11.11
C THR E 201 39.50 40.94 -10.94
N TYR E 202 39.48 39.65 -11.26
CA TYR E 202 38.27 38.85 -11.20
C TYR E 202 38.54 37.60 -10.35
N ILE E 203 37.76 37.41 -9.30
CA ILE E 203 37.92 36.31 -8.36
C ILE E 203 36.74 35.38 -8.50
N CYS E 204 37.01 34.08 -8.56
CA CYS E 204 35.97 33.06 -8.52
C CYS E 204 35.97 32.41 -7.14
N ASN E 205 34.77 32.14 -6.63
CA ASN E 205 34.58 31.64 -5.27
C ASN E 205 33.93 30.28 -5.34
N VAL E 206 34.63 29.25 -4.88
CA VAL E 206 34.20 27.86 -4.98
C VAL E 206 33.86 27.35 -3.58
N ASN E 207 32.67 26.77 -3.43
CA ASN E 207 32.20 26.21 -2.16
C ASN E 207 31.73 24.78 -2.39
N HIS E 208 32.57 23.81 -2.03
CA HIS E 208 32.20 22.40 -2.06
C HIS E 208 31.83 22.02 -0.62
N LYS E 209 30.57 22.25 -0.26
CA LYS E 209 30.13 22.03 1.11
C LYS E 209 30.31 20.60 1.61
N PRO E 210 30.03 19.54 0.82
CA PRO E 210 30.25 18.17 1.35
C PRO E 210 31.62 17.95 1.97
N SER E 211 32.69 18.47 1.36
CA SER E 211 34.03 18.38 1.91
C SER E 211 34.44 19.62 2.69
N ASN E 212 33.58 20.64 2.74
CA ASN E 212 33.86 21.91 3.41
C ASN E 212 35.16 22.52 2.88
N THR E 213 35.18 22.76 1.57
CA THR E 213 36.32 23.35 0.88
C THR E 213 35.93 24.70 0.31
N LYS E 214 36.81 25.69 0.49
CA LYS E 214 36.57 27.05 -0.01
C LYS E 214 37.83 27.55 -0.67
N VAL E 215 37.74 27.86 -1.97
CA VAL E 215 38.88 28.29 -2.77
C VAL E 215 38.56 29.66 -3.36
N ASP E 216 39.62 30.38 -3.72
CA ASP E 216 39.49 31.69 -4.36
C ASP E 216 40.68 31.86 -5.29
N LYS E 217 40.40 32.15 -6.57
CA LYS E 217 41.43 32.18 -7.61
C LYS E 217 41.52 33.57 -8.24
N ARG E 218 42.39 33.69 -9.25
CA ARG E 218 42.69 34.98 -9.86
C ARG E 218 42.74 34.79 -11.38
N VAL E 219 43.26 35.82 -12.07
CA VAL E 219 43.22 35.91 -13.52
C VAL E 219 44.56 36.36 -14.06
N GLU E 220 44.62 36.62 -15.36
CA GLU E 220 45.79 37.23 -16.00
C GLU E 220 45.58 38.73 -16.14
N LEU F 1 -19.76 54.79 -11.38
CA LEU F 1 -19.60 53.42 -10.90
C LEU F 1 -20.10 53.29 -9.46
N ASP F 2 -21.12 52.45 -9.26
CA ASP F 2 -21.77 51.71 -10.34
C ASP F 2 -23.28 51.65 -10.13
N GLU F 3 -24.01 52.44 -10.93
CA GLU F 3 -25.47 52.34 -10.97
C GLU F 3 -25.91 52.84 -12.35
N LYS F 4 -26.36 51.93 -13.20
CA LYS F 4 -26.60 52.21 -14.61
C LYS F 4 -25.40 52.92 -15.24
N VAL F 9 -29.42 41.44 -10.36
CA VAL F 9 -29.85 40.05 -10.43
C VAL F 9 -29.68 39.35 -9.07
N ASP F 10 -30.75 38.68 -8.63
CA ASP F 10 -30.74 38.02 -7.33
C ASP F 10 -29.74 36.86 -7.33
N LEU F 11 -29.23 36.55 -6.15
CA LEU F 11 -28.21 35.53 -5.97
C LEU F 11 -28.49 34.75 -4.70
N PRO F 12 -27.99 33.52 -4.60
CA PRO F 12 -28.20 32.72 -3.39
C PRO F 12 -27.50 33.33 -2.18
N GLY F 13 -27.76 32.73 -1.02
CA GLY F 13 -27.20 33.23 0.23
C GLY F 13 -27.62 34.64 0.56
N GLU F 14 -28.83 35.03 0.17
CA GLU F 14 -29.36 36.39 0.30
C GLU F 14 -28.29 37.45 -0.01
N MET F 15 -27.75 37.35 -1.22
CA MET F 15 -26.76 38.29 -1.72
C MET F 15 -27.23 38.85 -3.06
N LYS F 16 -26.70 40.01 -3.42
CA LYS F 16 -27.08 40.72 -4.63
C LYS F 16 -25.84 41.16 -5.38
N VAL F 17 -25.86 41.00 -6.71
CA VAL F 17 -24.76 41.38 -7.57
C VAL F 17 -25.30 42.27 -8.69
N LEU F 18 -24.39 43.06 -9.27
CA LEU F 18 -24.76 44.00 -10.32
C LEU F 18 -24.22 43.56 -11.67
N SER F 20 -22.85 45.51 -14.79
CA SER F 20 -22.36 46.39 -15.85
C SER F 20 -22.61 45.78 -17.23
N LYS F 21 -23.47 46.42 -18.03
CA LYS F 21 -23.83 45.89 -19.34
C LYS F 21 -22.73 46.14 -20.37
N GLU F 22 -22.34 47.38 -20.57
CA GLU F 22 -21.30 47.67 -21.54
C GLU F 22 -19.96 47.08 -21.07
N LYS F 23 -19.29 46.38 -21.98
CA LYS F 23 -18.05 45.68 -21.62
C LYS F 23 -17.01 46.65 -21.09
N ASN F 24 -16.38 46.26 -19.98
CA ASN F 24 -15.24 46.99 -19.45
C ASN F 24 -14.16 47.15 -20.52
N LYS F 25 -13.34 48.17 -20.36
CA LYS F 25 -12.18 48.33 -21.24
C LYS F 25 -11.16 47.22 -20.98
N ASP F 26 -10.38 46.92 -22.02
CA ASP F 26 -9.21 46.02 -21.95
C ASP F 26 -9.51 44.69 -21.27
N GLY F 27 -10.76 44.23 -21.30
CA GLY F 27 -11.03 42.94 -20.69
C GLY F 27 -12.46 42.45 -20.66
N LYS F 28 -12.83 41.81 -19.56
CA LYS F 28 -14.05 41.04 -19.42
C LYS F 28 -14.91 41.63 -18.31
N TYR F 29 -16.21 41.31 -18.35
CA TYR F 29 -17.26 42.00 -17.61
C TYR F 29 -16.88 42.30 -16.16
N ASP F 30 -17.29 43.46 -15.68
CA ASP F 30 -17.06 43.90 -14.31
C ASP F 30 -18.37 43.88 -13.53
N LEU F 31 -18.25 43.68 -12.22
CA LEU F 31 -19.40 43.51 -11.35
C LEU F 31 -19.02 43.85 -9.93
N ILE F 32 -20.02 44.28 -9.15
CA ILE F 32 -19.86 44.71 -7.77
C ILE F 32 -20.97 44.08 -6.93
N ALA F 33 -20.67 43.78 -5.68
CA ALA F 33 -21.63 43.17 -4.77
C ALA F 33 -21.28 43.54 -3.33
N THR F 34 -22.30 43.88 -2.56
CA THR F 34 -22.15 44.24 -1.15
C THR F 34 -22.53 43.04 -0.28
N VAL F 35 -21.64 42.68 0.65
CA VAL F 35 -21.86 41.55 1.55
C VAL F 35 -21.42 41.97 2.95
N ASP F 36 -22.34 41.93 3.91
CA ASP F 36 -22.05 42.23 5.31
C ASP F 36 -21.41 43.61 5.47
N LYS F 37 -21.97 44.59 4.77
CA LYS F 37 -21.46 45.97 4.78
C LYS F 37 -19.98 46.02 4.40
N LEU F 38 -19.62 45.27 3.36
CA LEU F 38 -18.27 45.28 2.82
C LEU F 38 -18.37 45.21 1.31
N GLU F 39 -17.93 46.25 0.62
CA GLU F 39 -18.07 46.35 -0.82
C GLU F 39 -17.05 45.46 -1.51
N LEU F 40 -17.52 44.51 -2.30
CA LEU F 40 -16.68 43.61 -3.06
C LEU F 40 -16.83 43.89 -4.55
N LYS F 41 -15.71 44.02 -5.25
CA LYS F 41 -15.70 44.26 -6.68
C LYS F 41 -14.81 43.24 -7.37
N GLY F 42 -15.15 42.91 -8.60
CA GLY F 42 -14.40 41.92 -9.35
C GLY F 42 -14.75 41.98 -10.82
N THR F 43 -14.12 41.10 -11.59
CA THR F 43 -14.32 41.02 -13.03
C THR F 43 -14.53 39.57 -13.45
N SER F 44 -15.62 39.32 -14.16
CA SER F 44 -15.94 38.01 -14.73
C SER F 44 -15.94 38.12 -16.25
N ASP F 45 -16.26 37.01 -16.92
CA ASP F 45 -16.24 36.97 -18.38
C ASP F 45 -17.63 37.08 -18.99
N LYS F 46 -18.56 36.25 -18.56
CA LYS F 46 -19.93 36.32 -19.07
C LYS F 46 -20.70 37.43 -18.37
N ASN F 47 -21.86 37.76 -18.93
CA ASN F 47 -22.71 38.85 -18.43
C ASN F 47 -23.83 38.36 -17.52
N ASN F 48 -23.59 37.28 -16.78
CA ASN F 48 -24.59 36.69 -15.91
C ASN F 48 -24.44 37.08 -14.44
N GLY F 49 -23.22 37.35 -14.00
CA GLY F 49 -22.93 37.58 -12.60
C GLY F 49 -22.09 36.52 -11.95
N SER F 50 -21.30 35.77 -12.70
CA SER F 50 -20.48 34.70 -12.17
C SER F 50 -19.08 35.20 -11.81
N VAL F 52 -15.68 36.04 -9.77
CA VAL F 52 -15.29 36.11 -8.37
C VAL F 52 -15.36 37.56 -7.86
N LEU F 53 -15.54 37.70 -6.54
CA LEU F 53 -15.63 38.99 -5.86
C LEU F 53 -14.61 39.03 -4.74
N GLU F 54 -13.49 39.70 -4.98
CA GLU F 54 -12.51 39.89 -3.92
C GLU F 54 -12.84 41.16 -3.13
N GLY F 55 -12.10 41.36 -2.04
CA GLY F 55 -12.34 42.50 -1.17
C GLY F 55 -11.68 42.35 0.18
N VAL F 56 -11.12 43.44 0.70
CA VAL F 56 -10.36 43.42 1.95
C VAL F 56 -11.27 43.80 3.10
N LYS F 57 -10.95 43.28 4.29
CA LYS F 57 -11.68 43.57 5.50
C LYS F 57 -11.03 44.73 6.25
N ALA F 58 -11.82 45.38 7.11
CA ALA F 58 -11.25 46.39 8.00
C ALA F 58 -10.20 45.79 8.94
N ASP F 59 -10.39 44.54 9.34
CA ASP F 59 -9.44 43.82 10.16
C ASP F 59 -8.25 43.30 9.37
N LYS F 60 -8.12 43.73 8.11
CA LYS F 60 -7.06 43.36 7.17
C LYS F 60 -7.19 41.91 6.69
N SER F 61 -8.29 41.24 6.95
CA SER F 61 -8.51 39.93 6.38
C SER F 61 -8.98 40.07 4.93
N LYS F 62 -9.01 38.94 4.21
CA LYS F 62 -9.31 38.93 2.79
C LYS F 62 -10.60 38.15 2.54
N VAL F 63 -11.49 38.73 1.75
CA VAL F 63 -12.79 38.14 1.45
C VAL F 63 -12.86 37.85 -0.04
N LYS F 64 -13.33 36.65 -0.38
CA LYS F 64 -13.45 36.22 -1.78
C LYS F 64 -14.80 35.53 -1.97
N LEU F 65 -15.62 36.07 -2.87
CA LEU F 65 -16.94 35.53 -3.17
C LEU F 65 -16.92 34.93 -4.57
N THR F 66 -17.15 33.62 -4.66
CA THR F 66 -17.12 32.89 -5.92
C THR F 66 -18.55 32.46 -6.26
N ILE F 67 -19.08 33.00 -7.36
CA ILE F 67 -20.44 32.71 -7.80
C ILE F 67 -20.37 31.75 -8.98
N SER F 68 -21.22 30.72 -8.96
CA SER F 68 -21.18 29.67 -9.97
C SER F 68 -21.56 30.21 -11.34
N ASP F 69 -21.19 29.45 -12.38
CA ASP F 69 -21.43 29.87 -13.75
C ASP F 69 -22.88 29.74 -14.17
N ASP F 70 -23.72 29.06 -13.39
CA ASP F 70 -25.15 28.94 -13.68
C ASP F 70 -26.00 29.58 -12.59
N LEU F 71 -25.39 30.42 -11.73
CA LEU F 71 -26.11 31.21 -10.74
C LEU F 71 -26.95 30.33 -9.81
N GLY F 72 -26.32 29.27 -9.29
CA GLY F 72 -27.01 28.36 -8.41
C GLY F 72 -26.28 28.07 -7.12
N GLN F 73 -25.09 28.66 -6.96
CA GLN F 73 -24.27 28.37 -5.79
C GLN F 73 -23.22 29.48 -5.62
N THR F 74 -23.09 29.99 -4.41
CA THR F 74 -22.02 30.90 -4.04
C THR F 74 -21.04 30.18 -3.12
N THR F 75 -19.83 30.74 -3.04
CA THR F 75 -18.78 30.20 -2.16
C THR F 75 -18.10 31.40 -1.50
N LEU F 76 -18.58 31.75 -0.31
CA LEU F 76 -17.99 32.84 0.48
C LEU F 76 -16.83 32.27 1.28
N GLU F 77 -15.64 32.83 1.08
CA GLU F 77 -14.45 32.41 1.80
C GLU F 77 -13.84 33.61 2.52
N VAL F 78 -13.18 33.33 3.64
CA VAL F 78 -12.50 34.36 4.44
C VAL F 78 -11.09 33.85 4.76
N PHE F 79 -10.10 34.72 4.61
CA PHE F 79 -8.71 34.33 4.71
C PHE F 79 -8.01 35.15 5.79
N LYS F 80 -6.80 34.72 6.13
CA LYS F 80 -6.06 35.19 7.31
C LYS F 80 -5.03 36.25 6.96
N GLU F 81 -5.36 37.15 6.03
CA GLU F 81 -4.59 38.34 5.67
C GLU F 81 -3.34 38.01 4.87
N ASP F 82 -2.99 36.73 4.76
CA ASP F 82 -2.00 36.28 3.80
C ASP F 82 -2.63 35.87 2.48
N GLY F 83 -3.96 35.81 2.43
CA GLY F 83 -4.68 35.38 1.25
C GLY F 83 -4.73 33.89 1.05
N LYS F 84 -4.06 33.10 1.89
CA LYS F 84 -3.92 31.67 1.68
C LYS F 84 -4.40 30.82 2.84
N THR F 85 -4.48 31.35 4.06
CA THR F 85 -4.88 30.59 5.23
C THR F 85 -6.36 30.82 5.49
N LEU F 86 -7.11 29.72 5.64
CA LEU F 86 -8.56 29.80 5.68
C LEU F 86 -9.07 30.18 7.06
N VAL F 87 -10.22 30.85 7.08
CA VAL F 87 -10.92 31.23 8.31
C VAL F 87 -12.35 30.71 8.30
N SER F 88 -13.10 31.00 7.25
CA SER F 88 -14.49 30.57 7.15
C SER F 88 -14.88 30.47 5.67
N LYS F 89 -15.36 29.30 5.26
CA LYS F 89 -15.89 29.07 3.93
C LYS F 89 -17.36 28.66 4.06
N LYS F 90 -18.25 29.52 3.59
CA LYS F 90 -19.69 29.25 3.57
C LYS F 90 -20.11 28.97 2.13
N VAL F 91 -20.59 27.75 1.88
CA VAL F 91 -21.01 27.38 0.54
C VAL F 91 -22.53 27.25 0.50
N THR F 92 -23.20 28.32 0.09
CA THR F 92 -24.65 28.33 -0.04
C THR F 92 -25.05 27.83 -1.43
N SER F 93 -26.27 27.31 -1.53
CA SER F 93 -26.79 26.77 -2.77
C SER F 93 -28.12 27.44 -3.11
N LYS F 94 -28.74 26.97 -4.20
CA LYS F 94 -29.98 27.57 -4.69
C LYS F 94 -31.21 27.09 -3.93
N ASP F 95 -31.13 25.94 -3.26
CA ASP F 95 -32.24 25.40 -2.48
C ASP F 95 -32.07 25.68 -0.99
N LYS F 96 -31.51 26.84 -0.65
CA LYS F 96 -31.27 27.25 0.73
C LYS F 96 -30.29 26.32 1.44
N SER F 97 -29.72 25.37 0.71
CA SER F 97 -28.84 24.35 1.29
C SER F 97 -27.45 24.93 1.47
N SER F 98 -27.28 25.68 2.55
CA SER F 98 -25.99 26.27 2.89
C SER F 98 -25.16 25.28 3.70
N THR F 99 -23.83 25.46 3.63
CA THR F 99 -22.89 24.62 4.38
C THR F 99 -21.74 25.52 4.85
N GLU F 100 -21.86 26.02 6.08
CA GLU F 100 -20.80 26.83 6.65
C GLU F 100 -19.72 25.95 7.27
N GLU F 101 -18.48 26.43 7.21
CA GLU F 101 -17.35 25.75 7.82
C GLU F 101 -16.41 26.77 8.43
N LYS F 102 -15.89 26.45 9.62
CA LYS F 102 -14.84 27.23 10.24
C LYS F 102 -13.61 26.35 10.41
N PHE F 103 -12.44 26.98 10.36
CA PHE F 103 -11.17 26.26 10.30
C PHE F 103 -10.27 26.71 11.44
N ASN F 104 -9.60 25.76 12.07
CA ASN F 104 -8.70 26.07 13.18
C ASN F 104 -7.41 26.70 12.65
N GLU F 105 -6.49 26.97 13.58
CA GLU F 105 -5.26 27.69 13.26
C GLU F 105 -4.25 26.85 12.48
N LYS F 106 -4.53 25.57 12.24
CA LYS F 106 -3.60 24.69 11.55
C LYS F 106 -4.11 24.22 10.19
N GLY F 107 -5.35 24.51 9.83
CA GLY F 107 -5.85 24.23 8.50
C GLY F 107 -6.95 23.19 8.41
N GLU F 108 -7.31 22.54 9.50
CA GLU F 108 -8.38 21.56 9.48
C GLU F 108 -9.71 22.24 9.84
N VAL F 109 -10.79 21.45 9.81
CA VAL F 109 -12.14 21.98 10.00
C VAL F 109 -12.55 21.75 11.45
N SER F 110 -12.92 22.84 12.15
CA SER F 110 -13.38 22.79 13.53
C SER F 110 -14.89 22.74 13.65
N GLU F 111 -15.61 23.47 12.80
CA GLU F 111 -17.07 23.49 12.83
C GLU F 111 -17.62 23.26 11.43
N LYS F 112 -18.78 22.62 11.36
CA LYS F 112 -19.42 22.31 10.09
C LYS F 112 -20.93 22.29 10.32
N ILE F 113 -21.62 23.36 9.91
CA ILE F 113 -23.05 23.49 10.10
C ILE F 113 -23.73 23.24 8.76
N ILE F 114 -24.34 22.07 8.62
CA ILE F 114 -24.96 21.65 7.37
C ILE F 114 -26.44 22.01 7.46
N THR F 115 -26.81 23.15 6.88
CA THR F 115 -28.21 23.57 6.80
C THR F 115 -28.85 22.94 5.58
N ARG F 116 -29.94 22.20 5.79
CA ARG F 116 -30.63 21.52 4.69
C ARG F 116 -31.57 22.49 3.99
N ALA F 117 -32.35 21.96 3.03
CA ALA F 117 -33.32 22.78 2.32
C ALA F 117 -34.59 23.00 3.12
N ASP F 118 -34.82 22.21 4.17
CA ASP F 118 -36.03 22.31 4.98
C ASP F 118 -35.80 23.03 6.30
N GLY F 119 -34.56 23.37 6.64
CA GLY F 119 -34.24 24.04 7.88
C GLY F 119 -33.61 23.14 8.93
N THR F 120 -33.77 21.83 8.81
CA THR F 120 -33.17 20.90 9.77
C THR F 120 -31.65 20.97 9.62
N ARG F 121 -30.99 21.59 10.59
CA ARG F 121 -29.54 21.75 10.54
C ARG F 121 -28.85 20.49 11.04
N LEU F 122 -27.52 20.49 10.90
CA LEU F 122 -26.67 19.40 11.38
C LEU F 122 -25.42 20.06 11.94
N GLU F 123 -25.45 20.35 13.24
CA GLU F 123 -24.41 21.15 13.87
C GLU F 123 -23.29 20.26 14.41
N TYR F 124 -22.08 20.47 13.89
CA TYR F 124 -20.87 19.83 14.39
C TYR F 124 -20.03 20.86 15.12
N THR F 125 -19.58 20.51 16.33
CA THR F 125 -18.82 21.43 17.17
C THR F 125 -17.59 20.72 17.72
N GLY F 126 -16.52 21.49 17.94
CA GLY F 126 -15.31 21.01 18.57
C GLY F 126 -14.73 19.76 17.95
N ILE F 127 -14.27 19.85 16.71
CA ILE F 127 -13.72 18.71 15.99
C ILE F 127 -12.24 18.59 16.34
N LYS F 128 -11.86 17.48 16.97
CA LYS F 128 -10.46 17.22 17.29
C LYS F 128 -9.70 16.81 16.03
N SER F 129 -8.40 16.56 16.20
CA SER F 129 -7.54 16.32 15.05
C SER F 129 -7.83 14.96 14.42
N ASP F 130 -8.20 13.95 15.21
CA ASP F 130 -8.42 12.61 14.71
C ASP F 130 -9.81 12.39 14.12
N GLY F 131 -10.64 13.42 14.10
CA GLY F 131 -11.97 13.31 13.50
C GLY F 131 -13.11 13.09 14.46
N SER F 132 -12.93 13.35 15.75
CA SER F 132 -13.99 13.21 16.73
C SER F 132 -14.60 14.57 17.03
N GLY F 133 -15.92 14.60 17.21
CA GLY F 133 -16.60 15.86 17.45
C GLY F 133 -17.92 15.63 18.15
N LYS F 134 -18.51 16.75 18.60
CA LYS F 134 -19.81 16.75 19.28
C LYS F 134 -20.87 17.12 18.26
N ALA F 135 -21.52 16.12 17.70
CA ALA F 135 -22.51 16.33 16.65
C ALA F 135 -23.91 16.40 17.22
N LYS F 136 -24.77 17.17 16.56
CA LYS F 136 -26.16 17.30 16.97
C LYS F 136 -27.00 17.66 15.74
N GLU F 137 -28.23 17.15 15.72
CA GLU F 137 -29.18 17.42 14.64
C GLU F 137 -30.34 18.24 15.19
N VAL F 138 -30.63 19.36 14.53
CA VAL F 138 -31.70 20.26 14.95
C VAL F 138 -32.91 19.96 14.08
N LEU F 139 -33.91 19.30 14.65
CA LEU F 139 -35.11 18.94 13.92
C LEU F 139 -36.19 20.01 14.15
N LYS F 140 -37.38 19.76 13.59
CA LYS F 140 -38.51 20.67 13.72
C LYS F 140 -39.16 20.45 15.08
N GLY F 141 -38.67 21.17 16.10
CA GLY F 141 -39.24 21.17 17.43
C GLY F 141 -38.33 20.56 18.49
N TYR F 142 -37.46 19.64 18.09
CA TYR F 142 -36.59 18.94 19.03
C TYR F 142 -35.17 18.88 18.47
N VAL F 143 -34.21 18.61 19.35
CA VAL F 143 -32.80 18.57 19.00
C VAL F 143 -32.21 17.26 19.50
N LEU F 144 -31.70 16.45 18.57
CA LEU F 144 -30.93 15.27 18.91
C LEU F 144 -29.46 15.63 19.07
N GLU F 145 -28.75 14.84 19.87
CA GLU F 145 -27.34 15.04 20.10
C GLU F 145 -26.59 13.73 19.91
N GLY F 146 -25.27 13.82 19.85
CA GLY F 146 -24.45 12.64 19.66
C GLY F 146 -22.99 13.03 19.47
N THR F 147 -22.24 12.12 18.87
CA THR F 147 -20.82 12.31 18.61
C THR F 147 -20.54 12.07 17.13
N LEU F 148 -19.30 12.32 16.74
CA LEU F 148 -18.85 12.15 15.36
C LEU F 148 -17.62 11.27 15.33
N THR F 149 -17.62 10.28 14.45
CA THR F 149 -16.46 9.47 14.16
C THR F 149 -16.04 9.70 12.71
N ALA F 150 -14.80 9.32 12.40
CA ALA F 150 -14.33 9.43 11.02
C ALA F 150 -15.21 8.61 10.08
N GLU F 151 -15.73 7.47 10.56
CA GLU F 151 -16.56 6.61 9.72
C GLU F 151 -17.94 7.21 9.49
N LYS F 152 -18.59 7.70 10.55
CA LYS F 152 -19.99 8.06 10.46
C LYS F 152 -20.35 9.01 11.60
N THR F 153 -21.56 9.58 11.50
CA THR F 153 -22.14 10.41 12.54
C THR F 153 -23.21 9.60 13.26
N THR F 154 -23.04 9.42 14.57
CA THR F 154 -23.94 8.61 15.37
C THR F 154 -24.70 9.50 16.35
N LEU F 155 -26.03 9.47 16.28
CA LEU F 155 -26.89 10.18 17.19
C LEU F 155 -27.57 9.19 18.12
N VAL F 156 -27.58 9.51 19.42
CA VAL F 156 -28.03 8.57 20.45
C VAL F 156 -29.17 9.20 21.24
N VAL F 157 -30.19 8.39 21.52
CA VAL F 157 -31.29 8.75 22.41
C VAL F 157 -31.45 7.63 23.42
N LYS F 158 -31.32 7.97 24.71
CA LYS F 158 -31.37 7.00 25.79
C LYS F 158 -32.67 7.14 26.58
N GLU F 159 -33.23 6.00 26.99
CA GLU F 159 -34.40 5.95 27.87
C GLU F 159 -34.18 4.77 28.82
N GLY F 160 -33.59 5.05 29.98
CA GLY F 160 -33.30 4.01 30.95
C GLY F 160 -32.23 3.05 30.45
N THR F 161 -32.64 1.83 30.14
CA THR F 161 -31.73 0.82 29.59
C THR F 161 -31.67 0.86 28.07
N VAL F 162 -32.75 1.28 27.41
CA VAL F 162 -32.79 1.32 25.96
C VAL F 162 -32.00 2.51 25.46
N THR F 163 -31.07 2.25 24.54
CA THR F 163 -30.29 3.30 23.88
C THR F 163 -30.51 3.18 22.38
N LEU F 164 -31.14 4.19 21.80
CA LEU F 164 -31.43 4.22 20.37
C LEU F 164 -30.32 4.97 19.65
N SER F 165 -29.71 4.33 18.67
CA SER F 165 -28.62 4.90 17.89
C SER F 165 -29.09 5.21 16.48
N LYS F 166 -28.81 6.43 16.02
CA LYS F 166 -29.07 6.85 14.65
C LYS F 166 -27.72 7.07 13.97
N ASN F 167 -27.33 6.14 13.12
CA ASN F 167 -26.04 6.19 12.45
C ASN F 167 -26.20 6.83 11.08
N ILE F 168 -25.48 7.91 10.84
CA ILE F 168 -25.45 8.59 9.55
C ILE F 168 -24.11 8.24 8.92
N SER F 169 -24.11 7.25 8.02
CA SER F 169 -22.89 6.89 7.33
C SER F 169 -22.34 8.07 6.54
N LYS F 170 -21.01 8.09 6.36
CA LYS F 170 -20.40 9.20 5.64
C LYS F 170 -20.85 9.23 4.18
N SER F 171 -21.27 8.09 3.65
CA SER F 171 -21.89 8.05 2.33
C SER F 171 -23.28 8.71 2.34
N GLY F 172 -23.82 9.03 3.50
CA GLY F 172 -25.13 9.64 3.62
C GLY F 172 -26.23 8.71 4.07
N GLU F 173 -25.99 7.39 4.04
CA GLU F 173 -27.02 6.43 4.44
C GLU F 173 -27.34 6.57 5.92
N VAL F 174 -28.63 6.51 6.24
CA VAL F 174 -29.11 6.60 7.62
C VAL F 174 -29.47 5.20 8.08
N SER F 175 -28.68 4.65 8.99
CA SER F 175 -28.96 3.37 9.62
C SER F 175 -29.31 3.59 11.09
N VAL F 176 -30.26 2.81 11.59
CA VAL F 176 -30.77 2.96 12.94
C VAL F 176 -30.72 1.61 13.65
N GLU F 177 -30.18 1.59 14.87
CA GLU F 177 -30.10 0.38 15.67
C GLU F 177 -30.53 0.70 17.10
N LEU F 178 -31.15 -0.29 17.75
CA LEU F 178 -31.55 -0.19 19.15
C LEU F 178 -30.82 -1.28 19.94
N ASN F 179 -30.36 -0.91 21.13
CA ASN F 179 -29.74 -1.85 22.06
C ASN F 179 -30.40 -1.68 23.42
N ASP F 180 -30.79 -2.80 24.02
CA ASP F 180 -31.41 -2.80 25.33
C ASP F 180 -30.56 -3.64 26.27
N THR F 181 -30.25 -3.08 27.44
CA THR F 181 -29.52 -3.80 28.48
C THR F 181 -30.44 -4.59 29.41
N ASP F 182 -31.72 -4.68 29.08
CA ASP F 182 -32.63 -5.48 29.88
C ASP F 182 -32.35 -6.97 29.70
N SER F 183 -32.72 -7.75 30.71
CA SER F 183 -32.44 -9.19 30.73
C SER F 183 -33.68 -10.04 30.42
N SER F 184 -34.76 -9.84 31.16
CA SER F 184 -35.95 -10.67 31.01
C SER F 184 -36.54 -10.49 29.61
N ALA F 185 -36.69 -11.61 28.89
CA ALA F 185 -37.22 -11.57 27.53
C ALA F 185 -38.65 -11.05 27.47
N ALA F 186 -39.34 -10.99 28.62
CA ALA F 186 -40.69 -10.45 28.64
C ALA F 186 -40.70 -8.94 28.48
N THR F 187 -39.73 -8.26 29.09
CA THR F 187 -39.65 -6.80 29.03
C THR F 187 -38.46 -6.31 28.21
N LYS F 188 -37.73 -7.20 27.55
CA LYS F 188 -36.59 -6.80 26.75
C LYS F 188 -37.06 -6.35 25.36
N LYS F 189 -36.46 -5.27 24.86
CA LYS F 189 -36.88 -4.63 23.63
C LYS F 189 -35.81 -4.83 22.56
N THR F 190 -36.15 -5.56 21.51
CA THR F 190 -35.33 -5.70 20.32
C THR F 190 -35.95 -4.93 19.18
N ALA F 191 -35.14 -4.56 18.19
CA ALA F 191 -35.60 -3.76 17.08
C ALA F 191 -34.94 -4.21 15.79
N ALA F 192 -35.70 -4.10 14.70
CA ALA F 192 -35.22 -4.38 13.36
C ALA F 192 -35.29 -3.11 12.52
N TRP F 193 -34.51 -3.07 11.45
CA TRP F 193 -34.39 -1.90 10.61
C TRP F 193 -34.46 -2.29 9.14
N ASN F 194 -35.27 -1.56 8.37
CA ASN F 194 -35.41 -1.77 6.94
C ASN F 194 -34.91 -0.52 6.23
N SER F 195 -33.87 -0.68 5.41
CA SER F 195 -33.35 0.46 4.65
C SER F 195 -34.37 0.95 3.64
N GLY F 196 -35.14 0.04 3.05
CA GLY F 196 -36.14 0.41 2.06
C GLY F 196 -37.24 1.29 2.62
N THR F 197 -38.01 0.77 3.58
CA THR F 197 -39.09 1.56 4.17
C THR F 197 -38.57 2.67 5.08
N SER F 198 -37.30 2.60 5.49
CA SER F 198 -36.71 3.55 6.44
C SER F 198 -37.47 3.55 7.77
N THR F 199 -38.01 2.39 8.15
CA THR F 199 -38.79 2.24 9.37
C THR F 199 -38.09 1.27 10.32
N LEU F 200 -38.12 1.60 11.61
CA LEU F 200 -37.58 0.74 12.65
C LEU F 200 -38.73 0.08 13.38
N THR F 201 -38.83 -1.25 13.27
CA THR F 201 -39.87 -2.02 13.92
C THR F 201 -39.33 -2.58 15.23
N ILE F 202 -39.97 -2.22 16.34
CA ILE F 202 -39.57 -2.66 17.68
C ILE F 202 -40.38 -3.89 18.06
N THR F 203 -39.74 -4.83 18.75
CA THR F 203 -40.37 -6.07 19.18
C THR F 203 -40.07 -6.29 20.66
N VAL F 204 -41.11 -6.57 21.44
CA VAL F 204 -40.98 -6.85 22.87
C VAL F 204 -41.73 -8.13 23.19
N ASN F 205 -41.06 -9.05 23.89
CA ASN F 205 -41.65 -10.32 24.31
C ASN F 205 -42.19 -11.10 23.10
N SER F 206 -41.41 -11.11 22.02
CA SER F 206 -41.79 -11.76 20.76
C SER F 206 -43.10 -11.18 20.22
N LYS F 207 -43.24 -9.86 20.29
CA LYS F 207 -44.45 -9.18 19.85
C LYS F 207 -44.09 -7.76 19.41
N LYS F 208 -44.50 -7.40 18.20
CA LYS F 208 -44.24 -6.06 17.69
C LYS F 208 -45.04 -5.03 18.47
N THR F 209 -44.40 -3.92 18.79
CA THR F 209 -45.02 -2.87 19.61
C THR F 209 -45.31 -1.58 18.84
N LYS F 210 -44.36 -1.11 18.01
CA LYS F 210 -44.55 0.15 17.31
C LYS F 210 -43.57 0.22 16.14
N ASP F 211 -43.92 1.04 15.16
CA ASP F 211 -43.07 1.30 14.00
C ASP F 211 -42.60 2.75 14.04
N LEU F 212 -41.30 2.94 13.81
CA LEU F 212 -40.65 4.24 13.91
C LEU F 212 -40.10 4.60 12.53
N VAL F 213 -40.78 5.51 11.83
CA VAL F 213 -40.43 5.89 10.47
C VAL F 213 -39.59 7.15 10.51
N PHE F 214 -38.38 7.06 9.94
CA PHE F 214 -37.47 8.20 9.83
C PHE F 214 -37.65 8.78 8.42
N THR F 215 -38.46 9.83 8.33
CA THR F 215 -38.92 10.31 7.04
C THR F 215 -37.77 10.85 6.20
N LYS F 216 -38.09 11.10 4.92
CA LYS F 216 -37.12 11.71 4.02
C LYS F 216 -37.02 13.21 4.21
N GLU F 217 -38.11 13.85 4.65
CA GLU F 217 -38.06 15.27 5.02
C GLU F 217 -37.79 15.44 6.51
N ASN F 218 -36.78 14.73 6.99
CA ASN F 218 -36.18 14.90 8.33
C ASN F 218 -37.23 15.07 9.43
N THR F 219 -38.07 14.04 9.58
CA THR F 219 -38.97 13.92 10.71
C THR F 219 -39.04 12.46 11.12
N ILE F 220 -39.62 12.21 12.29
CA ILE F 220 -39.72 10.86 12.86
C ILE F 220 -41.17 10.63 13.23
N THR F 221 -41.84 9.71 12.54
CA THR F 221 -43.25 9.42 12.74
C THR F 221 -43.41 8.05 13.38
N VAL F 222 -44.16 8.01 14.49
CA VAL F 222 -44.41 6.77 15.23
C VAL F 222 -45.75 6.19 14.81
N GLN F 223 -45.84 4.87 14.78
CA GLN F 223 -47.09 4.18 14.51
C GLN F 223 -47.14 2.92 15.35
N GLN F 224 -48.25 2.74 16.06
CA GLN F 224 -48.38 1.66 17.03
C GLN F 224 -49.02 0.43 16.40
N TYR F 225 -48.62 -0.74 16.89
CA TYR F 225 -49.24 -2.00 16.52
C TYR F 225 -50.40 -2.30 17.45
N ASP F 226 -51.19 -3.32 17.09
CA ASP F 226 -52.34 -3.72 17.89
C ASP F 226 -51.87 -4.51 19.11
N SER F 227 -52.83 -4.87 19.97
CA SER F 227 -52.52 -5.61 21.18
C SER F 227 -52.05 -7.04 20.91
N ASN F 228 -52.26 -7.55 19.70
CA ASN F 228 -51.79 -8.87 19.31
C ASN F 228 -50.57 -8.81 18.39
N GLY F 229 -50.04 -7.62 18.12
CA GLY F 229 -48.89 -7.48 17.25
C GLY F 229 -49.14 -7.85 15.80
N THR F 230 -50.39 -8.02 15.40
CA THR F 230 -50.69 -8.51 14.05
C THR F 230 -50.61 -7.40 13.01
N LYS F 231 -51.33 -6.30 13.23
CA LYS F 231 -51.46 -5.25 12.23
C LYS F 231 -51.25 -3.88 12.85
N LEU F 232 -50.94 -2.91 11.99
CA LEU F 232 -50.75 -1.54 12.42
C LEU F 232 -52.10 -0.90 12.80
N GLU F 233 -52.03 0.03 13.75
CA GLU F 233 -53.23 0.71 14.23
C GLU F 233 -53.05 2.22 14.10
N GLY F 234 -54.18 2.92 14.02
CA GLY F 234 -54.21 4.37 13.95
C GLY F 234 -53.43 4.90 12.76
N SER F 235 -52.96 6.13 12.90
CA SER F 235 -52.15 6.79 11.88
C SER F 235 -50.74 7.02 12.42
N ALA F 236 -49.89 7.61 11.58
CA ALA F 236 -48.52 7.92 11.95
C ALA F 236 -48.47 9.30 12.59
N VAL F 237 -48.05 9.36 13.85
CA VAL F 237 -47.98 10.61 14.59
C VAL F 237 -46.55 11.14 14.48
N GLU F 238 -46.38 12.28 13.81
CA GLU F 238 -45.09 12.92 13.76
C GLU F 238 -44.68 13.40 15.14
N ILE F 239 -43.45 13.12 15.53
CA ILE F 239 -42.92 13.54 16.82
C ILE F 239 -42.45 14.98 16.73
N THR F 240 -42.80 15.77 17.75
CA THR F 240 -42.46 17.19 17.78
C THR F 240 -41.60 17.60 18.98
N LYS F 241 -41.46 16.74 19.99
CA LYS F 241 -40.61 17.01 21.14
C LYS F 241 -39.74 15.80 21.42
N LEU F 242 -38.65 16.02 22.13
CA LEU F 242 -37.71 14.94 22.42
C LEU F 242 -38.32 13.93 23.40
N ASP F 243 -39.12 14.40 24.36
CA ASP F 243 -39.76 13.51 25.32
C ASP F 243 -40.82 12.61 24.69
N GLU F 244 -41.05 12.69 23.39
CA GLU F 244 -41.94 11.77 22.71
C GLU F 244 -41.21 10.56 22.14
N ILE F 245 -39.95 10.73 21.74
CA ILE F 245 -39.14 9.58 21.34
C ILE F 245 -38.81 8.71 22.55
N LYS F 246 -38.48 9.35 23.67
CA LYS F 246 -38.22 8.61 24.90
C LYS F 246 -39.46 7.84 25.35
N ASN F 247 -40.63 8.48 25.28
CA ASN F 247 -41.86 7.81 25.70
C ASN F 247 -42.14 6.56 24.89
N ALA F 248 -41.65 6.51 23.64
CA ALA F 248 -41.82 5.31 22.84
C ALA F 248 -40.90 4.18 23.31
N LEU F 249 -39.65 4.51 23.66
CA LEU F 249 -38.69 3.52 24.13
C LEU F 249 -39.11 2.94 25.48
S SO4 G . -11.95 -34.94 8.32
O1 SO4 G . -12.82 -34.04 9.06
O2 SO4 G . -11.11 -35.70 9.25
O3 SO4 G . -11.10 -34.18 7.41
O4 SO4 G . -12.77 -35.88 7.53
S SO4 H . 3.07 -34.02 13.40
O1 SO4 H . 3.62 -33.01 14.30
O2 SO4 H . 3.93 -35.20 13.42
O3 SO4 H . 1.73 -34.40 13.85
O4 SO4 H . 2.99 -33.48 12.05
S SO4 I . 12.33 33.21 -9.36
O1 SO4 I . 12.88 31.86 -9.46
O2 SO4 I . 12.36 33.64 -7.96
O3 SO4 I . 10.96 33.21 -9.85
O4 SO4 I . 13.13 34.14 -10.16
S SO4 J . 2.90 35.18 3.09
O1 SO4 J . 2.57 36.59 3.22
O2 SO4 J . 2.97 34.56 4.41
O3 SO4 J . 1.85 34.52 2.30
O4 SO4 J . 4.18 35.03 2.41
S SO4 K . 45.58 33.06 -5.89
O1 SO4 K . 46.69 33.21 -4.95
O2 SO4 K . 44.62 34.13 -5.68
O3 SO4 K . 44.93 31.76 -5.69
O4 SO4 K . 46.10 33.12 -7.26
CL CL L . 12.74 36.05 12.46
S SO4 M . -37.81 18.49 25.12
O1 SO4 M . -36.45 18.16 25.54
O2 SO4 M . -38.07 19.90 25.41
O3 SO4 M . -38.76 17.67 25.86
O4 SO4 M . -37.96 18.25 23.70
#